data_3II3
# 
_entry.id   3II3 
# 
_audit_conform.dict_name       mmcif_pdbx.dic 
_audit_conform.dict_version    5.380 
_audit_conform.dict_location   http://mmcif.pdb.org/dictionaries/ascii/mmcif_pdbx.dic 
# 
loop_
_database_2.database_id 
_database_2.database_code 
_database_2.pdbx_database_accession 
_database_2.pdbx_DOI 
PDB   3II3         pdb_00003ii3 10.2210/pdb3ii3/pdb 
RCSB  RCSB054438   ?            ?                   
WWPDB D_1000054438 ?            ?                   
# 
loop_
_pdbx_database_related.db_name 
_pdbx_database_related.db_id 
_pdbx_database_related.details 
_pdbx_database_related.content_type 
PDB 3II2 . unspecified 
PDB 3ILD . unspecified 
PDB 3ILE . unspecified 
# 
_pdbx_database_status.status_code                     REL 
_pdbx_database_status.entry_id                        3II3 
_pdbx_database_status.recvd_initial_deposition_date   2009-07-31 
_pdbx_database_status.deposit_site                    RCSB 
_pdbx_database_status.process_site                    PDBJ 
_pdbx_database_status.status_code_sf                  REL 
_pdbx_database_status.status_code_mr                  ? 
_pdbx_database_status.SG_entry                        ? 
_pdbx_database_status.status_code_cs                  ? 
_pdbx_database_status.pdb_format_compatible           Y 
_pdbx_database_status.status_code_nmr_data            ? 
_pdbx_database_status.methods_development_category    ? 
# 
loop_
_audit_author.name 
_audit_author.pdbx_ordinal 
'Goulet, A.'        1 
'Redder, P.'        2 
'Pina, M.'          3 
'Prangishvili, D.'  4 
'van Tilbeurgh, H.' 5 
'Cambillau, C.'     6 
'Campanacci, V.'    7 
# 
_citation.id                        primary 
_citation.title                     'ORF157 from the archaeal virus Acidianus filamentous virus 1 defines a new class of nuclease' 
_citation.journal_abbrev            J.Virol. 
_citation.journal_volume            84 
_citation.page_first                5025 
_citation.page_last                 5031 
_citation.year                      2010 
_citation.journal_id_ASTM           JOVIAM 
_citation.country                   US 
_citation.journal_id_ISSN           0022-538X 
_citation.journal_id_CSD            0825 
_citation.book_publisher            ? 
_citation.pdbx_database_id_PubMed   20200253 
_citation.pdbx_database_id_DOI      10.1128/JVI.01664-09 
# 
loop_
_citation_author.citation_id 
_citation_author.name 
_citation_author.ordinal 
_citation_author.identifier_ORCID 
primary 'Goulet, A.'          1  ? 
primary 'Pina, M.'            2  ? 
primary 'Redder, P.'          3  ? 
primary 'Prangishvili, D.'    4  ? 
primary 'Vera, L.'            5  ? 
primary 'Lichiere, J.'        6  ? 
primary 'Leulliot, N.'        7  ? 
primary 'van Tilbeurgh, H.'   8  ? 
primary 'Ortiz-Lombardia, M.' 9  ? 
primary 'Campanacci, V.'      10 ? 
primary 'Cambillau, C.'       11 ? 
# 
_cell.entry_id           3II3 
_cell.length_a           65.445 
_cell.length_b           65.445 
_cell.length_c           85.604 
_cell.angle_alpha        90.00 
_cell.angle_beta         90.00 
_cell.angle_gamma        120.00 
_cell.Z_PDB              6 
_cell.pdbx_unique_axis   ? 
_cell.length_a_esd       ? 
_cell.length_b_esd       ? 
_cell.length_c_esd       ? 
_cell.angle_alpha_esd    ? 
_cell.angle_beta_esd     ? 
_cell.angle_gamma_esd    ? 
# 
_symmetry.entry_id                         3II3 
_symmetry.space_group_name_H-M             'P 31 2 1' 
_symmetry.pdbx_full_space_group_name_H-M   ? 
_symmetry.cell_setting                     ? 
_symmetry.Int_Tables_number                152 
_symmetry.space_group_name_Hall            ? 
# 
loop_
_entity.id 
_entity.type 
_entity.src_method 
_entity.pdbx_description 
_entity.formula_weight 
_entity.pdbx_number_of_molecules 
_entity.pdbx_ec 
_entity.pdbx_mutation 
_entity.pdbx_fragment 
_entity.details 
1 polymer     man 'Putative uncharacterized protein' 18861.609 1 ? ? ? ? 
2 non-polymer syn 'NICKEL (II) ION'                  58.693    2 ? ? ? ? 
3 non-polymer syn GLYCEROL                           92.094    1 ? ? ? ? 
# 
_entity_name_com.entity_id   1 
_entity_name_com.name        ORF157 
# 
_entity_poly.entity_id                      1 
_entity_poly.type                           'polypeptide(L)' 
_entity_poly.nstd_linkage                   no 
_entity_poly.nstd_monomer                   no 
_entity_poly.pdbx_seq_one_letter_code       
;GSEMSVVEYEVVSKNLTSKMSHELLFSVKKRWFVKPFRHDRQLGKLHYKLLPGNYIKFGLYVLKNQDYARFEIAWVHVDK
DGKIEERTVYSIETYWHIFIDIENDLNCPYVLAKFIEMRPEFHKTAWVEESNYSIAEDDIQMVESIKRYLERKIASD
;
_entity_poly.pdbx_seq_one_letter_code_can   
;GSEMSVVEYEVVSKNLTSKMSHELLFSVKKRWFVKPFRHDRQLGKLHYKLLPGNYIKFGLYVLKNQDYARFEIAWVHVDK
DGKIEERTVYSIETYWHIFIDIENDLNCPYVLAKFIEMRPEFHKTAWVEESNYSIAEDDIQMVESIKRYLERKIASD
;
_entity_poly.pdbx_strand_id                 A 
_entity_poly.pdbx_target_identifier         ? 
# 
loop_
_entity_poly_seq.entity_id 
_entity_poly_seq.num 
_entity_poly_seq.mon_id 
_entity_poly_seq.hetero 
1 1   GLY n 
1 2   SER n 
1 3   GLU n 
1 4   MET n 
1 5   SER n 
1 6   VAL n 
1 7   VAL n 
1 8   GLU n 
1 9   TYR n 
1 10  GLU n 
1 11  VAL n 
1 12  VAL n 
1 13  SER n 
1 14  LYS n 
1 15  ASN n 
1 16  LEU n 
1 17  THR n 
1 18  SER n 
1 19  LYS n 
1 20  MET n 
1 21  SER n 
1 22  HIS n 
1 23  GLU n 
1 24  LEU n 
1 25  LEU n 
1 26  PHE n 
1 27  SER n 
1 28  VAL n 
1 29  LYS n 
1 30  LYS n 
1 31  ARG n 
1 32  TRP n 
1 33  PHE n 
1 34  VAL n 
1 35  LYS n 
1 36  PRO n 
1 37  PHE n 
1 38  ARG n 
1 39  HIS n 
1 40  ASP n 
1 41  ARG n 
1 42  GLN n 
1 43  LEU n 
1 44  GLY n 
1 45  LYS n 
1 46  LEU n 
1 47  HIS n 
1 48  TYR n 
1 49  LYS n 
1 50  LEU n 
1 51  LEU n 
1 52  PRO n 
1 53  GLY n 
1 54  ASN n 
1 55  TYR n 
1 56  ILE n 
1 57  LYS n 
1 58  PHE n 
1 59  GLY n 
1 60  LEU n 
1 61  TYR n 
1 62  VAL n 
1 63  LEU n 
1 64  LYS n 
1 65  ASN n 
1 66  GLN n 
1 67  ASP n 
1 68  TYR n 
1 69  ALA n 
1 70  ARG n 
1 71  PHE n 
1 72  GLU n 
1 73  ILE n 
1 74  ALA n 
1 75  TRP n 
1 76  VAL n 
1 77  HIS n 
1 78  VAL n 
1 79  ASP n 
1 80  LYS n 
1 81  ASP n 
1 82  GLY n 
1 83  LYS n 
1 84  ILE n 
1 85  GLU n 
1 86  GLU n 
1 87  ARG n 
1 88  THR n 
1 89  VAL n 
1 90  TYR n 
1 91  SER n 
1 92  ILE n 
1 93  GLU n 
1 94  THR n 
1 95  TYR n 
1 96  TRP n 
1 97  HIS n 
1 98  ILE n 
1 99  PHE n 
1 100 ILE n 
1 101 ASP n 
1 102 ILE n 
1 103 GLU n 
1 104 ASN n 
1 105 ASP n 
1 106 LEU n 
1 107 ASN n 
1 108 CYS n 
1 109 PRO n 
1 110 TYR n 
1 111 VAL n 
1 112 LEU n 
1 113 ALA n 
1 114 LYS n 
1 115 PHE n 
1 116 ILE n 
1 117 GLU n 
1 118 MET n 
1 119 ARG n 
1 120 PRO n 
1 121 GLU n 
1 122 PHE n 
1 123 HIS n 
1 124 LYS n 
1 125 THR n 
1 126 ALA n 
1 127 TRP n 
1 128 VAL n 
1 129 GLU n 
1 130 GLU n 
1 131 SER n 
1 132 ASN n 
1 133 TYR n 
1 134 SER n 
1 135 ILE n 
1 136 ALA n 
1 137 GLU n 
1 138 ASP n 
1 139 ASP n 
1 140 ILE n 
1 141 GLN n 
1 142 MET n 
1 143 VAL n 
1 144 GLU n 
1 145 SER n 
1 146 ILE n 
1 147 LYS n 
1 148 ARG n 
1 149 TYR n 
1 150 LEU n 
1 151 GLU n 
1 152 ARG n 
1 153 LYS n 
1 154 ILE n 
1 155 ALA n 
1 156 SER n 
1 157 ASP n 
# 
_entity_src_gen.entity_id                          1 
_entity_src_gen.pdbx_src_id                        1 
_entity_src_gen.pdbx_alt_source_flag               sample 
_entity_src_gen.pdbx_seq_type                      ? 
_entity_src_gen.pdbx_beg_seq_num                   ? 
_entity_src_gen.pdbx_end_seq_num                   ? 
_entity_src_gen.gene_src_common_name               AFV-1 
_entity_src_gen.gene_src_genus                     ? 
_entity_src_gen.pdbx_gene_src_gene                 'AFV1 orf157' 
_entity_src_gen.gene_src_species                   ? 
_entity_src_gen.gene_src_strain                    ? 
_entity_src_gen.gene_src_tissue                    ? 
_entity_src_gen.gene_src_tissue_fraction           ? 
_entity_src_gen.gene_src_details                   'TEV cleavage site inserted between attB1 and the gene of interest' 
_entity_src_gen.pdbx_gene_src_fragment             ? 
_entity_src_gen.pdbx_gene_src_scientific_name      'Acidianus filamentous virus 1' 
_entity_src_gen.pdbx_gene_src_ncbi_taxonomy_id     235266 
_entity_src_gen.pdbx_gene_src_variant              ? 
_entity_src_gen.pdbx_gene_src_cell_line            ? 
_entity_src_gen.pdbx_gene_src_atcc                 ? 
_entity_src_gen.pdbx_gene_src_organ                ? 
_entity_src_gen.pdbx_gene_src_organelle            ? 
_entity_src_gen.pdbx_gene_src_cell                 ? 
_entity_src_gen.pdbx_gene_src_cellular_location    ? 
_entity_src_gen.host_org_common_name               ? 
_entity_src_gen.pdbx_host_org_scientific_name      'Escherichia coli' 
_entity_src_gen.pdbx_host_org_ncbi_taxonomy_id     562 
_entity_src_gen.host_org_genus                     ? 
_entity_src_gen.pdbx_host_org_gene                 ? 
_entity_src_gen.pdbx_host_org_organ                ? 
_entity_src_gen.host_org_species                   ? 
_entity_src_gen.pdbx_host_org_tissue               ? 
_entity_src_gen.pdbx_host_org_tissue_fraction      ? 
_entity_src_gen.pdbx_host_org_strain               'Rosetta(DE3)pLysS' 
_entity_src_gen.pdbx_host_org_variant              ? 
_entity_src_gen.pdbx_host_org_cell_line            ? 
_entity_src_gen.pdbx_host_org_atcc                 ? 
_entity_src_gen.pdbx_host_org_culture_collection   ? 
_entity_src_gen.pdbx_host_org_cell                 ? 
_entity_src_gen.pdbx_host_org_organelle            ? 
_entity_src_gen.pdbx_host_org_cellular_location    ? 
_entity_src_gen.pdbx_host_org_vector_type          plasmid 
_entity_src_gen.pdbx_host_org_vector               ? 
_entity_src_gen.host_org_details                   ? 
_entity_src_gen.expression_system_id               ? 
_entity_src_gen.plasmid_name                       pDEST17 
_entity_src_gen.plasmid_details                    ? 
_entity_src_gen.pdbx_description                   ? 
# 
_struct_ref.id                         1 
_struct_ref.db_name                    UNP 
_struct_ref.db_code                    Q70LE6_AFV1 
_struct_ref.pdbx_db_accession          Q70LE6 
_struct_ref.entity_id                  1 
_struct_ref.pdbx_seq_one_letter_code   
;SEMSVVEYEVVSKNLTSKMSHELLFSVKKRWFVKPFRHDRQLGKLHYKLLPGNYIKFGLYVLKNQDYARFEIAWVHVDKD
GKIEERTVYSIETYWHIFIDIENDLNCPYVLAKFIEMRPEFHKTAWVEESNYSIAEDDIQMVESIKRYLERKIASD
;
_struct_ref.pdbx_align_begin           2 
_struct_ref.pdbx_db_isoform            ? 
# 
_struct_ref_seq.align_id                      1 
_struct_ref_seq.ref_id                        1 
_struct_ref_seq.pdbx_PDB_id_code              3II3 
_struct_ref_seq.pdbx_strand_id                A 
_struct_ref_seq.seq_align_beg                 2 
_struct_ref_seq.pdbx_seq_align_beg_ins_code   ? 
_struct_ref_seq.seq_align_end                 157 
_struct_ref_seq.pdbx_seq_align_end_ins_code   ? 
_struct_ref_seq.pdbx_db_accession             Q70LE6 
_struct_ref_seq.db_align_beg                  2 
_struct_ref_seq.pdbx_db_align_beg_ins_code    ? 
_struct_ref_seq.db_align_end                  157 
_struct_ref_seq.pdbx_db_align_end_ins_code    ? 
_struct_ref_seq.pdbx_auth_seq_align_beg       2 
_struct_ref_seq.pdbx_auth_seq_align_end       157 
# 
_struct_ref_seq_dif.align_id                     1 
_struct_ref_seq_dif.pdbx_pdb_id_code             3II3 
_struct_ref_seq_dif.mon_id                       GLY 
_struct_ref_seq_dif.pdbx_pdb_strand_id           A 
_struct_ref_seq_dif.seq_num                      1 
_struct_ref_seq_dif.pdbx_pdb_ins_code            ? 
_struct_ref_seq_dif.pdbx_seq_db_name             UNP 
_struct_ref_seq_dif.pdbx_seq_db_accession_code   Q70LE6 
_struct_ref_seq_dif.db_mon_id                    ? 
_struct_ref_seq_dif.pdbx_seq_db_seq_num          ? 
_struct_ref_seq_dif.details                      'expression tag' 
_struct_ref_seq_dif.pdbx_auth_seq_num            1 
_struct_ref_seq_dif.pdbx_ordinal                 1 
# 
loop_
_chem_comp.id 
_chem_comp.type 
_chem_comp.mon_nstd_flag 
_chem_comp.name 
_chem_comp.pdbx_synonyms 
_chem_comp.formula 
_chem_comp.formula_weight 
ALA 'L-peptide linking' y ALANINE           ?                               'C3 H7 N O2'     89.093  
ARG 'L-peptide linking' y ARGININE          ?                               'C6 H15 N4 O2 1' 175.209 
ASN 'L-peptide linking' y ASPARAGINE        ?                               'C4 H8 N2 O3'    132.118 
ASP 'L-peptide linking' y 'ASPARTIC ACID'   ?                               'C4 H7 N O4'     133.103 
CYS 'L-peptide linking' y CYSTEINE          ?                               'C3 H7 N O2 S'   121.158 
GLN 'L-peptide linking' y GLUTAMINE         ?                               'C5 H10 N2 O3'   146.144 
GLU 'L-peptide linking' y 'GLUTAMIC ACID'   ?                               'C5 H9 N O4'     147.129 
GLY 'peptide linking'   y GLYCINE           ?                               'C2 H5 N O2'     75.067  
GOL non-polymer         . GLYCEROL          'GLYCERIN; PROPANE-1,2,3-TRIOL' 'C3 H8 O3'       92.094  
HIS 'L-peptide linking' y HISTIDINE         ?                               'C6 H10 N3 O2 1' 156.162 
ILE 'L-peptide linking' y ISOLEUCINE        ?                               'C6 H13 N O2'    131.173 
LEU 'L-peptide linking' y LEUCINE           ?                               'C6 H13 N O2'    131.173 
LYS 'L-peptide linking' y LYSINE            ?                               'C6 H15 N2 O2 1' 147.195 
MET 'L-peptide linking' y METHIONINE        ?                               'C5 H11 N O2 S'  149.211 
NI  non-polymer         . 'NICKEL (II) ION' ?                               'Ni 2'           58.693  
PHE 'L-peptide linking' y PHENYLALANINE     ?                               'C9 H11 N O2'    165.189 
PRO 'L-peptide linking' y PROLINE           ?                               'C5 H9 N O2'     115.130 
SER 'L-peptide linking' y SERINE            ?                               'C3 H7 N O3'     105.093 
THR 'L-peptide linking' y THREONINE         ?                               'C4 H9 N O3'     119.119 
TRP 'L-peptide linking' y TRYPTOPHAN        ?                               'C11 H12 N2 O2'  204.225 
TYR 'L-peptide linking' y TYROSINE          ?                               'C9 H11 N O3'    181.189 
VAL 'L-peptide linking' y VALINE            ?                               'C5 H11 N O2'    117.146 
# 
_exptl.entry_id          3II3 
_exptl.method            'X-RAY DIFFRACTION' 
_exptl.crystals_number   1 
# 
_exptl_crystal.id                    1 
_exptl_crystal.density_meas          ? 
_exptl_crystal.density_Matthews      2.81 
_exptl_crystal.density_percent_sol   56.16 
_exptl_crystal.description           ? 
_exptl_crystal.F_000                 ? 
_exptl_crystal.preparation           ? 
# 
_exptl_crystal_grow.crystal_id      1 
_exptl_crystal_grow.method          'VAPOR DIFFUSION, SITTING DROP' 
_exptl_crystal_grow.temp            293 
_exptl_crystal_grow.temp_details    ? 
_exptl_crystal_grow.pH              8 
_exptl_crystal_grow.pdbx_details    '0.9M LiSO4, 0.01M NiCl2, 0.1M Tris, pH 8, VAPOR DIFFUSION, SITTING DROP, temperature 293K' 
_exptl_crystal_grow.pdbx_pH_range   . 
# 
_diffrn.id                     1 
_diffrn.ambient_temp           100 
_diffrn.ambient_temp_details   ? 
_diffrn.crystal_id             1 
# 
_diffrn_detector.diffrn_id              1 
_diffrn_detector.detector               CCD 
_diffrn_detector.type                   'MAR CCD 165 mm' 
_diffrn_detector.pdbx_collection_date   2007-02-09 
_diffrn_detector.details                ? 
# 
_diffrn_radiation.diffrn_id                        1 
_diffrn_radiation.wavelength_id                    1 
_diffrn_radiation.pdbx_monochromatic_or_laue_m_l   M 
_diffrn_radiation.monochromator                    ? 
_diffrn_radiation.pdbx_diffrn_protocol             'SINGLE WAVELENGTH' 
_diffrn_radiation.pdbx_scattering_type             x-ray 
# 
_diffrn_radiation_wavelength.id           1 
_diffrn_radiation_wavelength.wavelength   0.93 
_diffrn_radiation_wavelength.wt           1.0 
# 
_diffrn_source.diffrn_id                   1 
_diffrn_source.source                      SYNCHROTRON 
_diffrn_source.type                        'ESRF BEAMLINE ID14-3' 
_diffrn_source.pdbx_synchrotron_site       ESRF 
_diffrn_source.pdbx_synchrotron_beamline   ID14-3 
_diffrn_source.pdbx_wavelength             ? 
_diffrn_source.pdbx_wavelength_list        0.93 
# 
_reflns.entry_id                     3II3 
_reflns.observed_criterion_sigma_I   ? 
_reflns.observed_criterion_sigma_F   ? 
_reflns.d_resolution_low             40 
_reflns.d_resolution_high            2.7 
_reflns.number_obs                   6151 
_reflns.number_all                   ? 
_reflns.percent_possible_obs         100 
_reflns.pdbx_Rmerge_I_obs            0.084 
_reflns.pdbx_Rsym_value              ? 
_reflns.pdbx_netI_over_sigmaI        10.3 
_reflns.B_iso_Wilson_estimate        78.4 
_reflns.pdbx_redundancy              5.2 
_reflns.R_free_details               ? 
_reflns.limit_h_max                  ? 
_reflns.limit_h_min                  ? 
_reflns.limit_k_max                  ? 
_reflns.limit_k_min                  ? 
_reflns.limit_l_max                  ? 
_reflns.limit_l_min                  ? 
_reflns.observed_criterion_F_max     ? 
_reflns.observed_criterion_F_min     ? 
_reflns.pdbx_chi_squared             ? 
_reflns.pdbx_scaling_rejects         ? 
_reflns.pdbx_ordinal                 1 
_reflns.pdbx_diffrn_id               1 
# 
_reflns_shell.d_res_high             2.7 
_reflns_shell.d_res_low              2.85 
_reflns_shell.percent_possible_all   100 
_reflns_shell.Rmerge_I_obs           0.46 
_reflns_shell.pdbx_Rsym_value        ? 
_reflns_shell.meanI_over_sigI_obs    3.1 
_reflns_shell.pdbx_redundancy        5.3 
_reflns_shell.percent_possible_obs   ? 
_reflns_shell.number_unique_all      873 
_reflns_shell.number_measured_all    ? 
_reflns_shell.number_measured_obs    ? 
_reflns_shell.number_unique_obs      ? 
_reflns_shell.pdbx_chi_squared       ? 
_reflns_shell.pdbx_ordinal           1 
_reflns_shell.pdbx_diffrn_id         1 
# 
_refine.entry_id                                 3II3 
_refine.ls_number_reflns_obs                     5764 
_refine.ls_number_reflns_all                     ? 
_refine.pdbx_ls_sigma_I                          ? 
_refine.pdbx_ls_sigma_F                          ? 
_refine.pdbx_data_cutoff_high_absF               ? 
_refine.pdbx_data_cutoff_low_absF                ? 
_refine.pdbx_data_cutoff_high_rms_absF           ? 
_refine.ls_d_res_low                             25.00 
_refine.ls_d_res_high                            2.70 
_refine.ls_percent_reflns_obs                    99.80 
_refine.ls_R_factor_obs                          0.27057 
_refine.ls_R_factor_all                          ? 
_refine.ls_R_factor_R_work                       0.26992 
_refine.ls_R_factor_R_free                       0.28144 
_refine.ls_R_factor_R_free_error                 ? 
_refine.ls_R_factor_R_free_error_details         ? 
_refine.ls_percent_reflns_R_free                 5.8 
_refine.ls_number_reflns_R_free                  356 
_refine.ls_number_parameters                     ? 
_refine.ls_number_restraints                     ? 
_refine.occupancy_min                            ? 
_refine.occupancy_max                            ? 
_refine.correlation_coeff_Fo_to_Fc               0.907 
_refine.correlation_coeff_Fo_to_Fc_free          0.916 
_refine.B_iso_mean                               30.744 
_refine.aniso_B[1][1]                            52.07 
_refine.aniso_B[2][2]                            52.07 
_refine.aniso_B[3][3]                            -104.14 
_refine.aniso_B[1][2]                            0.00 
_refine.aniso_B[1][3]                            -0.00 
_refine.aniso_B[2][3]                            0.00 
_refine.solvent_model_details                    MASK 
_refine.solvent_model_param_ksol                 ? 
_refine.solvent_model_param_bsol                 ? 
_refine.pdbx_solvent_vdw_probe_radii             1.40 
_refine.pdbx_solvent_ion_probe_radii             0.80 
_refine.pdbx_solvent_shrinkage_radii             0.80 
_refine.pdbx_ls_cross_valid_method               THROUGHOUT 
_refine.details                                  ? 
_refine.pdbx_starting_model                      'PDB entry 3II2' 
_refine.pdbx_method_to_determine_struct          'MOLECULAR REPLACEMENT' 
_refine.pdbx_isotropic_thermal_model             ? 
_refine.pdbx_stereochemistry_target_values       'MAXIMUM LIKELIHOOD' 
_refine.pdbx_stereochem_target_val_spec_case     ? 
_refine.pdbx_R_Free_selection_details            RANDOM 
_refine.pdbx_overall_ESU_R                       0.242 
_refine.pdbx_overall_ESU_R_Free                  0.078 
_refine.overall_SU_ML                            0.367 
_refine.overall_SU_B                             41.278 
_refine.ls_redundancy_reflns_obs                 ? 
_refine.B_iso_min                                ? 
_refine.B_iso_max                                ? 
_refine.overall_SU_R_Cruickshank_DPI             ? 
_refine.overall_SU_R_free                        ? 
_refine.ls_wR_factor_R_free                      ? 
_refine.ls_wR_factor_R_work                      ? 
_refine.overall_FOM_free_R_set                   ? 
_refine.overall_FOM_work_R_set                   ? 
_refine.pdbx_refine_id                           'X-RAY DIFFRACTION' 
_refine.pdbx_overall_phase_error                 ? 
_refine.pdbx_TLS_residual_ADP_flag               'LIKELY RESIDUAL' 
_refine.pdbx_diffrn_id                           1 
_refine.pdbx_overall_SU_R_free_Cruickshank_DPI   ? 
_refine.pdbx_overall_SU_R_Blow_DPI               ? 
_refine.pdbx_overall_SU_R_free_Blow_DPI          ? 
# 
_refine_hist.pdbx_refine_id                   'X-RAY DIFFRACTION' 
_refine_hist.cycle_id                         LAST 
_refine_hist.pdbx_number_atoms_protein        1285 
_refine_hist.pdbx_number_atoms_nucleic_acid   0 
_refine_hist.pdbx_number_atoms_ligand         8 
_refine_hist.number_atoms_solvent             0 
_refine_hist.number_atoms_total               1293 
_refine_hist.d_res_high                       2.70 
_refine_hist.d_res_low                        25.00 
# 
loop_
_refine_ls_restr.type 
_refine_ls_restr.dev_ideal 
_refine_ls_restr.dev_ideal_target 
_refine_ls_restr.weight 
_refine_ls_restr.number 
_refine_ls_restr.pdbx_refine_id 
_refine_ls_restr.pdbx_restraint_function 
r_bond_refined_d       0.015  0.022  ? 1334 'X-RAY DIFFRACTION' ? 
r_angle_refined_deg    1.558  1.942  ? 1799 'X-RAY DIFFRACTION' ? 
r_dihedral_angle_1_deg 6.716  5.000  ? 151  'X-RAY DIFFRACTION' ? 
r_dihedral_angle_2_deg 37.256 23.333 ? 69   'X-RAY DIFFRACTION' ? 
r_dihedral_angle_3_deg 19.050 15.000 ? 249  'X-RAY DIFFRACTION' ? 
r_dihedral_angle_4_deg 21.565 15.000 ? 9    'X-RAY DIFFRACTION' ? 
r_chiral_restr         0.089  0.200  ? 188  'X-RAY DIFFRACTION' ? 
r_gen_planes_refined   0.007  0.020  ? 1001 'X-RAY DIFFRACTION' ? 
r_mcbond_it            0.420  1.500  ? 752  'X-RAY DIFFRACTION' ? 
r_mcangle_it           0.743  2.000  ? 1227 'X-RAY DIFFRACTION' ? 
r_scbond_it            1.332  3.000  ? 582  'X-RAY DIFFRACTION' ? 
r_scangle_it           1.982  4.500  ? 571  'X-RAY DIFFRACTION' ? 
# 
_refine_ls_shell.pdbx_total_number_of_bins_used   20 
_refine_ls_shell.d_res_high                       2.699 
_refine_ls_shell.d_res_low                        2.768 
_refine_ls_shell.number_reflns_R_work             389 
_refine_ls_shell.R_factor_R_work                  0.322 
_refine_ls_shell.percent_reflns_obs               97.88 
_refine_ls_shell.R_factor_R_free                  0.468 
_refine_ls_shell.R_factor_R_free_error            ? 
_refine_ls_shell.percent_reflns_R_free            ? 
_refine_ls_shell.number_reflns_R_free             27 
_refine_ls_shell.number_reflns_all                ? 
_refine_ls_shell.R_factor_all                     ? 
_refine_ls_shell.number_reflns_obs                ? 
_refine_ls_shell.redundancy_reflns_obs            ? 
_refine_ls_shell.pdbx_refine_id                   'X-RAY DIFFRACTION' 
# 
_struct.entry_id                  3II3 
_struct.title                     'Structure of ORF157 from Acidianus filamentous Virus 1' 
_struct.pdbx_model_details        ? 
_struct.pdbx_CASP_flag            ? 
_struct.pdbx_model_type_details   ? 
# 
_struct_keywords.entry_id        3II3 
_struct_keywords.pdbx_keywords   'DNA BINDING PROTEIN' 
_struct_keywords.text            'virus, archaea, nuclease, DNA BINDING PROTEIN' 
# 
loop_
_struct_asym.id 
_struct_asym.pdbx_blank_PDB_chainid_flag 
_struct_asym.pdbx_modified 
_struct_asym.entity_id 
_struct_asym.details 
A N N 1 ? 
B N N 2 ? 
C N N 2 ? 
D N N 3 ? 
# 
_struct_biol.id        1 
_struct_biol.details   ? 
# 
loop_
_struct_conf.conf_type_id 
_struct_conf.id 
_struct_conf.pdbx_PDB_helix_id 
_struct_conf.beg_label_comp_id 
_struct_conf.beg_label_asym_id 
_struct_conf.beg_label_seq_id 
_struct_conf.pdbx_beg_PDB_ins_code 
_struct_conf.end_label_comp_id 
_struct_conf.end_label_asym_id 
_struct_conf.end_label_seq_id 
_struct_conf.pdbx_end_PDB_ins_code 
_struct_conf.beg_auth_comp_id 
_struct_conf.beg_auth_asym_id 
_struct_conf.beg_auth_seq_id 
_struct_conf.end_auth_comp_id 
_struct_conf.end_auth_asym_id 
_struct_conf.end_auth_seq_id 
_struct_conf.pdbx_PDB_helix_class 
_struct_conf.details 
_struct_conf.pdbx_PDB_helix_length 
HELX_P HELX_P1 1 TRP A 96  ? GLU A 103 ? TRP A 96  GLU A 103 1 ? 8  
HELX_P HELX_P2 2 PRO A 109 ? MET A 118 ? PRO A 109 MET A 118 1 ? 10 
HELX_P HELX_P3 3 ASP A 138 ? ILE A 154 ? ASP A 138 ILE A 154 1 ? 17 
# 
_struct_conf_type.id          HELX_P 
_struct_conf_type.criteria    ? 
_struct_conf_type.reference   ? 
# 
loop_
_struct_conn.id 
_struct_conn.conn_type_id 
_struct_conn.pdbx_leaving_atom_flag 
_struct_conn.pdbx_PDB_id 
_struct_conn.ptnr1_label_asym_id 
_struct_conn.ptnr1_label_comp_id 
_struct_conn.ptnr1_label_seq_id 
_struct_conn.ptnr1_label_atom_id 
_struct_conn.pdbx_ptnr1_label_alt_id 
_struct_conn.pdbx_ptnr1_PDB_ins_code 
_struct_conn.pdbx_ptnr1_standard_comp_id 
_struct_conn.ptnr1_symmetry 
_struct_conn.ptnr2_label_asym_id 
_struct_conn.ptnr2_label_comp_id 
_struct_conn.ptnr2_label_seq_id 
_struct_conn.ptnr2_label_atom_id 
_struct_conn.pdbx_ptnr2_label_alt_id 
_struct_conn.pdbx_ptnr2_PDB_ins_code 
_struct_conn.ptnr1_auth_asym_id 
_struct_conn.ptnr1_auth_comp_id 
_struct_conn.ptnr1_auth_seq_id 
_struct_conn.ptnr2_auth_asym_id 
_struct_conn.ptnr2_auth_comp_id 
_struct_conn.ptnr2_auth_seq_id 
_struct_conn.ptnr2_symmetry 
_struct_conn.pdbx_ptnr3_label_atom_id 
_struct_conn.pdbx_ptnr3_label_seq_id 
_struct_conn.pdbx_ptnr3_label_comp_id 
_struct_conn.pdbx_ptnr3_label_asym_id 
_struct_conn.pdbx_ptnr3_label_alt_id 
_struct_conn.pdbx_ptnr3_PDB_ins_code 
_struct_conn.details 
_struct_conn.pdbx_dist_value 
_struct_conn.pdbx_value_order 
_struct_conn.pdbx_role 
metalc1 metalc ? ? A HIS 77  NE2 ? ? ? 1_555 C NI . NI ? ? A HIS 77  A NI 159 1_555 ? ? ? ? ? ? ? 2.232 ? ? 
metalc2 metalc ? ? A ASP 79  OD1 ? ? ? 1_555 C NI . NI ? ? A ASP 79  A NI 159 1_555 ? ? ? ? ? ? ? 2.240 ? ? 
metalc3 metalc ? ? A GLU 144 OE1 ? ? ? 1_555 B NI . NI ? ? A GLU 144 A NI 158 1_555 ? ? ? ? ? ? ? 2.644 ? ? 
# 
_struct_conn_type.id          metalc 
_struct_conn_type.criteria    ? 
_struct_conn_type.reference   ? 
# 
loop_
_struct_sheet.id 
_struct_sheet.type 
_struct_sheet.number_strands 
_struct_sheet.details 
A ? 5 ? 
B ? 5 ? 
# 
loop_
_struct_sheet_order.sheet_id 
_struct_sheet_order.range_id_1 
_struct_sheet_order.range_id_2 
_struct_sheet_order.offset 
_struct_sheet_order.sense 
A 1 2 ? anti-parallel 
A 2 3 ? anti-parallel 
A 3 4 ? anti-parallel 
A 4 5 ? anti-parallel 
B 1 2 ? anti-parallel 
B 2 3 ? anti-parallel 
B 3 4 ? anti-parallel 
B 4 5 ? anti-parallel 
# 
loop_
_struct_sheet_range.sheet_id 
_struct_sheet_range.id 
_struct_sheet_range.beg_label_comp_id 
_struct_sheet_range.beg_label_asym_id 
_struct_sheet_range.beg_label_seq_id 
_struct_sheet_range.pdbx_beg_PDB_ins_code 
_struct_sheet_range.end_label_comp_id 
_struct_sheet_range.end_label_asym_id 
_struct_sheet_range.end_label_seq_id 
_struct_sheet_range.pdbx_end_PDB_ins_code 
_struct_sheet_range.beg_auth_comp_id 
_struct_sheet_range.beg_auth_asym_id 
_struct_sheet_range.beg_auth_seq_id 
_struct_sheet_range.end_auth_comp_id 
_struct_sheet_range.end_auth_asym_id 
_struct_sheet_range.end_auth_seq_id 
A 1 TRP A 32 ? PHE A 33 ? TRP A 32 PHE A 33 
A 2 LYS A 19 ? SER A 27 ? LYS A 19 SER A 27 
A 3 VAL A 7  ? ASN A 15 ? VAL A 7  ASN A 15 
A 4 LYS A 45 ? LEU A 50 ? LYS A 45 LEU A 50 
A 5 ARG A 38 ? ASP A 40 ? ARG A 38 ASP A 40 
B 1 TRP A 32 ? PHE A 33 ? TRP A 32 PHE A 33 
B 2 LYS A 19 ? SER A 27 ? LYS A 19 SER A 27 
B 3 GLY A 53 ? LEU A 63 ? GLY A 53 LEU A 63 
B 4 TYR A 68 ? VAL A 78 ? TYR A 68 VAL A 78 
B 5 ILE A 84 ? TYR A 95 ? ILE A 84 TYR A 95 
# 
loop_
_pdbx_struct_sheet_hbond.sheet_id 
_pdbx_struct_sheet_hbond.range_id_1 
_pdbx_struct_sheet_hbond.range_id_2 
_pdbx_struct_sheet_hbond.range_1_label_atom_id 
_pdbx_struct_sheet_hbond.range_1_label_comp_id 
_pdbx_struct_sheet_hbond.range_1_label_asym_id 
_pdbx_struct_sheet_hbond.range_1_label_seq_id 
_pdbx_struct_sheet_hbond.range_1_PDB_ins_code 
_pdbx_struct_sheet_hbond.range_1_auth_atom_id 
_pdbx_struct_sheet_hbond.range_1_auth_comp_id 
_pdbx_struct_sheet_hbond.range_1_auth_asym_id 
_pdbx_struct_sheet_hbond.range_1_auth_seq_id 
_pdbx_struct_sheet_hbond.range_2_label_atom_id 
_pdbx_struct_sheet_hbond.range_2_label_comp_id 
_pdbx_struct_sheet_hbond.range_2_label_asym_id 
_pdbx_struct_sheet_hbond.range_2_label_seq_id 
_pdbx_struct_sheet_hbond.range_2_PDB_ins_code 
_pdbx_struct_sheet_hbond.range_2_auth_atom_id 
_pdbx_struct_sheet_hbond.range_2_auth_comp_id 
_pdbx_struct_sheet_hbond.range_2_auth_asym_id 
_pdbx_struct_sheet_hbond.range_2_auth_seq_id 
A 1 2 O TRP A 32 ? O TRP A 32 N SER A 27 ? N SER A 27 
A 2 3 O SER A 21 ? O SER A 21 N LYS A 14 ? N LYS A 14 
A 3 4 N VAL A 7  ? N VAL A 7  O LEU A 50 ? O LEU A 50 
A 4 5 O LYS A 45 ? O LYS A 45 N ASP A 40 ? N ASP A 40 
B 1 2 O TRP A 32 ? O TRP A 32 N SER A 27 ? N SER A 27 
B 2 3 N PHE A 26 ? N PHE A 26 O ILE A 56 ? O ILE A 56 
B 3 4 N LEU A 63 ? N LEU A 63 O TYR A 68 ? O TYR A 68 
B 4 5 N ILE A 73 ? N ILE A 73 O VAL A 89 ? O VAL A 89 
# 
loop_
_struct_site.id 
_struct_site.pdbx_evidence_code 
_struct_site.pdbx_auth_asym_id 
_struct_site.pdbx_auth_comp_id 
_struct_site.pdbx_auth_seq_id 
_struct_site.pdbx_auth_ins_code 
_struct_site.pdbx_num_residues 
_struct_site.details 
AC1 Software A NI  158 ? 4 'BINDING SITE FOR RESIDUE NI A 158'  
AC2 Software A NI  159 ? 4 'BINDING SITE FOR RESIDUE NI A 159'  
AC3 Software A GOL 160 ? 2 'BINDING SITE FOR RESIDUE GOL A 160' 
# 
loop_
_struct_site_gen.id 
_struct_site_gen.site_id 
_struct_site_gen.pdbx_num_res 
_struct_site_gen.label_comp_id 
_struct_site_gen.label_asym_id 
_struct_site_gen.label_seq_id 
_struct_site_gen.pdbx_auth_ins_code 
_struct_site_gen.auth_comp_id 
_struct_site_gen.auth_asym_id 
_struct_site_gen.auth_seq_id 
_struct_site_gen.label_atom_id 
_struct_site_gen.label_alt_id 
_struct_site_gen.symmetry 
_struct_site_gen.details 
1  AC1 4 GLU A 144 ? GLU A 144 . ? 4_555 ? 
2  AC1 4 GLU A 144 ? GLU A 144 . ? 1_555 ? 
3  AC1 4 LYS A 147 ? LYS A 147 . ? 1_555 ? 
4  AC1 4 LYS A 147 ? LYS A 147 . ? 4_555 ? 
5  AC2 4 HIS A 77  ? HIS A 77  . ? 4_555 ? 
6  AC2 4 HIS A 77  ? HIS A 77  . ? 1_555 ? 
7  AC2 4 ASP A 79  ? ASP A 79  . ? 1_555 ? 
8  AC2 4 ASP A 79  ? ASP A 79  . ? 4_555 ? 
9  AC3 2 TYR A 61  ? TYR A 61  . ? 1_555 ? 
10 AC3 2 ARG A 70  ? ARG A 70  . ? 1_555 ? 
# 
_atom_sites.entry_id                    3II3 
_atom_sites.fract_transf_matrix[1][1]   0.01618738 
_atom_sites.fract_transf_matrix[1][2]   -0.00529352 
_atom_sites.fract_transf_matrix[1][3]   0.00461014 
_atom_sites.fract_transf_matrix[2][1]   0.01344486 
_atom_sites.fract_transf_matrix[2][2]   0.01142091 
_atom_sites.fract_transf_matrix[2][3]   -0.00033075 
_atom_sites.fract_transf_matrix[3][1]   -0.00220559 
_atom_sites.fract_transf_matrix[3][2]   0.00291776 
_atom_sites.fract_transf_matrix[3][3]   0.01109465 
_atom_sites.fract_transf_vector[1]      0.554863 
_atom_sites.fract_transf_vector[2]      0.284897 
_atom_sites.fract_transf_vector[3]      0.062952 
# 
loop_
_atom_type.symbol 
C  
N  
NI 
O  
S  
# 
loop_
_atom_site.group_PDB 
_atom_site.id 
_atom_site.type_symbol 
_atom_site.label_atom_id 
_atom_site.label_alt_id 
_atom_site.label_comp_id 
_atom_site.label_asym_id 
_atom_site.label_entity_id 
_atom_site.label_seq_id 
_atom_site.pdbx_PDB_ins_code 
_atom_site.Cartn_x 
_atom_site.Cartn_y 
_atom_site.Cartn_z 
_atom_site.occupancy 
_atom_site.B_iso_or_equiv 
_atom_site.pdbx_formal_charge 
_atom_site.auth_seq_id 
_atom_site.auth_comp_id 
_atom_site.auth_asym_id 
_atom_site.auth_atom_id 
_atom_site.pdbx_PDB_model_num 
ATOM   1    N  N   . SER A 1 5   ? -24.646 2.170   -1.223  1.00 31.86 ? 5   SER A N   1 
ATOM   2    C  CA  . SER A 1 5   ? -23.981 2.294   -2.534  1.00 31.40 ? 5   SER A CA  1 
ATOM   3    C  C   . SER A 1 5   ? -22.520 1.963   -2.354  1.00 32.11 ? 5   SER A C   1 
ATOM   4    O  O   . SER A 1 5   ? -21.663 2.849   -2.357  1.00 32.45 ? 5   SER A O   1 
ATOM   5    C  CB  . SER A 1 5   ? -24.139 3.708   -3.093  1.00 31.12 ? 5   SER A CB  1 
ATOM   6    O  OG  . SER A 1 5   ? -23.981 4.698   -2.011  1.00 29.44 ? 5   SER A OG  1 
ATOM   7    N  N   . VAL A 1 6   ? -22.238 0.675   -2.187  1.00 32.48 ? 6   VAL A N   1 
ATOM   8    C  CA  . VAL A 1 6   ? -20.865 0.205   -1.966  1.00 32.52 ? 6   VAL A CA  1 
ATOM   9    C  C   . VAL A 1 6   ? -20.329 -0.657  -3.104  1.00 32.54 ? 6   VAL A C   1 
ATOM   10   O  O   . VAL A 1 6   ? -21.096 -1.161  -3.933  1.00 32.75 ? 6   VAL A O   1 
ATOM   11   C  CB  . VAL A 1 6   ? -20.709 -0.558  -0.615  1.00 32.58 ? 6   VAL A CB  1 
ATOM   12   C  CG1 . VAL A 1 6   ? -19.295 -1.131  -0.494  1.00 33.15 ? 6   VAL A CG1 1 
ATOM   13   C  CG2 . VAL A 1 6   ? -21.053 0.344   0.579   1.00 32.93 ? 6   VAL A CG2 1 
ATOM   14   N  N   . VAL A 1 7   ? -19.002 -0.814  -3.127  1.00 32.50 ? 7   VAL A N   1 
ATOM   15   C  CA  . VAL A 1 7   ? -18.290 -1.531  -4.187  1.00 32.36 ? 7   VAL A CA  1 
ATOM   16   C  C   . VAL A 1 7   ? -17.146 -2.368  -3.606  1.00 32.29 ? 7   VAL A C   1 
ATOM   17   O  O   . VAL A 1 7   ? -16.458 -1.942  -2.673  1.00 32.03 ? 7   VAL A O   1 
ATOM   18   C  CB  . VAL A 1 7   ? -17.687 -0.551  -5.216  1.00 32.53 ? 7   VAL A CB  1 
ATOM   19   C  CG1 . VAL A 1 7   ? -17.327 -1.296  -6.529  1.00 31.92 ? 7   VAL A CG1 1 
ATOM   20   C  CG2 . VAL A 1 7   ? -18.671 0.627   -5.480  1.00 32.35 ? 7   VAL A CG2 1 
ATOM   21   N  N   . GLU A 1 8   ? -16.959 -3.560  -4.168  1.00 32.06 ? 8   GLU A N   1 
ATOM   22   C  CA  . GLU A 1 8   ? -15.893 -4.457  -3.735  1.00 31.85 ? 8   GLU A CA  1 
ATOM   23   C  C   . GLU A 1 8   ? -14.711 -4.430  -4.670  1.00 31.72 ? 8   GLU A C   1 
ATOM   24   O  O   . GLU A 1 8   ? -14.856 -4.259  -5.884  1.00 31.77 ? 8   GLU A O   1 
ATOM   25   C  CB  . GLU A 1 8   ? -16.391 -5.888  -3.600  1.00 32.01 ? 8   GLU A CB  1 
ATOM   26   C  CG  . GLU A 1 8   ? -17.139 -6.169  -2.304  1.00 31.49 ? 8   GLU A CG  1 
ATOM   27   C  CD  . GLU A 1 8   ? -17.537 -7.623  -2.192  1.00 30.99 ? 8   GLU A CD  1 
ATOM   28   O  OE1 . GLU A 1 8   ? -16.604 -8.466  -2.067  1.00 29.23 ? 8   GLU A OE1 1 
ATOM   29   O  OE2 . GLU A 1 8   ? -18.773 -7.911  -2.224  1.00 30.40 ? 8   GLU A OE2 1 
ATOM   30   N  N   . TYR A 1 9   ? -13.532 -4.607  -4.091  1.00 31.45 ? 9   TYR A N   1 
ATOM   31   C  CA  . TYR A 1 9   ? -12.309 -4.481  -4.834  1.00 30.89 ? 9   TYR A CA  1 
ATOM   32   C  C   . TYR A 1 9   ? -11.265 -5.370  -4.206  1.00 30.84 ? 9   TYR A C   1 
ATOM   33   O  O   . TYR A 1 9   ? -11.215 -5.526  -2.994  1.00 30.53 ? 9   TYR A O   1 
ATOM   34   C  CB  . TYR A 1 9   ? -11.883 -3.015  -4.811  1.00 31.19 ? 9   TYR A CB  1 
ATOM   35   C  CG  . TYR A 1 9   ? -10.542 -2.677  -5.441  1.00 31.07 ? 9   TYR A CG  1 
ATOM   36   C  CD1 . TYR A 1 9   ? -10.391 -2.635  -6.826  1.00 31.52 ? 9   TYR A CD1 1 
ATOM   37   C  CD2 . TYR A 1 9   ? -9.449  -2.366  -4.654  1.00 31.40 ? 9   TYR A CD2 1 
ATOM   38   C  CE1 . TYR A 1 9   ? -9.172  -2.313  -7.421  1.00 31.51 ? 9   TYR A CE1 1 
ATOM   39   C  CE2 . TYR A 1 9   ? -8.217  -2.032  -5.243  1.00 33.51 ? 9   TYR A CE2 1 
ATOM   40   C  CZ  . TYR A 1 9   ? -8.099  -1.999  -6.629  1.00 32.50 ? 9   TYR A CZ  1 
ATOM   41   O  OH  . TYR A 1 9   ? -6.881  -1.669  -7.200  1.00 32.04 ? 9   TYR A OH  1 
ATOM   42   N  N   . GLU A 1 10  ? -10.413 -5.915  -5.062  1.00 31.24 ? 10  GLU A N   1 
ATOM   43   C  CA  . GLU A 1 10  ? -9.379  -6.879  -4.709  1.00 31.25 ? 10  GLU A CA  1 
ATOM   44   C  C   . GLU A 1 10  ? -7.889  -6.509  -4.878  1.00 31.30 ? 10  GLU A C   1 
ATOM   45   O  O   . GLU A 1 10  ? -7.425  -6.313  -6.000  1.00 31.21 ? 10  GLU A O   1 
ATOM   46   C  CB  . GLU A 1 10  ? -9.521  -8.016  -5.701  1.00 31.54 ? 10  GLU A CB  1 
ATOM   47   C  CG  . GLU A 1 10  ? -9.298  -9.410  -5.140  1.00 31.80 ? 10  GLU A CG  1 
ATOM   48   C  CD  . GLU A 1 10  ? -9.506  -10.438 -6.230  1.00 31.55 ? 10  GLU A CD  1 
ATOM   49   O  OE1 . GLU A 1 10  ? -10.657 -10.565 -6.702  1.00 33.61 ? 10  GLU A OE1 1 
ATOM   50   O  OE2 . GLU A 1 10  ? -8.529  -11.100 -6.632  1.00 31.93 ? 10  GLU A OE2 1 
ATOM   51   N  N   . VAL A 1 11  ? -7.128  -6.493  -3.761  1.00 31.26 ? 11  VAL A N   1 
ATOM   52   C  CA  . VAL A 1 11  ? -5.673  -6.265  -3.915  1.00 30.88 ? 11  VAL A CA  1 
ATOM   53   C  C   . VAL A 1 11  ? -4.959  -7.556  -3.502  1.00 31.24 ? 11  VAL A C   1 
ATOM   54   O  O   . VAL A 1 11  ? -5.570  -8.441  -2.866  1.00 30.72 ? 11  VAL A O   1 
ATOM   55   C  CB  . VAL A 1 11  ? -5.072  -5.091  -3.095  1.00 30.75 ? 11  VAL A CB  1 
ATOM   56   C  CG1 . VAL A 1 11  ? -5.970  -3.857  -3.116  1.00 29.65 ? 11  VAL A CG1 1 
ATOM   57   C  CG2 . VAL A 1 11  ? -4.734  -5.525  -1.648  1.00 31.46 ? 11  VAL A CG2 1 
ATOM   58   N  N   . VAL A 1 12  ? -3.675  -7.655  -3.858  1.00 30.77 ? 12  VAL A N   1 
ATOM   59   C  CA  . VAL A 1 12  ? -2.880  -8.851  -3.585  1.00 30.79 ? 12  VAL A CA  1 
ATOM   60   C  C   . VAL A 1 12  ? -2.065  -8.670  -2.309  1.00 30.72 ? 12  VAL A C   1 
ATOM   61   O  O   . VAL A 1 12  ? -1.460  -7.608  -2.088  1.00 30.96 ? 12  VAL A O   1 
ATOM   62   C  CB  . VAL A 1 12  ? -1.918  -9.183  -4.756  1.00 31.14 ? 12  VAL A CB  1 
ATOM   63   C  CG1 . VAL A 1 12  ? -1.036  -10.374 -4.398  1.00 31.56 ? 12  VAL A CG1 1 
ATOM   64   C  CG2 . VAL A 1 12  ? -2.700  -9.465  -6.055  1.00 31.31 ? 12  VAL A CG2 1 
ATOM   65   N  N   . SER A 1 13  ? -2.048  -9.708  -1.479  1.00 30.36 ? 13  SER A N   1 
ATOM   66   C  CA  . SER A 1 13  ? -1.340  -9.656  -0.213  1.00 30.52 ? 13  SER A CA  1 
ATOM   67   C  C   . SER A 1 13  ? -0.877  -11.097 -0.138  1.00 30.58 ? 13  SER A C   1 
ATOM   68   O  O   . SER A 1 13  ? -1.671  -12.009 0.142   1.00 31.33 ? 13  SER A O   1 
ATOM   69   C  CB  . SER A 1 13  ? -2.279  -9.209  0.914   1.00 30.62 ? 13  SER A CB  1 
ATOM   70   O  OG  . SER A 1 13  ? -1.581  -9.118  2.147   1.00 31.07 ? 13  SER A OG  1 
ATOM   71   N  N   . LYS A 1 14  ? 0.402   -11.319 -0.395  1.00 30.08 ? 14  LYS A N   1 
ATOM   72   C  CA  . LYS A 1 14  ? 0.987   -12.631 -0.201  1.00 29.48 ? 14  LYS A CA  1 
ATOM   73   C  C   . LYS A 1 14  ? 2.486   -12.585 -0.072  1.00 29.23 ? 14  LYS A C   1 
ATOM   74   O  O   . LYS A 1 14  ? 3.189   -11.930 -0.849  1.00 29.14 ? 14  LYS A O   1 
ATOM   75   C  CB  . LYS A 1 14  ? 0.551   -13.611 -1.289  1.00 29.49 ? 14  LYS A CB  1 
ATOM   76   C  CG  . LYS A 1 14  ? 0.853   -13.221 -2.728  1.00 29.96 ? 14  LYS A CG  1 
ATOM   77   C  CD  . LYS A 1 14  ? 0.236   -14.283 -3.606  1.00 32.51 ? 14  LYS A CD  1 
ATOM   78   C  CE  . LYS A 1 14  ? 0.537   -14.123 -5.098  1.00 34.17 ? 14  LYS A CE  1 
ATOM   79   N  NZ  . LYS A 1 14  ? -0.126  -15.321 -5.762  1.00 34.80 ? 14  LYS A NZ  1 
ATOM   80   N  N   . ASN A 1 15  ? 2.942   -13.290 0.948   1.00 28.96 ? 15  ASN A N   1 
ATOM   81   C  CA  . ASN A 1 15  ? 4.340   -13.444 1.230   1.00 29.19 ? 15  ASN A CA  1 
ATOM   82   C  C   . ASN A 1 15  ? 4.677   -14.917 1.120   1.00 28.86 ? 15  ASN A C   1 
ATOM   83   O  O   . ASN A 1 15  ? 4.376   -15.692 2.024   1.00 28.40 ? 15  ASN A O   1 
ATOM   84   C  CB  . ASN A 1 15  ? 4.648   -12.916 2.629   1.00 29.34 ? 15  ASN A CB  1 
ATOM   85   C  CG  . ASN A 1 15  ? 6.081   -13.180 3.050   1.00 29.85 ? 15  ASN A CG  1 
ATOM   86   O  OD1 . ASN A 1 15  ? 6.964   -13.361 2.211   1.00 31.39 ? 15  ASN A OD1 1 
ATOM   87   N  ND2 . ASN A 1 15  ? 6.316   -13.222 4.356   1.00 29.77 ? 15  ASN A ND2 1 
ATOM   88   N  N   . LEU A 1 16  ? 5.279   -15.272 -0.012  1.00 28.93 ? 16  LEU A N   1 
ATOM   89   C  CA  . LEU A 1 16  ? 5.690   -16.634 -0.332  1.00 29.19 ? 16  LEU A CA  1 
ATOM   90   C  C   . LEU A 1 16  ? 7.203   -16.809 -0.198  1.00 29.54 ? 16  LEU A C   1 
ATOM   91   O  O   . LEU A 1 16  ? 7.944   -15.817 -0.163  1.00 29.65 ? 16  LEU A O   1 
ATOM   92   C  CB  . LEU A 1 16  ? 5.283   -16.962 -1.756  1.00 28.96 ? 16  LEU A CB  1 
ATOM   93   C  CG  . LEU A 1 16  ? 3.794   -16.957 -2.089  1.00 28.96 ? 16  LEU A CG  1 
ATOM   94   C  CD1 . LEU A 1 16  ? 3.622   -17.478 -3.512  1.00 28.22 ? 16  LEU A CD1 1 
ATOM   95   C  CD2 . LEU A 1 16  ? 2.954   -17.773 -1.095  1.00 26.58 ? 16  LEU A CD2 1 
ATOM   96   N  N   . THR A 1 17  ? 7.655   -18.064 -0.141  1.00 29.88 ? 17  THR A N   1 
ATOM   97   C  CA  . THR A 1 17  ? 9.082   -18.397 0.032   1.00 30.38 ? 17  THR A CA  1 
ATOM   98   C  C   . THR A 1 17  ? 9.978   -17.603 -0.932  1.00 30.51 ? 17  THR A C   1 
ATOM   99   O  O   . THR A 1 17  ? 11.047  -17.115 -0.544  1.00 30.82 ? 17  THR A O   1 
ATOM   100  C  CB  . THR A 1 17  ? 9.362   -19.927 -0.182  1.00 30.17 ? 17  THR A CB  1 
ATOM   101  O  OG1 . THR A 1 17  ? 8.998   -20.295 -1.518  1.00 31.17 ? 17  THR A OG1 1 
ATOM   102  C  CG2 . THR A 1 17  ? 8.581   -20.772 0.807   1.00 29.76 ? 17  THR A CG2 1 
ATOM   103  N  N   . SER A 1 18  ? 9.510   -17.488 -2.183  1.00 30.58 ? 18  SER A N   1 
ATOM   104  C  CA  . SER A 1 18  ? 10.253  -16.863 -3.277  1.00 30.37 ? 18  SER A CA  1 
ATOM   105  C  C   . SER A 1 18  ? 9.954   -15.350 -3.432  1.00 30.30 ? 18  SER A C   1 
ATOM   106  O  O   . SER A 1 18  ? 10.899  -14.537 -3.464  1.00 30.34 ? 18  SER A O   1 
ATOM   107  C  CB  . SER A 1 18  ? 9.955   -17.619 -4.577  1.00 30.04 ? 18  SER A CB  1 
ATOM   108  O  OG  . SER A 1 18  ? 8.563   -17.885 -4.687  1.00 29.82 ? 18  SER A OG  1 
ATOM   109  N  N   . LYS A 1 19  ? 8.670   -14.983 -3.526  1.00 29.77 ? 19  LYS A N   1 
ATOM   110  C  CA  . LYS A 1 19  ? 8.278   -13.558 -3.694  1.00 30.37 ? 19  LYS A CA  1 
ATOM   111  C  C   . LYS A 1 19  ? 7.209   -13.055 -2.735  1.00 29.52 ? 19  LYS A C   1 
ATOM   112  O  O   . LYS A 1 19  ? 6.505   -13.833 -2.117  1.00 29.28 ? 19  LYS A O   1 
ATOM   113  C  CB  . LYS A 1 19  ? 7.817   -13.269 -5.137  1.00 30.75 ? 19  LYS A CB  1 
ATOM   114  C  CG  . LYS A 1 19  ? 7.466   -11.818 -5.411  1.00 32.23 ? 19  LYS A CG  1 
ATOM   115  C  CD  . LYS A 1 19  ? 6.792   -11.681 -6.783  1.00 34.35 ? 19  LYS A CD  1 
ATOM   116  C  CE  . LYS A 1 19  ? 6.493   -10.190 -7.115  1.00 34.29 ? 19  LYS A CE  1 
ATOM   117  N  NZ  . LYS A 1 19  ? 7.769   -9.409  -7.362  1.00 35.67 ? 19  LYS A NZ  1 
ATOM   118  N  N   . MET A 1 20  ? 7.107   -11.738 -2.625  1.00 29.56 ? 20  MET A N   1 
ATOM   119  C  CA  . MET A 1 20  ? 6.026   -11.093 -1.897  1.00 28.89 ? 20  MET A CA  1 
ATOM   120  C  C   . MET A 1 20  ? 5.349   -9.989  -2.652  1.00 28.18 ? 20  MET A C   1 
ATOM   121  O  O   . MET A 1 20  ? 5.996   -9.089  -3.150  1.00 28.12 ? 20  MET A O   1 
ATOM   122  C  CB  . MET A 1 20  ? 6.556   -10.357 -0.674  1.00 29.15 ? 20  MET A CB  1 
ATOM   123  C  CG  . MET A 1 20  ? 5.602   -9.278  -0.128  1.00 30.15 ? 20  MET A CG  1 
ATOM   124  S  SD  . MET A 1 20  ? 6.231   -8.536  1.391   1.00 33.59 ? 20  MET A SD  1 
ATOM   125  C  CE  . MET A 1 20  ? 7.565   -7.461  0.830   1.00 34.02 ? 20  MET A CE  1 
ATOM   126  N  N   . SER A 1 21  ? 4.003   -10.071 -2.683  1.00 28.39 ? 21  SER A N   1 
ATOM   127  C  CA  . SER A 1 21  ? 3.234   -8.961  -3.289  1.00 27.64 ? 21  SER A CA  1 
ATOM   128  C  C   . SER A 1 21  ? 2.343   -8.441  -2.160  1.00 27.62 ? 21  SER A C   1 
ATOM   129  O  O   . SER A 1 21  ? 1.614   -9.206  -1.553  1.00 27.07 ? 21  SER A O   1 
ATOM   130  C  CB  . SER A 1 21  ? 2.434   -9.384  -4.506  1.00 26.17 ? 21  SER A CB  1 
ATOM   131  O  OG  . SER A 1 21  ? 3.307   -9.778  -5.538  0.50 24.73 ? 21  SER A OG  1 
ATOM   132  N  N   . HIS A 1 22  ? 2.453   -7.146  -1.882  1.00 28.51 ? 22  HIS A N   1 
ATOM   133  C  CA  . HIS A 1 22  ? 1.808   -6.471  -0.752  1.00 28.97 ? 22  HIS A CA  1 
ATOM   134  C  C   . HIS A 1 22  ? 1.187   -5.183  -1.272  1.00 29.98 ? 22  HIS A C   1 
ATOM   135  O  O   . HIS A 1 22  ? 1.900   -4.190  -1.571  1.00 31.15 ? 22  HIS A O   1 
ATOM   136  C  CB  . HIS A 1 22  ? 2.889   -6.158  0.289   1.00 28.99 ? 22  HIS A CB  1 
ATOM   137  C  CG  . HIS A 1 22  ? 2.503   -5.164  1.345   1.00 29.63 ? 22  HIS A CG  1 
ATOM   138  N  ND1 . HIS A 1 22  ? 1.310   -5.219  2.036   1.00 32.19 ? 22  HIS A ND1 1 
ATOM   139  C  CD2 . HIS A 1 22  ? 3.198   -4.138  1.889   1.00 28.21 ? 22  HIS A CD2 1 
ATOM   140  C  CE1 . HIS A 1 22  ? 1.268   -4.240  2.923   1.00 29.51 ? 22  HIS A CE1 1 
ATOM   141  N  NE2 . HIS A 1 22  ? 2.403   -3.573  2.854   1.00 28.99 ? 22  HIS A NE2 1 
ATOM   142  N  N   . GLU A 1 23  ? -0.126  -5.193  -1.450  1.00 29.92 ? 23  GLU A N   1 
ATOM   143  C  CA  . GLU A 1 23  ? -0.831  -3.952  -1.765  1.00 29.91 ? 23  GLU A CA  1 
ATOM   144  C  C   . GLU A 1 23  ? -1.779  -3.628  -0.645  1.00 30.28 ? 23  GLU A C   1 
ATOM   145  O  O   . GLU A 1 23  ? -2.341  -4.514  -0.026  1.00 31.42 ? 23  GLU A O   1 
ATOM   146  C  CB  . GLU A 1 23  ? -1.611  -4.058  -3.070  1.00 29.41 ? 23  GLU A CB  1 
ATOM   147  C  CG  . GLU A 1 23  ? -0.776  -4.370  -4.263  1.00 28.44 ? 23  GLU A CG  1 
ATOM   148  C  CD  . GLU A 1 23  ? -1.558  -4.986  -5.380  1.00 28.02 ? 23  GLU A CD  1 
ATOM   149  O  OE1 . GLU A 1 23  ? -2.560  -5.657  -5.111  1.00 29.22 ? 23  GLU A OE1 1 
ATOM   150  O  OE2 . GLU A 1 23  ? -1.162  -4.821  -6.554  1.00 31.71 ? 23  GLU A OE2 1 
ATOM   151  N  N   . LEU A 1 24  ? -1.959  -2.351  -0.374  1.00 30.78 ? 24  LEU A N   1 
ATOM   152  C  CA  . LEU A 1 24  ? -2.927  -1.917  0.618   1.00 30.20 ? 24  LEU A CA  1 
ATOM   153  C  C   . LEU A 1 24  ? -3.541  -0.594  0.174   1.00 30.02 ? 24  LEU A C   1 
ATOM   154  O  O   . LEU A 1 24  ? -2.866  0.264   -0.409  1.00 30.23 ? 24  LEU A O   1 
ATOM   155  C  CB  . LEU A 1 24  ? -2.212  -1.678  1.942   1.00 30.47 ? 24  LEU A CB  1 
ATOM   156  C  CG  . LEU A 1 24  ? -2.002  -2.706  3.035   1.00 30.26 ? 24  LEU A CG  1 
ATOM   157  C  CD1 . LEU A 1 24  ? -1.572  -1.891  4.216   1.00 29.89 ? 24  LEU A CD1 1 
ATOM   158  C  CD2 . LEU A 1 24  ? -3.277  -3.497  3.378   1.00 29.63 ? 24  LEU A CD2 1 
ATOM   159  N  N   . LEU A 1 25  ? -4.802  -0.422  0.516   1.00 29.82 ? 25  LEU A N   1 
ATOM   160  C  CA  . LEU A 1 25  ? -5.569  0.748   0.180   1.00 29.34 ? 25  LEU A CA  1 
ATOM   161  C  C   . LEU A 1 25  ? -5.527  1.780   1.293   1.00 29.63 ? 25  LEU A C   1 
ATOM   162  O  O   . LEU A 1 25  ? -5.801  1.489   2.474   1.00 30.00 ? 25  LEU A O   1 
ATOM   163  C  CB  . LEU A 1 25  ? -7.013  0.363   -0.160  1.00 28.57 ? 25  LEU A CB  1 
ATOM   164  C  CG  . LEU A 1 25  ? -7.325  -0.007  -1.615  1.00 28.35 ? 25  LEU A CG  1 
ATOM   165  C  CD1 . LEU A 1 25  ? -8.823  -0.020  -1.836  1.00 30.12 ? 25  LEU A CD1 1 
ATOM   166  C  CD2 . LEU A 1 25  ? -6.713  0.941   -2.637  1.00 27.35 ? 25  LEU A CD2 1 
ATOM   167  N  N   . PHE A 1 26  ? -5.195  3.002   0.891   1.00 30.03 ? 26  PHE A N   1 
ATOM   168  C  CA  . PHE A 1 26  ? -5.196  4.153   1.778   1.00 29.71 ? 26  PHE A CA  1 
ATOM   169  C  C   . PHE A 1 26  ? -6.356  5.051   1.370   1.00 29.47 ? 26  PHE A C   1 
ATOM   170  O  O   . PHE A 1 26  ? -6.410  5.435   0.228   1.00 29.31 ? 26  PHE A O   1 
ATOM   171  C  CB  . PHE A 1 26  ? -3.892  4.903   1.595   1.00 29.20 ? 26  PHE A CB  1 
ATOM   172  C  CG  . PHE A 1 26  ? -3.768  6.123   2.450   1.00 29.44 ? 26  PHE A CG  1 
ATOM   173  C  CD1 . PHE A 1 26  ? -2.967  6.104   3.589   1.00 30.51 ? 26  PHE A CD1 1 
ATOM   174  C  CD2 . PHE A 1 26  ? -4.424  7.301   2.111   1.00 29.31 ? 26  PHE A CD2 1 
ATOM   175  C  CE1 . PHE A 1 26  ? -2.838  7.246   4.380   1.00 30.33 ? 26  PHE A CE1 1 
ATOM   176  C  CE2 . PHE A 1 26  ? -4.286  8.434   2.877   1.00 29.71 ? 26  PHE A CE2 1 
ATOM   177  C  CZ  . PHE A 1 26  ? -3.490  8.399   4.025   1.00 30.06 ? 26  PHE A CZ  1 
ATOM   178  N  N   . SER A 1 27  ? -7.251  5.380   2.309   1.00 29.73 ? 27  SER A N   1 
ATOM   179  C  CA  . SER A 1 27  ? -8.340  6.360   2.099   1.00 29.64 ? 27  SER A CA  1 
ATOM   180  C  C   . SER A 1 27  ? -7.886  7.818   1.997   1.00 29.64 ? 27  SER A C   1 
ATOM   181  O  O   . SER A 1 27  ? -7.304  8.357   2.935   1.00 29.93 ? 27  SER A O   1 
ATOM   182  C  CB  . SER A 1 27  ? -9.351  6.276   3.247   1.00 30.20 ? 27  SER A CB  1 
ATOM   183  O  OG  . SER A 1 27  ? -10.387 7.253   3.080   1.00 27.81 ? 27  SER A OG  1 
ATOM   184  N  N   . VAL A 1 28  ? -8.194  8.463   0.872   1.00 30.05 ? 28  VAL A N   1 
ATOM   185  C  CA  . VAL A 1 28  ? -7.931  9.907   0.670   1.00 29.61 ? 28  VAL A CA  1 
ATOM   186  C  C   . VAL A 1 28  ? -8.642  10.761  1.699   1.00 29.45 ? 28  VAL A C   1 
ATOM   187  O  O   . VAL A 1 28  ? -8.066  11.713  2.233   1.00 29.33 ? 28  VAL A O   1 
ATOM   188  C  CB  . VAL A 1 28  ? -8.370  10.369  -0.728  1.00 29.61 ? 28  VAL A CB  1 
ATOM   189  C  CG1 . VAL A 1 28  ? -8.520  11.908  -0.788  1.00 29.51 ? 28  VAL A CG1 1 
ATOM   190  C  CG2 . VAL A 1 28  ? -7.373  9.870   -1.771  1.00 29.62 ? 28  VAL A CG2 1 
ATOM   191  N  N   . LYS A 1 29  ? -9.894  10.404  1.972   1.00 29.58 ? 29  LYS A N   1 
ATOM   192  C  CA  . LYS A 1 29  ? -10.733 11.171  2.891   1.00 29.83 ? 29  LYS A CA  1 
ATOM   193  C  C   . LYS A 1 29  ? -10.362 11.037  4.375   1.00 29.93 ? 29  LYS A C   1 
ATOM   194  O  O   . LYS A 1 29  ? -10.220 12.039  5.075   1.00 30.23 ? 29  LYS A O   1 
ATOM   195  C  CB  . LYS A 1 29  ? -12.208 10.772  2.719   1.00 29.66 ? 29  LYS A CB  1 
ATOM   196  C  CG  . LYS A 1 29  ? -13.206 11.597  3.540   1.00 29.96 ? 29  LYS A CG  1 
ATOM   197  C  CD  . LYS A 1 29  ? -14.610 11.593  2.898   1.00 29.64 ? 29  LYS A CD  1 
ATOM   198  C  CE  . LYS A 1 29  ? -15.748 11.498  3.935   1.00 28.94 ? 29  LYS A CE  1 
ATOM   199  N  NZ  . LYS A 1 29  ? -15.901 12.696  4.830   1.00 28.34 ? 29  LYS A NZ  1 
ATOM   200  N  N   . LYS A 1 30  ? -10.185 9.797   4.831   1.00 30.25 ? 30  LYS A N   1 
ATOM   201  C  CA  . LYS A 1 30  ? -9.858  9.503   6.231   1.00 30.54 ? 30  LYS A CA  1 
ATOM   202  C  C   . LYS A 1 30  ? -8.355  9.622   6.551   1.00 30.81 ? 30  LYS A C   1 
ATOM   203  O  O   . LYS A 1 30  ? -7.945  9.489   7.723   1.00 30.41 ? 30  LYS A O   1 
ATOM   204  C  CB  . LYS A 1 30  ? -10.366 8.106   6.609   1.00 30.45 ? 30  LYS A CB  1 
ATOM   205  C  CG  . LYS A 1 30  ? -11.693 7.724   5.929   1.00 31.45 ? 30  LYS A CG  1 
ATOM   206  C  CD  . LYS A 1 30  ? -12.733 7.206   6.919   1.00 31.09 ? 30  LYS A CD  1 
ATOM   207  C  CE  . LYS A 1 30  ? -14.138 7.538   6.406   1.00 33.15 ? 30  LYS A CE  1 
ATOM   208  N  NZ  . LYS A 1 30  ? -15.234 7.405   7.432   1.00 33.80 ? 30  LYS A NZ  1 
ATOM   209  N  N   . ARG A 1 31  ? -7.545  9.879   5.514   1.00 30.88 ? 31  ARG A N   1 
ATOM   210  C  CA  . ARG A 1 31  ? -6.123  10.185  5.674   1.00 30.95 ? 31  ARG A CA  1 
ATOM   211  C  C   . ARG A 1 31  ? -5.365  9.082   6.445   1.00 31.19 ? 31  ARG A C   1 
ATOM   212  O  O   . ARG A 1 31  ? -4.318  9.327   7.061   1.00 31.36 ? 31  ARG A O   1 
ATOM   213  C  CB  . ARG A 1 31  ? -5.931  11.558  6.328   1.00 30.95 ? 31  ARG A CB  1 
ATOM   214  C  CG  . ARG A 1 31  ? -6.343  12.731  5.460   1.00 30.41 ? 31  ARG A CG  1 
ATOM   215  C  CD  . ARG A 1 31  ? -5.834  14.005  6.072   1.00 30.04 ? 31  ARG A CD  1 
ATOM   216  N  NE  . ARG A 1 31  ? -6.756  14.474  7.097   1.00 31.53 ? 31  ARG A NE  1 
ATOM   217  C  CZ  . ARG A 1 31  ? -6.502  14.572  8.397   1.00 30.58 ? 31  ARG A CZ  1 
ATOM   218  N  NH1 . ARG A 1 31  ? -5.321  14.250  8.885   1.00 31.00 ? 31  ARG A NH1 1 
ATOM   219  N  NH2 . ARG A 1 31  ? -7.444  15.019  9.215   1.00 30.22 ? 31  ARG A NH2 1 
ATOM   220  N  N   . TRP A 1 32  ? -5.906  7.870   6.383   1.00 30.88 ? 32  TRP A N   1 
ATOM   221  C  CA  . TRP A 1 32  ? -5.234  6.679   6.893   1.00 31.07 ? 32  TRP A CA  1 
ATOM   222  C  C   . TRP A 1 32  ? -5.778  5.444   6.177   1.00 30.56 ? 32  TRP A C   1 
ATOM   223  O  O   . TRP A 1 32  ? -6.810  5.518   5.469   1.00 31.29 ? 32  TRP A O   1 
ATOM   224  C  CB  . TRP A 1 32  ? -5.447  6.556   8.389   1.00 31.21 ? 32  TRP A CB  1 
ATOM   225  C  CG  . TRP A 1 32  ? -4.434  5.713   9.121   1.00 31.85 ? 32  TRP A CG  1 
ATOM   226  C  CD1 . TRP A 1 32  ? -4.682  4.550   9.798   1.00 32.68 ? 32  TRP A CD1 1 
ATOM   227  C  CD2 . TRP A 1 32  ? -3.028  5.995   9.306   1.00 32.72 ? 32  TRP A CD2 1 
ATOM   228  N  NE1 . TRP A 1 32  ? -3.516  4.078   10.367  1.00 35.07 ? 32  TRP A NE1 1 
ATOM   229  C  CE2 . TRP A 1 32  ? -2.492  4.948   10.086  1.00 32.94 ? 32  TRP A CE2 1 
ATOM   230  C  CE3 . TRP A 1 32  ? -2.174  7.037   8.895   1.00 33.27 ? 32  TRP A CE3 1 
ATOM   231  C  CZ2 . TRP A 1 32  ? -1.157  4.910   10.466  1.00 31.70 ? 32  TRP A CZ2 1 
ATOM   232  C  CZ3 . TRP A 1 32  ? -0.834  6.981   9.271   1.00 32.30 ? 32  TRP A CZ3 1 
ATOM   233  C  CH2 . TRP A 1 32  ? -0.348  5.924   10.046  1.00 30.78 ? 32  TRP A CH2 1 
ATOM   234  N  N   . PHE A 1 33  ? -5.082  4.334   6.347   1.00 29.23 ? 33  PHE A N   1 
ATOM   235  C  CA  . PHE A 1 33  ? -5.404  3.091   5.649   1.00 29.13 ? 33  PHE A CA  1 
ATOM   236  C  C   . PHE A 1 33  ? -6.796  2.584   5.945   1.00 28.94 ? 33  PHE A C   1 
ATOM   237  O  O   . PHE A 1 33  ? -7.368  2.897   6.994   1.00 28.85 ? 33  PHE A O   1 
ATOM   238  C  CB  . PHE A 1 33  ? -4.429  1.941   6.037   1.00 28.85 ? 33  PHE A CB  1 
ATOM   239  C  CG  . PHE A 1 33  ? -2.991  2.194   5.610   1.00 28.04 ? 33  PHE A CG  1 
ATOM   240  C  CD1 . PHE A 1 33  ? -2.585  1.919   4.322   1.00 26.45 ? 33  PHE A CD1 1 
ATOM   241  C  CD2 . PHE A 1 33  ? -2.068  2.746   6.501   1.00 28.72 ? 33  PHE A CD2 1 
ATOM   242  C  CE1 . PHE A 1 33  ? -1.278  2.164   3.922   1.00 29.90 ? 33  PHE A CE1 1 
ATOM   243  C  CE2 . PHE A 1 33  ? -0.740  3.008   6.116   1.00 29.53 ? 33  PHE A CE2 1 
ATOM   244  C  CZ  . PHE A 1 33  ? -0.331  2.717   4.817   1.00 28.80 ? 33  PHE A CZ  1 
ATOM   245  N  N   . VAL A 1 34  ? -7.311  1.802   5.000   1.00 29.00 ? 34  VAL A N   1 
ATOM   246  C  CA  . VAL A 1 34  ? -8.647  1.218   5.032   1.00 28.76 ? 34  VAL A CA  1 
ATOM   247  C  C   . VAL A 1 34  ? -8.648  -0.150  5.722   1.00 28.96 ? 34  VAL A C   1 
ATOM   248  O  O   . VAL A 1 34  ? -7.740  -0.964  5.524   1.00 29.32 ? 34  VAL A O   1 
ATOM   249  C  CB  . VAL A 1 34  ? -9.140  1.002   3.590   1.00 28.52 ? 34  VAL A CB  1 
ATOM   250  C  CG1 . VAL A 1 34  ? -10.580 0.542   3.564   1.00 29.66 ? 34  VAL A CG1 1 
ATOM   251  C  CG2 . VAL A 1 34  ? -8.929  2.262   2.759   1.00 29.94 ? 34  VAL A CG2 1 
ATOM   252  N  N   . LYS A 1 35  ? -9.680  -0.409  6.510   1.00 29.49 ? 35  LYS A N   1 
ATOM   253  C  CA  . LYS A 1 35  ? -9.918  -1.741  7.064   1.00 29.91 ? 35  LYS A CA  1 
ATOM   254  C  C   . LYS A 1 35  ? -10.545 -2.672  6.009   1.00 30.45 ? 35  LYS A C   1 
ATOM   255  O  O   . LYS A 1 35  ? -11.646 -2.393  5.522   1.00 30.53 ? 35  LYS A O   1 
ATOM   256  C  CB  . LYS A 1 35  ? -10.798 -1.655  8.320   1.00 29.42 ? 35  LYS A CB  1 
ATOM   257  C  CG  . LYS A 1 35  ? -10.849 -2.944  9.114   1.00 28.85 ? 35  LYS A CG  1 
ATOM   258  C  CD  . LYS A 1 35  ? -11.512 -2.765  10.476  1.00 28.77 ? 35  LYS A CD  1 
ATOM   259  C  CE  . LYS A 1 35  ? -12.047 -4.098  10.972  1.00 27.63 ? 35  LYS A CE  1 
ATOM   260  N  NZ  . LYS A 1 35  ? -12.911 -3.896  12.161  1.00 27.87 ? 35  LYS A NZ  1 
ATOM   261  N  N   . PRO A 1 36  ? -9.856  -3.754  5.661   1.00 31.30 ? 36  PRO A N   1 
ATOM   262  C  CA  . PRO A 1 36  ? -10.399 -4.725  4.704   1.00 31.62 ? 36  PRO A CA  1 
ATOM   263  C  C   . PRO A 1 36  ? -11.553 -5.436  5.401   1.00 32.54 ? 36  PRO A C   1 
ATOM   264  O  O   . PRO A 1 36  ? -11.487 -5.633  6.615   1.00 33.04 ? 36  PRO A O   1 
ATOM   265  C  CB  . PRO A 1 36  ? -9.188  -5.601  4.376   1.00 31.84 ? 36  PRO A CB  1 
ATOM   266  C  CG  . PRO A 1 36  ? -8.018  -4.708  4.586   1.00 32.16 ? 36  PRO A CG  1 
ATOM   267  C  CD  . PRO A 1 36  ? -8.385  -3.810  5.733   1.00 31.74 ? 36  PRO A CD  1 
ATOM   268  N  N   . PHE A 1 37  ? -12.594 -5.809  4.662   1.00 32.66 ? 37  PHE A N   1 
ATOM   269  C  CA  . PHE A 1 37  ? -13.684 -6.525  5.268   1.00 32.51 ? 37  PHE A CA  1 
ATOM   270  C  C   . PHE A 1 37  ? -13.328 -8.005  5.455   1.00 32.57 ? 37  PHE A C   1 
ATOM   271  O  O   . PHE A 1 37  ? -13.845 -8.662  6.386   1.00 32.65 ? 37  PHE A O   1 
ATOM   272  C  CB  . PHE A 1 37  ? -14.995 -6.295  4.489   1.00 32.88 ? 37  PHE A CB  1 
ATOM   273  C  CG  . PHE A 1 37  ? -15.279 -7.321  3.421   1.00 33.02 ? 37  PHE A CG  1 
ATOM   274  C  CD1 . PHE A 1 37  ? -16.227 -8.317  3.641   1.00 32.46 ? 37  PHE A CD1 1 
ATOM   275  C  CD2 . PHE A 1 37  ? -14.624 -7.280  2.195   1.00 32.80 ? 37  PHE A CD2 1 
ATOM   276  C  CE1 . PHE A 1 37  ? -16.501 -9.264  2.667   1.00 32.41 ? 37  PHE A CE1 1 
ATOM   277  C  CE2 . PHE A 1 37  ? -14.909 -8.225  1.214   1.00 33.10 ? 37  PHE A CE2 1 
ATOM   278  C  CZ  . PHE A 1 37  ? -15.840 -9.216  1.453   1.00 32.39 ? 37  PHE A CZ  1 
ATOM   279  N  N   . ARG A 1 38  ? -12.428 -8.506  4.599   1.00 32.48 ? 38  ARG A N   1 
ATOM   280  C  CA  . ARG A 1 38  ? -12.092 -9.933  4.531   1.00 32.80 ? 38  ARG A CA  1 
ATOM   281  C  C   . ARG A 1 38  ? -10.667 -10.210 4.092   1.00 32.31 ? 38  ARG A C   1 
ATOM   282  O  O   . ARG A 1 38  ? -10.269 -9.818  2.989   1.00 33.11 ? 38  ARG A O   1 
ATOM   283  C  CB  . ARG A 1 38  ? -13.041 -10.644 3.547   1.00 33.47 ? 38  ARG A CB  1 
ATOM   284  C  CG  . ARG A 1 38  ? -12.965 -12.181 3.618   1.00 36.04 ? 38  ARG A CG  1 
ATOM   285  C  CD  . ARG A 1 38  ? -13.463 -12.806 2.307   1.00 38.66 ? 38  ARG A CD  1 
ATOM   286  N  NE  . ARG A 1 38  ? -12.723 -14.031 1.953   1.00 38.83 ? 38  ARG A NE  1 
ATOM   287  C  CZ  . ARG A 1 38  ? -12.962 -15.241 2.485   1.00 39.60 ? 38  ARG A CZ  1 
ATOM   288  N  NH1 . ARG A 1 38  ? -13.911 -15.403 3.414   1.00 37.34 ? 38  ARG A NH1 1 
ATOM   289  N  NH2 . ARG A 1 38  ? -12.238 -16.300 2.086   1.00 40.00 ? 38  ARG A NH2 1 
ATOM   290  N  N   . HIS A 1 39  ? -9.900  -10.907 4.925   1.00 31.38 ? 39  HIS A N   1 
ATOM   291  C  CA  . HIS A 1 39  ? -8.557  -11.326 4.513   1.00 30.89 ? 39  HIS A CA  1 
ATOM   292  C  C   . HIS A 1 39  ? -8.491  -12.801 4.053   1.00 30.30 ? 39  HIS A C   1 
ATOM   293  O  O   . HIS A 1 39  ? -8.830  -13.724 4.813   1.00 30.79 ? 39  HIS A O   1 
ATOM   294  C  CB  . HIS A 1 39  ? -7.503  -11.002 5.594   1.00 30.95 ? 39  HIS A CB  1 
ATOM   295  C  CG  . HIS A 1 39  ? -7.729  -11.698 6.902   1.00 31.50 ? 39  HIS A CG  1 
ATOM   296  N  ND1 . HIS A 1 39  ? -8.606  -11.223 7.855   1.00 32.13 ? 39  HIS A ND1 1 
ATOM   297  C  CD2 . HIS A 1 39  ? -7.189  -12.833 7.417   1.00 31.30 ? 39  HIS A CD2 1 
ATOM   298  C  CE1 . HIS A 1 39  ? -8.612  -12.044 8.893   1.00 31.84 ? 39  HIS A CE1 1 
ATOM   299  N  NE2 . HIS A 1 39  ? -7.756  -13.025 8.655   1.00 30.20 ? 39  HIS A NE2 1 
ATOM   300  N  N   . ASP A 1 40  ? -8.058  -13.005 2.805   1.00 29.51 ? 40  ASP A N   1 
ATOM   301  C  CA  . ASP A 1 40  ? -7.999  -14.328 2.173   1.00 28.91 ? 40  ASP A CA  1 
ATOM   302  C  C   . ASP A 1 40  ? -6.556  -14.878 2.105   1.00 29.00 ? 40  ASP A C   1 
ATOM   303  O  O   . ASP A 1 40  ? -5.713  -14.382 1.321   1.00 29.01 ? 40  ASP A O   1 
ATOM   304  C  CB  . ASP A 1 40  ? -8.646  -14.258 0.776   1.00 28.52 ? 40  ASP A CB  1 
ATOM   305  C  CG  . ASP A 1 40  ? -8.530  -15.560 -0.013  1.00 27.77 ? 40  ASP A CG  1 
ATOM   306  O  OD1 . ASP A 1 40  ? -7.879  -16.524 0.458   1.00 27.57 ? 40  ASP A OD1 1 
ATOM   307  O  OD2 . ASP A 1 40  ? -9.108  -15.623 -1.124  1.00 27.63 ? 40  ASP A OD2 1 
ATOM   308  N  N   . ARG A 1 41  ? -6.293  -15.909 2.914   1.00 28.35 ? 41  ARG A N   1 
ATOM   309  C  CA  . ARG A 1 41  ? -4.961  -16.487 3.030   1.00 28.15 ? 41  ARG A CA  1 
ATOM   310  C  C   . ARG A 1 41  ? -4.704  -17.551 1.996   1.00 28.00 ? 41  ARG A C   1 
ATOM   311  O  O   . ARG A 1 41  ? -3.619  -17.611 1.414   1.00 27.72 ? 41  ARG A O   1 
ATOM   312  C  CB  . ARG A 1 41  ? -4.715  -17.046 4.434   0.70 28.11 ? 41  ARG A CB  1 
ATOM   313  C  CG  . ARG A 1 41  ? -4.664  -15.950 5.483   0.70 28.73 ? 41  ARG A CG  1 
ATOM   314  C  CD  . ARG A 1 41  ? -4.372  -16.491 6.875   0.70 29.11 ? 41  ARG A CD  1 
ATOM   315  N  NE  . ARG A 1 41  ? -4.401  -15.408 7.872   0.70 28.81 ? 41  ARG A NE  1 
ATOM   316  C  CZ  . ARG A 1 41  ? -4.295  -15.589 9.192   0.70 29.09 ? 41  ARG A CZ  1 
ATOM   317  N  NH1 . ARG A 1 41  ? -4.341  -14.532 10.004  0.70 28.65 ? 41  ARG A NH1 1 
ATOM   318  N  NH2 . ARG A 1 41  ? -4.150  -16.827 9.699   0.70 28.94 ? 41  ARG A NH2 1 
ATOM   319  N  N   . GLN A 1 42  ? -5.713  -18.392 1.774   1.00 28.10 ? 42  GLN A N   1 
ATOM   320  C  CA  . GLN A 1 42  ? -5.630  -19.515 0.840   1.00 27.94 ? 42  GLN A CA  1 
ATOM   321  C  C   . GLN A 1 42  ? -5.031  -19.081 -0.513  1.00 28.14 ? 42  GLN A C   1 
ATOM   322  O  O   . GLN A 1 42  ? -4.353  -19.874 -1.169  1.00 28.59 ? 42  GLN A O   1 
ATOM   323  C  CB  . GLN A 1 42  ? -6.979  -20.229 0.732   1.00 27.88 ? 42  GLN A CB  1 
ATOM   324  C  CG  . GLN A 1 42  ? -7.803  -20.307 2.043   1.00 27.75 ? 42  GLN A CG  1 
ATOM   325  C  CD  . GLN A 1 42  ? -7.226  -21.258 3.096   1.00 26.81 ? 42  GLN A CD  1 
ATOM   326  O  OE1 . GLN A 1 42  ? -6.639  -22.298 2.771   1.00 26.00 ? 42  GLN A OE1 1 
ATOM   327  N  NE2 . GLN A 1 42  ? -7.405  -20.900 4.370   1.00 26.78 ? 42  GLN A NE2 1 
ATOM   328  N  N   . LEU A 1 43  ? -5.340  -17.828 -0.926  1.00 27.78 ? 43  LEU A N   1 
ATOM   329  C  CA  . LEU A 1 43  ? -4.931  -17.332 -2.236  1.00 27.90 ? 43  LEU A CA  1 
ATOM   330  C  C   . LEU A 1 43  ? -4.167  -15.974 -2.201  1.00 27.92 ? 43  LEU A C   1 
ATOM   331  O  O   . LEU A 1 43  ? -3.875  -15.392 -3.243  1.00 27.48 ? 43  LEU A O   1 
ATOM   332  C  CB  . LEU A 1 43  ? -6.186  -17.240 -3.129  1.00 27.70 ? 43  LEU A CB  1 
ATOM   333  C  CG  . LEU A 1 43  ? -7.212  -18.391 -3.226  1.00 28.72 ? 43  LEU A CG  1 
ATOM   334  C  CD1 . LEU A 1 43  ? -8.614  -17.890 -3.585  1.00 28.96 ? 43  LEU A CD1 1 
ATOM   335  C  CD2 . LEU A 1 43  ? -6.797  -19.536 -4.176  1.00 29.27 ? 43  LEU A CD2 1 
ATOM   336  N  N   . GLY A 1 44  ? -3.845  -15.487 -1.002  1.00 27.92 ? 44  GLY A N   1 
ATOM   337  C  CA  . GLY A 1 44  ? -3.094  -14.247 -0.841  1.00 28.15 ? 44  GLY A CA  1 
ATOM   338  C  C   . GLY A 1 44  ? -3.706  -12.929 -1.294  1.00 28.33 ? 44  GLY A C   1 
ATOM   339  O  O   . GLY A 1 44  ? -3.081  -12.152 -2.020  1.00 28.30 ? 44  GLY A O   1 
ATOM   340  N  N   . LYS A 1 45  ? -4.947  -12.697 -0.847  1.00 28.30 ? 45  LYS A N   1 
ATOM   341  C  CA  . LYS A 1 45  ? -5.754  -11.568 -1.290  1.00 27.83 ? 45  LYS A CA  1 
ATOM   342  C  C   . LYS A 1 45  ? -6.536  -10.962 -0.139  1.00 27.58 ? 45  LYS A C   1 
ATOM   343  O  O   . LYS A 1 45  ? -6.968  -11.670 0.775   1.00 27.67 ? 45  LYS A O   1 
ATOM   344  C  CB  . LYS A 1 45  ? -6.863  -11.993 -2.250  1.00 28.12 ? 45  LYS A CB  1 
ATOM   345  C  CG  . LYS A 1 45  ? -6.432  -12.309 -3.677  1.00 27.96 ? 45  LYS A CG  1 
ATOM   346  C  CD  . LYS A 1 45  ? -7.536  -13.128 -4.347  1.00 29.91 ? 45  LYS A CD  1 
ATOM   347  C  CE  . LYS A 1 45  ? -7.120  -13.750 -5.671  1.00 29.87 ? 45  LYS A CE  1 
ATOM   348  N  NZ  . LYS A 1 45  ? -8.046  -14.890 -6.033  1.00 28.82 ? 45  LYS A NZ  1 
ATOM   349  N  N   . LEU A 1 46  ? -6.699  -9.627  -0.240  1.00 27.39 ? 46  LEU A N   1 
ATOM   350  C  CA  . LEU A 1 46  ? -7.488  -8.871  0.697   1.00 26.60 ? 46  LEU A CA  1 
ATOM   351  C  C   . LEU A 1 46  ? -8.714  -8.484  -0.090  1.00 26.19 ? 46  LEU A C   1 
ATOM   352  O  O   . LEU A 1 46  ? -8.770  -8.654  -1.305  1.00 25.98 ? 46  LEU A O   1 
ATOM   353  C  CB  . LEU A 1 46  ? -6.775  -7.633  1.214   1.00 26.72 ? 46  LEU A CB  1 
ATOM   354  C  CG  . LEU A 1 46  ? -5.651  -7.881  2.208   1.00 27.26 ? 46  LEU A CG  1 
ATOM   355  C  CD1 . LEU A 1 46  ? -4.693  -6.699  2.257   1.00 29.30 ? 46  LEU A CD1 1 
ATOM   356  C  CD2 . LEU A 1 46  ? -6.207  -8.190  3.577   1.00 28.53 ? 46  LEU A CD2 1 
ATOM   357  N  N   . HIS A 1 47  ? -9.724  -8.017  0.627   1.00 26.47 ? 47  HIS A N   1 
ATOM   358  C  CA  . HIS A 1 47  ? -10.988 -7.651  0.025   1.00 26.30 ? 47  HIS A CA  1 
ATOM   359  C  C   . HIS A 1 47  ? -11.467 -6.434  0.766   1.00 26.47 ? 47  HIS A C   1 
ATOM   360  O  O   . HIS A 1 47  ? -11.585 -6.428  1.996   1.00 26.21 ? 47  HIS A O   1 
ATOM   361  C  CB  . HIS A 1 47  ? -12.040 -8.763  0.146   1.00 25.74 ? 47  HIS A CB  1 
ATOM   362  C  CG  . HIS A 1 47  ? -11.780 -9.969  -0.712  1.00 24.42 ? 47  HIS A CG  1 
ATOM   363  N  ND1 . HIS A 1 47  ? -12.026 -9.986  -2.074  1.00 24.32 ? 47  HIS A ND1 1 
ATOM   364  C  CD2 . HIS A 1 47  ? -11.351 -11.219 -0.393  1.00 22.53 ? 47  HIS A CD2 1 
ATOM   365  C  CE1 . HIS A 1 47  ? -11.745 -11.191 -2.567  1.00 24.40 ? 47  HIS A CE1 1 
ATOM   366  N  NE2 . HIS A 1 47  ? -11.325 -11.955 -1.566  1.00 22.84 ? 47  HIS A NE2 1 
ATOM   367  N  N   . TYR A 1 48  ? -11.712 -5.395  -0.016  1.00 26.76 ? 48  TYR A N   1 
ATOM   368  C  CA  . TYR A 1 48  ? -12.229 -4.152  0.478   1.00 26.92 ? 48  TYR A CA  1 
ATOM   369  C  C   . TYR A 1 48  ? -13.661 -3.897  0.026   1.00 26.90 ? 48  TYR A C   1 
ATOM   370  O  O   . TYR A 1 48  ? -14.053 -4.342  -1.055  1.00 26.66 ? 48  TYR A O   1 
ATOM   371  C  CB  . TYR A 1 48  ? -11.405 -3.033  -0.115  1.00 26.81 ? 48  TYR A CB  1 
ATOM   372  C  CG  . TYR A 1 48  ? -10.056 -2.870  0.527   1.00 26.48 ? 48  TYR A CG  1 
ATOM   373  C  CD1 . TYR A 1 48  ? -9.944  -2.299  1.795   1.00 25.60 ? 48  TYR A CD1 1 
ATOM   374  C  CD2 . TYR A 1 48  ? -8.884  -3.247  -0.156  1.00 26.57 ? 48  TYR A CD2 1 
ATOM   375  C  CE1 . TYR A 1 48  ? -8.715  -2.131  2.392   1.00 28.22 ? 48  TYR A CE1 1 
ATOM   376  C  CE2 . TYR A 1 48  ? -7.612  -3.070  0.424   1.00 26.97 ? 48  TYR A CE2 1 
ATOM   377  C  CZ  . TYR A 1 48  ? -7.534  -2.500  1.700   1.00 27.69 ? 48  TYR A CZ  1 
ATOM   378  O  OH  . TYR A 1 48  ? -6.328  -2.282  2.314   1.00 25.49 ? 48  TYR A OH  1 
ATOM   379  N  N   . LYS A 1 49  ? -14.404 -3.158  0.869   1.00 27.11 ? 49  LYS A N   1 
ATOM   380  C  CA  . LYS A 1 49  ? -15.766 -2.723  0.532   1.00 27.66 ? 49  LYS A CA  1 
ATOM   381  C  C   . LYS A 1 49  ? -15.730 -1.201  0.588   1.00 27.94 ? 49  LYS A C   1 
ATOM   382  O  O   . LYS A 1 49  ? -15.888 -0.605  1.665   1.00 27.82 ? 49  LYS A O   1 
ATOM   383  C  CB  . LYS A 1 49  ? -16.830 -3.239  1.522   1.00 27.85 ? 49  LYS A CB  1 
ATOM   384  C  CG  . LYS A 1 49  ? -17.203 -4.716  1.407   1.00 27.51 ? 49  LYS A CG  1 
ATOM   385  C  CD  . LYS A 1 49  ? -18.146 -5.086  2.544   1.00 27.57 ? 49  LYS A CD  1 
ATOM   386  C  CE  . LYS A 1 49  ? -19.192 -6.110  2.133   1.00 26.54 ? 49  LYS A CE  1 
ATOM   387  N  NZ  . LYS A 1 49  ? -20.231 -6.205  3.196   1.00 26.63 ? 49  LYS A NZ  1 
ATOM   388  N  N   . LEU A 1 50  ? -15.538 -0.571  -0.568  1.00 28.29 ? 50  LEU A N   1 
ATOM   389  C  CA  . LEU A 1 50  ? -15.292 0.865   -0.610  1.00 28.77 ? 50  LEU A CA  1 
ATOM   390  C  C   . LEU A 1 50  ? -16.458 1.759   -0.929  1.00 28.86 ? 50  LEU A C   1 
ATOM   391  O  O   . LEU A 1 50  ? -17.225 1.494   -1.871  1.00 29.03 ? 50  LEU A O   1 
ATOM   392  C  CB  . LEU A 1 50  ? -14.276 1.179   -1.694  1.00 29.13 ? 50  LEU A CB  1 
ATOM   393  C  CG  . LEU A 1 50  ? -12.916 0.585   -1.395  1.00 29.51 ? 50  LEU A CG  1 
ATOM   394  C  CD1 . LEU A 1 50  ? -12.014 0.815   -2.579  1.00 28.92 ? 50  LEU A CD1 1 
ATOM   395  C  CD2 . LEU A 1 50  ? -12.381 1.172   -0.075  1.00 32.11 ? 50  LEU A CD2 1 
ATOM   396  N  N   . LEU A 1 51  ? -16.533 2.859   -0.164  1.00 29.08 ? 51  LEU A N   1 
ATOM   397  C  CA  . LEU A 1 51  ? -17.560 3.869   -0.434  1.00 29.39 ? 51  LEU A CA  1 
ATOM   398  C  C   . LEU A 1 51  ? -17.024 4.700   -1.597  1.00 29.32 ? 51  LEU A C   1 
ATOM   399  O  O   . LEU A 1 51  ? -15.791 4.867   -1.736  1.00 29.11 ? 51  LEU A O   1 
ATOM   400  C  CB  . LEU A 1 51  ? -17.808 4.779   0.776   1.00 29.52 ? 51  LEU A CB  1 
ATOM   401  C  CG  . LEU A 1 51  ? -18.533 4.285   2.037   1.00 30.39 ? 51  LEU A CG  1 
ATOM   402  C  CD1 . LEU A 1 51  ? -18.008 5.051   3.252   1.00 32.06 ? 51  LEU A CD1 1 
ATOM   403  C  CD2 . LEU A 1 51  ? -20.051 4.413   1.936   1.00 28.98 ? 51  LEU A CD2 1 
ATOM   404  N  N   . PRO A 1 52  ? -17.962 5.224   -2.430  1.00 29.05 ? 52  PRO A N   1 
ATOM   405  C  CA  . PRO A 1 52  ? -17.650 6.160   -3.510  1.00 28.76 ? 52  PRO A CA  1 
ATOM   406  C  C   . PRO A 1 52  ? -16.689 7.210   -2.943  1.00 28.38 ? 52  PRO A C   1 
ATOM   407  O  O   . PRO A 1 52  ? -16.980 7.844   -1.928  1.00 28.11 ? 52  PRO A O   1 
ATOM   408  C  CB  . PRO A 1 52  ? -19.031 6.767   -3.835  1.00 29.10 ? 52  PRO A CB  1 
ATOM   409  C  CG  . PRO A 1 52  ? -20.061 5.724   -3.441  1.00 29.21 ? 52  PRO A CG  1 
ATOM   410  C  CD  . PRO A 1 52  ? -19.329 4.675   -2.532  1.00 29.55 ? 52  PRO A CD  1 
ATOM   411  N  N   . GLY A 1 53  ? -15.531 7.348   -3.575  1.00 28.18 ? 53  GLY A N   1 
ATOM   412  C  CA  . GLY A 1 53  ? -14.591 8.414   -3.266  1.00 27.70 ? 53  GLY A CA  1 
ATOM   413  C  C   . GLY A 1 53  ? -13.299 8.041   -3.955  1.00 27.51 ? 53  GLY A C   1 
ATOM   414  O  O   . GLY A 1 53  ? -13.276 7.174   -4.839  1.00 27.04 ? 53  GLY A O   1 
ATOM   415  N  N   . ASN A 1 54  ? -12.199 8.650   -3.441  1.00 27.89 ? 54  ASN A N   1 
ATOM   416  C  CA  . ASN A 1 54  ? -10.891 8.316   -3.996  1.00 27.29 ? 54  ASN A CA  1 
ATOM   417  C  C   . ASN A 1 54  ? -10.172 7.657   -2.874  1.00 27.56 ? 54  ASN A C   1 
ATOM   418  O  O   . ASN A 1 54  ? -10.414 7.977   -1.704  1.00 27.86 ? 54  ASN A O   1 
ATOM   419  C  CB  . ASN A 1 54  ? -10.099 9.522   -4.469  1.00 26.98 ? 54  ASN A CB  1 
ATOM   420  C  CG  . ASN A 1 54  ? -10.823 10.287  -5.586  1.00 24.82 ? 54  ASN A CG  1 
ATOM   421  O  OD1 . ASN A 1 54  ? -11.355 11.368  -5.354  1.00 22.19 ? 54  ASN A OD1 1 
ATOM   422  N  ND2 . ASN A 1 54  ? -10.835 9.722   -6.790  1.00 21.52 ? 54  ASN A ND2 1 
ATOM   423  N  N   . TYR A 1 55  ? -9.304  6.715   -3.245  1.00 28.11 ? 55  TYR A N   1 
ATOM   424  C  CA  . TYR A 1 55  ? -8.342  6.057   -2.345  1.00 27.63 ? 55  TYR A CA  1 
ATOM   425  C  C   . TYR A 1 55  ? -7.060  5.916   -3.151  1.00 27.94 ? 55  TYR A C   1 
ATOM   426  O  O   . TYR A 1 55  ? -7.039  6.282   -4.341  1.00 28.32 ? 55  TYR A O   1 
ATOM   427  C  CB  . TYR A 1 55  ? -8.845  4.668   -1.899  1.00 27.81 ? 55  TYR A CB  1 
ATOM   428  C  CG  . TYR A 1 55  ? -10.252 4.691   -1.316  1.00 27.05 ? 55  TYR A CG  1 
ATOM   429  C  CD1 . TYR A 1 55  ? -10.462 4.954   0.032   1.00 26.33 ? 55  TYR A CD1 1 
ATOM   430  C  CD2 . TYR A 1 55  ? -11.375 4.479   -2.137  1.00 26.75 ? 55  TYR A CD2 1 
ATOM   431  C  CE1 . TYR A 1 55  ? -11.755 5.006   0.561   1.00 27.81 ? 55  TYR A CE1 1 
ATOM   432  C  CE2 . TYR A 1 55  ? -12.655 4.519   -1.621  1.00 26.45 ? 55  TYR A CE2 1 
ATOM   433  C  CZ  . TYR A 1 55  ? -12.846 4.789   -0.271  1.00 26.66 ? 55  TYR A CZ  1 
ATOM   434  O  OH  . TYR A 1 55  ? -14.117 4.837   0.257   1.00 26.73 ? 55  TYR A OH  1 
ATOM   435  N  N   . ILE A 1 56  ? -5.999  5.413   -2.512  1.00 27.87 ? 56  ILE A N   1 
ATOM   436  C  CA  . ILE A 1 56  ? -4.717  5.199   -3.150  1.00 27.76 ? 56  ILE A CA  1 
ATOM   437  C  C   . ILE A 1 56  ? -4.259  3.801   -2.802  1.00 28.77 ? 56  ILE A C   1 
ATOM   438  O  O   . ILE A 1 56  ? -4.300  3.384   -1.631  1.00 28.87 ? 56  ILE A O   1 
ATOM   439  C  CB  . ILE A 1 56  ? -3.661  6.238   -2.670  1.00 28.00 ? 56  ILE A CB  1 
ATOM   440  C  CG1 . ILE A 1 56  ? -3.915  7.644   -3.271  1.00 26.45 ? 56  ILE A CG1 1 
ATOM   441  C  CG2 . ILE A 1 56  ? -2.239  5.804   -3.029  1.00 27.54 ? 56  ILE A CG2 1 
ATOM   442  C  CD1 . ILE A 1 56  ? -3.710  8.758   -2.258  1.00 24.39 ? 56  ILE A CD1 1 
ATOM   443  N  N   . LYS A 1 57  ? -3.831  3.058   -3.815  1.00 29.39 ? 57  LYS A N   1 
ATOM   444  C  CA  . LYS A 1 57  ? -3.190  1.769   -3.592  1.00 29.16 ? 57  LYS A CA  1 
ATOM   445  C  C   . LYS A 1 57  ? -1.654  1.728   -3.609  1.00 29.45 ? 57  LYS A C   1 
ATOM   446  O  O   . LYS A 1 57  ? -1.048  1.737   -4.676  1.00 29.58 ? 57  LYS A O   1 
ATOM   447  C  CB  . LYS A 1 57  ? -3.569  0.825   -4.726  1.00 29.18 ? 57  LYS A CB  1 
ATOM   448  C  CG  . LYS A 1 57  ? -3.340  -0.644  -4.421  1.00 29.33 ? 57  LYS A CG  1 
ATOM   449  C  CD  . LYS A 1 57  ? -3.873  -1.506  -5.561  1.00 29.96 ? 57  LYS A CD  1 
ATOM   450  C  CE  . LYS A 1 57  ? -2.902  -1.562  -6.788  1.00 31.19 ? 57  LYS A CE  1 
ATOM   451  N  NZ  . LYS A 1 57  ? -3.631  -2.037  -8.017  1.00 34.93 ? 57  LYS A NZ  1 
ATOM   452  N  N   . PHE A 1 58  ? -1.053  1.538   -2.396  1.00 29.63 ? 58  PHE A N   1 
ATOM   453  C  CA  . PHE A 1 58  ? 0.418   1.447   -2.385  1.00 29.19 ? 58  PHE A CA  1 
ATOM   454  C  C   . PHE A 1 58  ? 0.698   -0.013  -2.714  1.00 29.02 ? 58  PHE A C   1 
ATOM   455  O  O   . PHE A 1 58  ? -0.064  -0.908  -2.293  1.00 28.87 ? 58  PHE A O   1 
ATOM   456  C  CB  . PHE A 1 58  ? 1.021   1.809   -1.028  1.00 28.46 ? 58  PHE A CB  1 
ATOM   457  C  CG  . PHE A 1 58  ? 0.729   3.240   -0.591  1.00 29.89 ? 58  PHE A CG  1 
ATOM   458  C  CD1 . PHE A 1 58  ? 1.290   4.335   -1.286  1.00 28.89 ? 58  PHE A CD1 1 
ATOM   459  C  CD2 . PHE A 1 58  ? -0.118  3.500   0.489   1.00 28.83 ? 58  PHE A CD2 1 
ATOM   460  C  CE1 . PHE A 1 58  ? 1.047   5.640   -0.883  1.00 26.49 ? 58  PHE A CE1 1 
ATOM   461  C  CE2 . PHE A 1 58  ? -0.369  4.805   0.891   1.00 28.75 ? 58  PHE A CE2 1 
ATOM   462  C  CZ  . PHE A 1 58  ? 0.223   5.879   0.213   1.00 27.32 ? 58  PHE A CZ  1 
ATOM   463  N  N   . GLY A 1 59  ? 1.763   -0.244  -3.496  1.00 29.27 ? 59  GLY A N   1 
ATOM   464  C  CA  . GLY A 1 59  ? 2.180   -1.588  -3.914  1.00 29.24 ? 59  GLY A CA  1 
ATOM   465  C  C   . GLY A 1 59  ? 3.671   -1.820  -3.660  1.00 29.99 ? 59  GLY A C   1 
ATOM   466  O  O   . GLY A 1 59  ? 4.503   -0.924  -3.886  1.00 29.68 ? 59  GLY A O   1 
ATOM   467  N  N   . LEU A 1 60  ? 4.003   -3.026  -3.177  1.00 29.85 ? 60  LEU A N   1 
ATOM   468  C  CA  . LEU A 1 60  ? 5.357   -3.406  -2.916  1.00 30.06 ? 60  LEU A CA  1 
ATOM   469  C  C   . LEU A 1 60  ? 5.573   -4.829  -3.377  1.00 30.23 ? 60  LEU A C   1 
ATOM   470  O  O   . LEU A 1 60  ? 5.079   -5.771  -2.748  1.00 30.76 ? 60  LEU A O   1 
ATOM   471  C  CB  . LEU A 1 60  ? 5.726   -3.244  -1.424  1.00 30.17 ? 60  LEU A CB  1 
ATOM   472  C  CG  . LEU A 1 60  ? 7.149   -3.688  -0.979  1.00 30.35 ? 60  LEU A CG  1 
ATOM   473  C  CD1 . LEU A 1 60  ? 8.236   -2.866  -1.652  1.00 29.35 ? 60  LEU A CD1 1 
ATOM   474  C  CD2 . LEU A 1 60  ? 7.298   -3.628  0.557   1.00 30.41 ? 60  LEU A CD2 1 
ATOM   475  N  N   . TYR A 1 61  ? 6.259   -4.971  -4.507  1.00 30.04 ? 61  TYR A N   1 
ATOM   476  C  CA  . TYR A 1 61  ? 6.506   -6.259  -5.107  1.00 30.02 ? 61  TYR A CA  1 
ATOM   477  C  C   . TYR A 1 61  ? 7.978   -6.564  -4.836  1.00 30.32 ? 61  TYR A C   1 
ATOM   478  O  O   . TYR A 1 61  ? 8.875   -5.711  -5.011  1.00 30.46 ? 61  TYR A O   1 
ATOM   479  C  CB  . TYR A 1 61  ? 6.134   -6.216  -6.585  1.00 30.23 ? 61  TYR A CB  1 
ATOM   480  C  CG  . TYR A 1 61  ? 4.862   -5.457  -6.880  1.00 31.20 ? 61  TYR A CG  1 
ATOM   481  C  CD1 . TYR A 1 61  ? 3.610   -6.110  -6.865  1.00 35.06 ? 61  TYR A CD1 1 
ATOM   482  C  CD2 . TYR A 1 61  ? 4.893   -4.101  -7.172  1.00 31.33 ? 61  TYR A CD2 1 
ATOM   483  C  CE1 . TYR A 1 61  ? 2.429   -5.422  -7.154  1.00 34.27 ? 61  TYR A CE1 1 
ATOM   484  C  CE2 . TYR A 1 61  ? 3.745   -3.398  -7.455  1.00 32.47 ? 61  TYR A CE2 1 
ATOM   485  C  CZ  . TYR A 1 61  ? 2.499   -4.062  -7.434  1.00 36.31 ? 61  TYR A CZ  1 
ATOM   486  O  OH  . TYR A 1 61  ? 1.318   -3.387  -7.723  1.00 34.99 ? 61  TYR A OH  1 
ATOM   487  N  N   . VAL A 1 62  ? 8.234   -7.779  -4.362  1.00 29.75 ? 62  VAL A N   1 
ATOM   488  C  CA  . VAL A 1 62  ? 9.569   -8.061  -3.980  1.00 29.40 ? 62  VAL A CA  1 
ATOM   489  C  C   . VAL A 1 62  ? 10.019  -9.416  -4.471  1.00 29.35 ? 62  VAL A C   1 
ATOM   490  O  O   . VAL A 1 62  ? 9.370   -10.429 -4.207  1.00 29.22 ? 62  VAL A O   1 
ATOM   491  C  CB  . VAL A 1 62  ? 9.694   -7.977  -2.439  1.00 29.58 ? 62  VAL A CB  1 
ATOM   492  C  CG1 . VAL A 1 62  ? 11.068  -8.491  -1.974  1.00 29.74 ? 62  VAL A CG1 1 
ATOM   493  C  CG2 . VAL A 1 62  ? 9.527   -6.585  -1.968  1.00 28.79 ? 62  VAL A CG2 1 
ATOM   494  N  N   . LEU A 1 63  ? 11.151  -9.427  -5.172  1.00 29.10 ? 63  LEU A N   1 
ATOM   495  C  CA  . LEU A 1 63  ? 11.777  -10.672 -5.534  1.00 29.47 ? 63  LEU A CA  1 
ATOM   496  C  C   . LEU A 1 63  ? 12.956  -10.801 -4.540  1.00 29.69 ? 63  LEU A C   1 
ATOM   497  O  O   . LEU A 1 63  ? 14.037  -10.183 -4.693  1.00 30.04 ? 63  LEU A O   1 
ATOM   498  C  CB  . LEU A 1 63  ? 12.143  -10.675 -7.017  1.00 29.61 ? 63  LEU A CB  1 
ATOM   499  C  CG  . LEU A 1 63  ? 11.059  -10.951 -8.066  1.00 29.10 ? 63  LEU A CG  1 
ATOM   500  C  CD1 . LEU A 1 63  ? 11.749  -11.046 -9.430  1.00 27.66 ? 63  LEU A CD1 1 
ATOM   501  C  CD2 . LEU A 1 63  ? 10.265  -12.233 -7.763  1.00 29.41 ? 63  LEU A CD2 1 
ATOM   502  N  N   . LYS A 1 64  ? 12.729  -11.609 -3.517  1.00 29.35 ? 64  LYS A N   1 
ATOM   503  C  CA  . LYS A 1 64  ? 13.692  -11.771 -2.454  1.00 29.43 ? 64  LYS A CA  1 
ATOM   504  C  C   . LYS A 1 64  ? 15.109  -12.100 -2.964  1.00 29.75 ? 64  LYS A C   1 
ATOM   505  O  O   . LYS A 1 64  ? 16.063  -11.311 -2.783  1.00 30.10 ? 64  LYS A O   1 
ATOM   506  C  CB  . LYS A 1 64  ? 13.181  -12.818 -1.450  1.00 29.24 ? 64  LYS A CB  1 
ATOM   507  C  CG  . LYS A 1 64  ? 12.009  -12.325 -0.579  1.00 30.59 ? 64  LYS A CG  1 
ATOM   508  C  CD  . LYS A 1 64  ? 11.500  -13.406 0.385   1.00 30.99 ? 64  LYS A CD  1 
ATOM   509  C  CE  . LYS A 1 64  ? 10.171  -12.994 1.071   1.00 30.26 ? 64  LYS A CE  1 
ATOM   510  N  NZ  . LYS A 1 64  ? 9.729   -14.063 2.026   1.00 29.24 ? 64  LYS A NZ  1 
ATOM   511  N  N   . ASN A 1 65  ? 15.249  -13.245 -3.622  1.00 29.42 ? 65  ASN A N   1 
ATOM   512  C  CA  . ASN A 1 65  ? 16.565  -13.741 -4.003  1.00 29.33 ? 65  ASN A CA  1 
ATOM   513  C  C   . ASN A 1 65  ? 17.315  -12.905 -5.035  1.00 29.04 ? 65  ASN A C   1 
ATOM   514  O  O   . ASN A 1 65  ? 18.495  -13.102 -5.217  1.00 29.77 ? 65  ASN A O   1 
ATOM   515  C  CB  . ASN A 1 65  ? 16.472  -15.199 -4.462  1.00 29.26 ? 65  ASN A CB  1 
ATOM   516  C  CG  . ASN A 1 65  ? 15.683  -16.055 -3.491  1.00 28.75 ? 65  ASN A CG  1 
ATOM   517  O  OD1 . ASN A 1 65  ? 15.618  -15.780 -2.277  1.00 28.76 ? 65  ASN A OD1 1 
ATOM   518  N  ND2 . ASN A 1 65  ? 15.059  -17.090 -4.020  1.00 28.20 ? 65  ASN A ND2 1 
ATOM   519  N  N   . GLN A 1 66  ? 16.627  -12.000 -5.720  1.00 28.81 ? 66  GLN A N   1 
ATOM   520  C  CA  . GLN A 1 66  ? 17.264  -11.050 -6.639  1.00 28.04 ? 66  GLN A CA  1 
ATOM   521  C  C   . GLN A 1 66  ? 17.466  -9.673  -5.969  1.00 27.44 ? 66  GLN A C   1 
ATOM   522  O  O   . GLN A 1 66  ? 17.618  -8.659  -6.674  1.00 26.35 ? 66  GLN A O   1 
ATOM   523  C  CB  . GLN A 1 66  ? 16.345  -10.787 -7.853  1.00 28.62 ? 66  GLN A CB  1 
ATOM   524  C  CG  . GLN A 1 66  ? 16.013  -11.961 -8.749  1.00 29.01 ? 66  GLN A CG  1 
ATOM   525  C  CD  . GLN A 1 66  ? 17.228  -12.568 -9.410  1.00 30.61 ? 66  GLN A CD  1 
ATOM   526  O  OE1 . GLN A 1 66  ? 18.218  -11.877 -9.695  1.00 29.82 ? 66  GLN A OE1 1 
ATOM   527  N  NE2 . GLN A 1 66  ? 17.155  -13.882 -9.679  1.00 31.11 ? 66  GLN A NE2 1 
ATOM   528  N  N   . ASP A 1 67  ? 17.238  -9.683  -4.590  1.00 27.19 ? 67  ASP A N   1 
ATOM   529  C  CA  . ASP A 1 67  ? 17.282  -8.402  -3.834  1.00 27.30 ? 67  ASP A CA  1 
ATOM   530  C  C   . ASP A 1 67  ? 16.414  -7.333  -4.574  1.00 26.93 ? 67  ASP A C   1 
ATOM   531  O  O   . ASP A 1 67  ? 16.784  -6.149  -4.701  1.00 26.67 ? 67  ASP A O   1 
ATOM   532  C  CB  . ASP A 1 67  ? 18.654  -7.807  -3.540  1.00 26.79 ? 67  ASP A CB  1 
ATOM   533  C  CG  . ASP A 1 67  ? 18.644  -6.887  -2.316  1.00 28.83 ? 67  ASP A CG  1 
ATOM   534  O  OD1 . ASP A 1 67  ? 17.538  -6.522  -1.800  1.00 29.01 ? 67  ASP A OD1 1 
ATOM   535  O  OD2 . ASP A 1 67  ? 19.762  -6.544  -1.858  1.00 28.61 ? 67  ASP A OD2 1 
ATOM   536  N  N   . TYR A 1 68  ? 15.290  -7.767  -5.138  1.00 26.39 ? 68  TYR A N   1 
ATOM   537  C  CA  . TYR A 1 68  ? 14.526  -6.775  -5.887  1.00 26.80 ? 68  TYR A CA  1 
ATOM   538  C  C   . TYR A 1 68  ? 13.215  -6.291  -5.246  1.00 26.81 ? 68  TYR A C   1 
ATOM   539  O  O   . TYR A 1 68  ? 12.417  -7.103  -4.782  1.00 26.52 ? 68  TYR A O   1 
ATOM   540  C  CB  . TYR A 1 68  ? 14.337  -7.320  -7.298  1.00 26.21 ? 68  TYR A CB  1 
ATOM   541  C  CG  . TYR A 1 68  ? 13.525  -6.449  -8.188  1.00 26.93 ? 68  TYR A CG  1 
ATOM   542  C  CD1 . TYR A 1 68  ? 14.126  -5.496  -8.996  1.00 26.53 ? 68  TYR A CD1 1 
ATOM   543  C  CD2 . TYR A 1 68  ? 12.124  -6.595  -8.249  1.00 27.21 ? 68  TYR A CD2 1 
ATOM   544  C  CE1 . TYR A 1 68  ? 13.341  -4.682  -9.850  1.00 28.35 ? 68  TYR A CE1 1 
ATOM   545  C  CE2 . TYR A 1 68  ? 11.350  -5.802  -9.073  1.00 26.47 ? 68  TYR A CE2 1 
ATOM   546  C  CZ  . TYR A 1 68  ? 11.956  -4.845  -9.873  1.00 27.29 ? 68  TYR A CZ  1 
ATOM   547  O  OH  . TYR A 1 68  ? 11.183  -4.060  -10.703 1.00 28.90 ? 68  TYR A OH  1 
ATOM   548  N  N   . ALA A 1 69  ? 13.040  -4.964  -5.207  1.00 27.15 ? 69  ALA A N   1 
ATOM   549  C  CA  . ALA A 1 69  ? 11.795  -4.359  -4.742  1.00 28.26 ? 69  ALA A CA  1 
ATOM   550  C  C   . ALA A 1 69  ? 11.312  -3.278  -5.677  1.00 27.92 ? 69  ALA A C   1 
ATOM   551  O  O   . ALA A 1 69  ? 12.037  -2.385  -6.012  1.00 28.50 ? 69  ALA A O   1 
ATOM   552  C  CB  . ALA A 1 69  ? 11.973  -3.784  -3.353  1.00 28.16 ? 69  ALA A CB  1 
ATOM   553  N  N   . ARG A 1 70  ? 10.072  -3.361  -6.095  1.00 28.49 ? 70  ARG A N   1 
ATOM   554  C  CA  . ARG A 1 70  ? 9.452   -2.275  -6.828  1.00 28.74 ? 70  ARG A CA  1 
ATOM   555  C  C   . ARG A 1 70  ? 8.361   -1.695  -5.954  1.00 28.49 ? 70  ARG A C   1 
ATOM   556  O  O   . ARG A 1 70  ? 7.678   -2.432  -5.215  1.00 28.68 ? 70  ARG A O   1 
ATOM   557  C  CB  . ARG A 1 70  ? 8.871   -2.775  -8.144  1.00 29.27 ? 70  ARG A CB  1 
ATOM   558  C  CG  . ARG A 1 70  ? 8.400   -1.649  -9.042  1.00 31.52 ? 70  ARG A CG  1 
ATOM   559  C  CD  . ARG A 1 70  ? 7.764   -2.077  -10.387 1.00 32.65 ? 70  ARG A CD  1 
ATOM   560  N  NE  . ARG A 1 70  ? 6.715   -3.075  -10.282 1.00 28.93 ? 70  ARG A NE  1 
ATOM   561  C  CZ  . ARG A 1 70  ? 6.944   -4.384  -10.395 1.00 30.28 ? 70  ARG A CZ  1 
ATOM   562  N  NH1 . ARG A 1 70  ? 8.197   -4.823  -10.601 1.00 26.60 ? 70  ARG A NH1 1 
ATOM   563  N  NH2 . ARG A 1 70  ? 5.921   -5.259  -10.289 1.00 29.95 ? 70  ARG A NH2 1 
ATOM   564  N  N   . PHE A 1 71  ? 8.211   -0.377  -5.993  1.00 28.13 ? 71  PHE A N   1 
ATOM   565  C  CA  . PHE A 1 71  ? 7.176   0.257   -5.198  1.00 28.29 ? 71  PHE A CA  1 
ATOM   566  C  C   . PHE A 1 71  ? 6.350   1.127   -6.141  1.00 28.54 ? 71  PHE A C   1 
ATOM   567  O  O   . PHE A 1 71  ? 6.900   1.892   -6.959  1.00 27.65 ? 71  PHE A O   1 
ATOM   568  C  CB  . PHE A 1 71  ? 7.778   1.037   -4.024  1.00 28.10 ? 71  PHE A CB  1 
ATOM   569  C  CG  . PHE A 1 71  ? 6.788   1.904   -3.273  1.00 27.98 ? 71  PHE A CG  1 
ATOM   570  C  CD1 . PHE A 1 71  ? 5.824   1.320   -2.411  1.00 28.34 ? 71  PHE A CD1 1 
ATOM   571  C  CD2 . PHE A 1 71  ? 6.804   3.301   -3.441  1.00 26.71 ? 71  PHE A CD2 1 
ATOM   572  C  CE1 . PHE A 1 71  ? 4.876   2.099   -1.751  1.00 28.06 ? 71  PHE A CE1 1 
ATOM   573  C  CE2 . PHE A 1 71  ? 5.911   4.100   -2.769  1.00 27.15 ? 71  PHE A CE2 1 
ATOM   574  C  CZ  . PHE A 1 71  ? 4.907   3.496   -1.915  1.00 28.87 ? 71  PHE A CZ  1 
ATOM   575  N  N   . GLU A 1 72  ? 5.029   0.950   -6.064  1.00 28.40 ? 72  GLU A N   1 
ATOM   576  C  CA  . GLU A 1 72  ? 4.125   1.663   -6.950  1.00 28.85 ? 72  GLU A CA  1 
ATOM   577  C  C   . GLU A 1 72  ? 3.111   2.422   -6.166  1.00 28.51 ? 72  GLU A C   1 
ATOM   578  O  O   . GLU A 1 72  ? 2.790   2.030   -5.038  1.00 28.89 ? 72  GLU A O   1 
ATOM   579  C  CB  . GLU A 1 72  ? 3.423   0.695   -7.881  1.00 28.75 ? 72  GLU A CB  1 
ATOM   580  C  CG  . GLU A 1 72  ? 4.361   0.111   -8.853  1.00 31.27 ? 72  GLU A CG  1 
ATOM   581  C  CD  . GLU A 1 72  ? 3.723   -0.771  -9.878  1.00 33.96 ? 72  GLU A CD  1 
ATOM   582  O  OE1 . GLU A 1 72  ? 2.474   -0.846  -9.910  1.00 35.96 ? 72  GLU A OE1 1 
ATOM   583  O  OE2 . GLU A 1 72  ? 4.498   -1.386  -10.673 1.00 37.20 ? 72  GLU A OE2 1 
ATOM   584  N  N   . ILE A 1 73  ? 2.626   3.514   -6.745  1.00 27.56 ? 73  ILE A N   1 
ATOM   585  C  CA  . ILE A 1 73  ? 1.486   4.212   -6.201  1.00 27.23 ? 73  ILE A CA  1 
ATOM   586  C  C   . ILE A 1 73  ? 0.469   4.438   -7.327  1.00 28.22 ? 73  ILE A C   1 
ATOM   587  O  O   . ILE A 1 73  ? 0.754   5.064   -8.386  1.00 27.84 ? 73  ILE A O   1 
ATOM   588  C  CB  . ILE A 1 73  ? 1.864   5.538   -5.543  1.00 27.33 ? 73  ILE A CB  1 
ATOM   589  C  CG1 . ILE A 1 73  ? 2.975   5.332   -4.473  1.00 26.13 ? 73  ILE A CG1 1 
ATOM   590  C  CG2 . ILE A 1 73  ? 0.609   6.209   -4.993  1.00 25.98 ? 73  ILE A CG2 1 
ATOM   591  C  CD1 . ILE A 1 73  ? 3.683   6.575   -3.978  1.00 21.30 ? 73  ILE A CD1 1 
ATOM   592  N  N   . ALA A 1 74  ? -0.722  3.890   -7.101  1.00 28.65 ? 74  ALA A N   1 
ATOM   593  C  CA  . ALA A 1 74  ? -1.784  3.929   -8.089  1.00 29.45 ? 74  ALA A CA  1 
ATOM   594  C  C   . ALA A 1 74  ? -2.971  4.690   -7.538  1.00 29.34 ? 74  ALA A C   1 
ATOM   595  O  O   . ALA A 1 74  ? -3.164  4.768   -6.329  1.00 29.58 ? 74  ALA A O   1 
ATOM   596  C  CB  . ALA A 1 74  ? -2.177  2.516   -8.506  1.00 29.49 ? 74  ALA A CB  1 
ATOM   597  N  N   . TRP A 1 75  ? -3.744  5.290   -8.417  1.00 29.90 ? 75  TRP A N   1 
ATOM   598  C  CA  . TRP A 1 75  ? -4.831  6.121   -7.944  1.00 30.05 ? 75  TRP A CA  1 
ATOM   599  C  C   . TRP A 1 75  ? -6.089  5.370   -8.251  1.00 29.78 ? 75  TRP A C   1 
ATOM   600  O  O   . TRP A 1 75  ? -6.334  4.995   -9.404  1.00 30.32 ? 75  TRP A O   1 
ATOM   601  C  CB  . TRP A 1 75  ? -4.833  7.482   -8.622  1.00 29.29 ? 75  TRP A CB  1 
ATOM   602  C  CG  . TRP A 1 75  ? -5.988  8.344   -8.212  1.00 30.85 ? 75  TRP A CG  1 
ATOM   603  C  CD1 . TRP A 1 75  ? -7.218  8.478   -8.892  1.00 32.76 ? 75  TRP A CD1 1 
ATOM   604  C  CD2 . TRP A 1 75  ? -6.032  9.239   -7.073  1.00 30.93 ? 75  TRP A CD2 1 
ATOM   605  N  NE1 . TRP A 1 75  ? -8.009  9.393   -8.232  1.00 33.35 ? 75  TRP A NE1 1 
ATOM   606  C  CE2 . TRP A 1 75  ? -7.323  9.861   -7.105  1.00 32.53 ? 75  TRP A CE2 1 
ATOM   607  C  CE3 . TRP A 1 75  ? -5.112  9.587   -6.033  1.00 31.91 ? 75  TRP A CE3 1 
ATOM   608  C  CZ2 . TRP A 1 75  ? -7.710  10.820  -6.123  1.00 31.73 ? 75  TRP A CZ2 1 
ATOM   609  C  CZ3 . TRP A 1 75  ? -5.510  10.522  -5.039  1.00 33.08 ? 75  TRP A CZ3 1 
ATOM   610  C  CH2 . TRP A 1 75  ? -6.803  11.127  -5.100  1.00 33.05 ? 75  TRP A CH2 1 
ATOM   611  N  N   . VAL A 1 76  ? -6.893  5.156   -7.224  1.00 29.27 ? 76  VAL A N   1 
ATOM   612  C  CA  . VAL A 1 76  ? -8.104  4.397   -7.398  1.00 29.56 ? 76  VAL A CA  1 
ATOM   613  C  C   . VAL A 1 76  ? -9.326  5.312   -7.331  1.00 29.91 ? 76  VAL A C   1 
ATOM   614  O  O   . VAL A 1 76  ? -9.550  6.013   -6.331  1.00 30.34 ? 76  VAL A O   1 
ATOM   615  C  CB  . VAL A 1 76  ? -8.146  3.217   -6.434  1.00 29.39 ? 76  VAL A CB  1 
ATOM   616  C  CG1 . VAL A 1 76  ? -9.532  2.835   -6.080  1.00 29.30 ? 76  VAL A CG1 1 
ATOM   617  C  CG2 . VAL A 1 76  ? -7.404  2.032   -7.055  1.00 29.64 ? 76  VAL A CG2 1 
ATOM   618  N  N   . HIS A 1 77  ? -10.122 5.278   -8.424  1.00 29.40 ? 77  HIS A N   1 
ATOM   619  C  CA  . HIS A 1 77  ? -11.226 6.181   -8.609  1.00 29.52 ? 77  HIS A CA  1 
ATOM   620  C  C   . HIS A 1 77  ? -12.582 5.460   -8.653  1.00 29.46 ? 77  HIS A C   1 
ATOM   621  O  O   . HIS A 1 77  ? -12.859 4.685   -9.573  1.00 29.34 ? 77  HIS A O   1 
ATOM   622  C  CB  . HIS A 1 77  ? -11.010 6.974   -9.896  1.00 29.40 ? 77  HIS A CB  1 
ATOM   623  C  CG  . HIS A 1 77  ? -12.042 8.018   -10.125 1.00 29.16 ? 77  HIS A CG  1 
ATOM   624  N  ND1 . HIS A 1 77  ? -12.285 9.026   -9.219  1.00 29.28 ? 77  HIS A ND1 1 
ATOM   625  C  CD2 . HIS A 1 77  ? -12.916 8.202   -11.147 1.00 31.07 ? 77  HIS A CD2 1 
ATOM   626  C  CE1 . HIS A 1 77  ? -13.262 9.793   -9.676  1.00 30.13 ? 77  HIS A CE1 1 
ATOM   627  N  NE2 . HIS A 1 77  ? -13.665 9.315   -10.846 1.00 28.94 ? 77  HIS A NE2 1 
ATOM   628  N  N   . VAL A 1 78  ? -13.419 5.656   -7.717  1.00 29.45 ? 78  VAL A N   1 
ATOM   629  C  CA  . VAL A 1 78  ? -14.700 4.975   -7.673  1.00 30.10 ? 78  VAL A CA  1 
ATOM   630  C  C   . VAL A 1 78  ? -15.874 5.984   -7.768  1.00 30.55 ? 78  VAL A C   1 
ATOM   631  O  O   . VAL A 1 78  ? -16.047 6.842   -6.883  1.00 29.97 ? 78  VAL A O   1 
ATOM   632  C  CB  . VAL A 1 78  ? -14.843 4.075   -6.407  1.00 29.97 ? 78  VAL A CB  1 
ATOM   633  C  CG1 . VAL A 1 78  ? -15.828 2.952   -6.673  1.00 29.94 ? 78  VAL A CG1 1 
ATOM   634  C  CG2 . VAL A 1 78  ? -13.486 3.492   -5.978  1.00 30.65 ? 78  VAL A CG2 1 
ATOM   635  N  N   . ASP A 1 79  ? -16.641 5.888   -8.847  1.00 30.99 ? 79  ASP A N   1 
ATOM   636  C  CA  . ASP A 1 79  ? -17.740 6.813   -9.087  1.00 32.16 ? 79  ASP A CA  1 
ATOM   637  C  C   . ASP A 1 79  ? -19.047 6.133   -8.704  1.00 31.96 ? 79  ASP A C   1 
ATOM   638  O  O   . ASP A 1 79  ? -19.050 5.026   -8.168  1.00 31.89 ? 79  ASP A O   1 
ATOM   639  C  CB  . ASP A 1 79  ? -17.918 7.056   -10.587 1.00 32.83 ? 79  ASP A CB  1 
ATOM   640  C  CG  . ASP A 1 79  ? -16.670 7.619   -11.238 1.00 35.54 ? 79  ASP A CG  1 
ATOM   641  O  OD1 . ASP A 1 79  ? -15.822 8.181   -10.514 1.00 38.95 ? 79  ASP A OD1 1 
ATOM   642  O  OD2 . ASP A 1 79  ? -16.537 7.498   -12.474 1.00 38.46 ? 79  ASP A OD2 1 
ATOM   643  N  N   . LYS A 1 80  ? -20.157 6.806   -8.985  1.00 56.96 ? 80  LYS A N   1 
ATOM   644  C  CA  . LYS A 1 80  ? -21.468 6.400   -8.494  1.00 58.20 ? 80  LYS A CA  1 
ATOM   645  C  C   . LYS A 1 80  ? -22.037 5.070   -8.980  1.00 58.58 ? 80  LYS A C   1 
ATOM   646  O  O   . LYS A 1 80  ? -22.620 4.317   -8.200  1.00 59.27 ? 80  LYS A O   1 
ATOM   647  C  CB  . LYS A 1 80  ? -22.475 7.494   -8.855  0.60 58.06 ? 80  LYS A CB  1 
ATOM   648  C  CG  . LYS A 1 80  ? -22.228 8.820   -8.154  0.60 58.45 ? 80  LYS A CG  1 
ATOM   649  C  CD  . LYS A 1 80  ? -23.306 9.835   -8.497  0.60 58.86 ? 80  LYS A CD  1 
ATOM   650  C  CE  . LYS A 1 80  ? -22.952 11.217  -7.972  0.60 59.97 ? 80  LYS A CE  1 
ATOM   651  N  NZ  . LYS A 1 80  ? -22.920 12.233  -9.060  0.60 60.11 ? 80  LYS A NZ  1 
ATOM   652  N  N   . ASP A 1 81  ? -21.806 4.749   -10.247 1.00 30.69 ? 81  ASP A N   1 
ATOM   653  C  CA  . ASP A 1 81  ? -22.364 3.538   -10.832 1.00 30.45 ? 81  ASP A CA  1 
ATOM   654  C  C   . ASP A 1 81  ? -21.665 2.304   -10.274 1.00 30.65 ? 81  ASP A C   1 
ATOM   655  O  O   . ASP A 1 81  ? -21.917 1.182   -10.715 1.00 30.79 ? 81  ASP A O   1 
ATOM   656  C  CB  . ASP A 1 81  ? -22.407 3.617   -12.359 1.00 30.34 ? 81  ASP A CB  1 
ATOM   657  C  CG  . ASP A 1 81  ? -21.047 3.396   -12.992 1.00 29.53 ? 81  ASP A CG  1 
ATOM   658  O  OD1 . ASP A 1 81  ? -20.775 2.261   -13.439 1.00 28.51 ? 81  ASP A OD1 1 
ATOM   659  O  OD2 . ASP A 1 81  ? -20.249 4.356   -13.043 1.00 28.44 ? 81  ASP A OD2 1 
ATOM   660  N  N   . GLY A 1 82  ? -20.726 2.563   -9.334  1.00 30.79 ? 82  GLY A N   1 
ATOM   661  C  CA  . GLY A 1 82  ? -19.912 1.504   -8.767  1.00 30.67 ? 82  GLY A CA  1 
ATOM   662  C  C   . GLY A 1 82  ? -18.766 1.137   -9.687  1.00 30.83 ? 82  GLY A C   1 
ATOM   663  O  O   . GLY A 1 82  ? -18.188 0.056   -9.574  1.00 31.07 ? 82  GLY A O   1 
ATOM   664  N  N   . LYS A 1 83  ? -18.414 2.053   -10.581 1.00 30.57 ? 83  LYS A N   1 
ATOM   665  C  CA  . LYS A 1 83  ? -17.416 1.789   -11.604 1.00 30.37 ? 83  LYS A CA  1 
ATOM   666  C  C   . LYS A 1 83  ? -15.997 2.168   -11.114 1.00 30.33 ? 83  LYS A C   1 
ATOM   667  O  O   . LYS A 1 83  ? -15.805 3.092   -10.306 1.00 30.02 ? 83  LYS A O   1 
ATOM   668  C  CB  . LYS A 1 83  ? -17.790 2.436   -12.947 1.00 30.39 ? 83  LYS A CB  1 
ATOM   669  C  CG  . LYS A 1 83  ? -16.779 2.111   -14.085 1.00 29.89 ? 83  LYS A CG  1 
ATOM   670  C  CD  . LYS A 1 83  ? -17.191 2.728   -15.449 1.00 29.72 ? 83  LYS A CD  1 
ATOM   671  C  CE  . LYS A 1 83  ? -16.142 2.402   -16.560 1.00 31.92 ? 83  LYS A CE  1 
ATOM   672  N  NZ  . LYS A 1 83  ? -16.432 2.958   -17.963 1.00 29.60 ? 83  LYS A NZ  1 
ATOM   673  N  N   . ILE A 1 84  ? -15.006 1.415   -11.590 1.00 30.36 ? 84  ILE A N   1 
ATOM   674  C  CA  . ILE A 1 84  ? -13.647 1.510   -11.069 1.00 30.23 ? 84  ILE A CA  1 
ATOM   675  C  C   . ILE A 1 84  ? -12.632 1.718   -12.194 1.00 30.38 ? 84  ILE A C   1 
ATOM   676  O  O   . ILE A 1 84  ? -12.668 1.046   -13.228 1.00 30.43 ? 84  ILE A O   1 
ATOM   677  C  CB  . ILE A 1 84  ? -13.301 0.264   -10.186 1.00 30.38 ? 84  ILE A CB  1 
ATOM   678  C  CG1 . ILE A 1 84  ? -14.034 0.346   -8.821  1.00 29.92 ? 84  ILE A CG1 1 
ATOM   679  C  CG2 . ILE A 1 84  ? -11.770 0.085   -10.017 1.00 29.19 ? 84  ILE A CG2 1 
ATOM   680  C  CD1 . ILE A 1 84  ? -13.345 -0.439  -7.686  1.00 32.37 ? 84  ILE A CD1 1 
ATOM   681  N  N   . GLU A 1 85  ? -11.724 2.661   -11.975 1.00 30.85 ? 85  GLU A N   1 
ATOM   682  C  CA  . GLU A 1 85  ? -10.686 2.997   -12.953 1.00 31.11 ? 85  GLU A CA  1 
ATOM   683  C  C   . GLU A 1 85  ? -9.371  3.241   -12.225 1.00 30.68 ? 85  GLU A C   1 
ATOM   684  O  O   . GLU A 1 85  ? -9.367  3.886   -11.181 1.00 30.24 ? 85  GLU A O   1 
ATOM   685  C  CB  . GLU A 1 85  ? -11.143 4.232   -13.724 1.00 31.23 ? 85  GLU A CB  1 
ATOM   686  C  CG  . GLU A 1 85  ? -10.099 4.909   -14.562 1.00 32.36 ? 85  GLU A CG  1 
ATOM   687  C  CD  . GLU A 1 85  ? -10.371 6.394   -14.688 1.00 33.56 ? 85  GLU A CD  1 
ATOM   688  O  OE1 . GLU A 1 85  ? -11.339 6.758   -15.390 1.00 35.06 ? 85  GLU A OE1 1 
ATOM   689  O  OE2 . GLU A 1 85  ? -9.625  7.203   -14.080 1.00 34.68 ? 85  GLU A OE2 1 
ATOM   690  N  N   . GLU A 1 86  ? -8.268  2.703   -12.758 1.00 31.31 ? 86  GLU A N   1 
ATOM   691  C  CA  . GLU A 1 86  ? -6.919  2.790   -12.109 1.00 31.35 ? 86  GLU A CA  1 
ATOM   692  C  C   . GLU A 1 86  ? -5.847  3.331   -13.023 1.00 31.29 ? 86  GLU A C   1 
ATOM   693  O  O   . GLU A 1 86  ? -5.874  3.065   -14.242 1.00 31.86 ? 86  GLU A O   1 
ATOM   694  C  CB  . GLU A 1 86  ? -6.432  1.415   -11.683 1.00 31.40 ? 86  GLU A CB  1 
ATOM   695  C  CG  . GLU A 1 86  ? -7.097  0.905   -10.478 1.00 32.53 ? 86  GLU A CG  1 
ATOM   696  C  CD  . GLU A 1 86  ? -6.542  -0.422  -10.044 1.00 34.34 ? 86  GLU A CD  1 
ATOM   697  O  OE1 . GLU A 1 86  ? -5.333  -0.460  -9.693  1.00 31.75 ? 86  GLU A OE1 1 
ATOM   698  O  OE2 . GLU A 1 86  ? -7.355  -1.405  -10.010 1.00 35.67 ? 86  GLU A OE2 1 
ATOM   699  N  N   . ARG A 1 87  ? -4.898  4.069   -12.440 1.00 30.90 ? 87  ARG A N   1 
ATOM   700  C  CA  . ARG A 1 87  ? -3.702  4.552   -13.159 1.00 30.12 ? 87  ARG A CA  1 
ATOM   701  C  C   . ARG A 1 87  ? -2.599  4.646   -12.138 1.00 29.88 ? 87  ARG A C   1 
ATOM   702  O  O   . ARG A 1 87  ? -2.782  5.192   -11.036 1.00 29.11 ? 87  ARG A O   1 
ATOM   703  C  CB  . ARG A 1 87  ? -3.869  5.963   -13.744 1.00 29.71 ? 87  ARG A CB  1 
ATOM   704  C  CG  . ARG A 1 87  ? -5.111  6.239   -14.563 1.00 30.87 ? 87  ARG A CG  1 
ATOM   705  C  CD  . ARG A 1 87  ? -5.471  7.739   -14.538 1.00 32.72 ? 87  ARG A CD  1 
ATOM   706  N  NE  . ARG A 1 87  ? -5.406  8.275   -13.166 1.00 32.55 ? 87  ARG A NE  1 
ATOM   707  C  CZ  . ARG A 1 87  ? -4.626  9.286   -12.777 1.00 33.93 ? 87  ARG A CZ  1 
ATOM   708  N  NH1 . ARG A 1 87  ? -3.834  9.934   -13.662 1.00 37.97 ? 87  ARG A NH1 1 
ATOM   709  N  NH2 . ARG A 1 87  ? -4.669  9.683   -11.509 1.00 32.33 ? 87  ARG A NH2 1 
ATOM   710  N  N   . THR A 1 88  ? -1.441  4.127   -12.513 1.00 30.15 ? 88  THR A N   1 
ATOM   711  C  CA  . THR A 1 88  ? -0.252  4.294   -11.720 1.00 29.93 ? 88  THR A CA  1 
ATOM   712  C  C   . THR A 1 88  ? 0.184   5.748   -11.840 1.00 29.48 ? 88  THR A C   1 
ATOM   713  O  O   . THR A 1 88  ? 0.131   6.320   -12.896 1.00 29.57 ? 88  THR A O   1 
ATOM   714  C  CB  . THR A 1 88  ? 0.833   3.335   -12.184 1.00 30.33 ? 88  THR A CB  1 
ATOM   715  O  OG1 . THR A 1 88  ? 0.331   1.984   -12.058 1.00 30.32 ? 88  THR A OG1 1 
ATOM   716  C  CG2 . THR A 1 88  ? 2.110   3.518   -11.310 1.00 29.85 ? 88  THR A CG2 1 
ATOM   717  N  N   . VAL A 1 89  ? 0.575   6.342   -10.727 1.00 29.70 ? 89  VAL A N   1 
ATOM   718  C  CA  . VAL A 1 89  ? 1.020   7.726   -10.684 1.00 28.82 ? 89  VAL A CA  1 
ATOM   719  C  C   . VAL A 1 89  ? 2.499   7.808   -10.262 1.00 28.98 ? 89  VAL A C   1 
ATOM   720  O  O   . VAL A 1 89  ? 3.078   8.894   -10.221 1.00 29.03 ? 89  VAL A O   1 
ATOM   721  C  CB  . VAL A 1 89  ? 0.142   8.578   -9.734  1.00 28.50 ? 89  VAL A CB  1 
ATOM   722  C  CG1 . VAL A 1 89  ? -1.301  8.620   -10.231 1.00 28.28 ? 89  VAL A CG1 1 
ATOM   723  C  CG2 . VAL A 1 89  ? 0.190   8.046   -8.308  1.00 29.35 ? 89  VAL A CG2 1 
ATOM   724  N  N   . TYR A 1 90  ? 3.088   6.656   -9.939  1.00 29.28 ? 90  TYR A N   1 
ATOM   725  C  CA  . TYR A 1 90  ? 4.474   6.572   -9.480  1.00 29.22 ? 90  TYR A CA  1 
ATOM   726  C  C   . TYR A 1 90  ? 4.833   5.090   -9.478  1.00 29.04 ? 90  TYR A C   1 
ATOM   727  O  O   . TYR A 1 90  ? 3.986   4.243   -9.266  1.00 29.68 ? 90  TYR A O   1 
ATOM   728  C  CB  . TYR A 1 90  ? 4.653   7.319   -8.160  1.00 29.16 ? 90  TYR A CB  1 
ATOM   729  C  CG  . TYR A 1 90  ? 6.066   7.303   -7.636  1.00 29.41 ? 90  TYR A CG  1 
ATOM   730  C  CD1 . TYR A 1 90  ? 7.044   8.155   -8.175  1.00 28.62 ? 90  TYR A CD1 1 
ATOM   731  C  CD2 . TYR A 1 90  ? 6.433   6.443   -6.598  1.00 27.02 ? 90  TYR A CD2 1 
ATOM   732  C  CE1 . TYR A 1 90  ? 8.348   8.141   -7.689  1.00 27.40 ? 90  TYR A CE1 1 
ATOM   733  C  CE2 . TYR A 1 90  ? 7.718   6.430   -6.111  1.00 27.90 ? 90  TYR A CE2 1 
ATOM   734  C  CZ  . TYR A 1 90  ? 8.677   7.281   -6.658  1.00 27.92 ? 90  TYR A CZ  1 
ATOM   735  O  OH  . TYR A 1 90  ? 9.962   7.259   -6.168  1.00 27.55 ? 90  TYR A OH  1 
ATOM   736  N  N   . SER A 1 91  ? 6.084   4.793   -9.780  1.00 28.86 ? 91  SER A N   1 
ATOM   737  C  CA  . SER A 1 91  ? 6.616   3.461   -9.767  1.00 28.66 ? 91  SER A CA  1 
ATOM   738  C  C   . SER A 1 91  ? 8.154   3.620   -9.673  1.00 28.91 ? 91  SER A C   1 
ATOM   739  O  O   . SER A 1 91  ? 8.723   4.493   -10.340 1.00 29.19 ? 91  SER A O   1 
ATOM   740  C  CB  . SER A 1 91  ? 6.230   2.761   -11.058 1.00 28.02 ? 91  SER A CB  1 
ATOM   741  O  OG  . SER A 1 91  ? 6.564   1.392   -11.001 1.00 29.25 ? 91  SER A OG  1 
ATOM   742  N  N   . ILE A 1 92  ? 8.805   2.796   -8.840  1.00 28.76 ? 92  ILE A N   1 
ATOM   743  C  CA  . ILE A 1 92  ? 10.249  2.844   -8.614  1.00 28.55 ? 92  ILE A CA  1 
ATOM   744  C  C   . ILE A 1 92  ? 10.839  1.472   -8.300  1.00 28.78 ? 92  ILE A C   1 
ATOM   745  O  O   . ILE A 1 92  ? 10.258  0.702   -7.565  1.00 29.85 ? 92  ILE A O   1 
ATOM   746  C  CB  . ILE A 1 92  ? 10.639  3.848   -7.519  1.00 28.18 ? 92  ILE A CB  1 
ATOM   747  C  CG1 . ILE A 1 92  ? 12.139  4.104   -7.594  1.00 29.60 ? 92  ILE A CG1 1 
ATOM   748  C  CG2 . ILE A 1 92  ? 10.258  3.364   -6.123  1.00 27.18 ? 92  ILE A CG2 1 
ATOM   749  C  CD1 . ILE A 1 92  ? 12.653  5.243   -6.709  1.00 30.11 ? 92  ILE A CD1 1 
ATOM   750  N  N   . GLU A 1 93  ? 11.987  1.162   -8.885  1.00 29.02 ? 93  GLU A N   1 
ATOM   751  C  CA  . GLU A 1 93  ? 12.642  -0.114  -8.657  1.00 28.97 ? 93  GLU A CA  1 
ATOM   752  C  C   . GLU A 1 93  ? 13.863  0.091   -7.781  1.00 29.04 ? 93  GLU A C   1 
ATOM   753  O  O   . GLU A 1 93  ? 14.571  1.069   -7.924  1.00 28.69 ? 93  GLU A O   1 
ATOM   754  C  CB  . GLU A 1 93  ? 13.108  -0.684  -9.982  1.00 29.24 ? 93  GLU A CB  1 
ATOM   755  C  CG  . GLU A 1 93  ? 12.006  -0.861  -11.017 1.00 29.96 ? 93  GLU A CG  1 
ATOM   756  C  CD  . GLU A 1 93  ? 12.523  -1.484  -12.280 1.00 31.14 ? 93  GLU A CD  1 
ATOM   757  O  OE1 . GLU A 1 93  ? 13.742  -1.412  -12.589 1.00 35.41 ? 93  GLU A OE1 1 
ATOM   758  O  OE2 . GLU A 1 93  ? 11.700  -2.075  -12.987 1.00 34.25 ? 93  GLU A OE2 1 
ATOM   759  N  N   . THR A 1 94  ? 14.112  -0.827  -6.871  1.00 28.92 ? 94  THR A N   1 
ATOM   760  C  CA  . THR A 1 94  ? 15.268  -0.722  -6.032  1.00 29.08 ? 94  THR A CA  1 
ATOM   761  C  C   . THR A 1 94  ? 15.483  -2.016  -5.284  1.00 29.23 ? 94  THR A C   1 
ATOM   762  O  O   . THR A 1 94  ? 14.599  -2.886  -5.263  1.00 29.42 ? 94  THR A O   1 
ATOM   763  C  CB  . THR A 1 94  ? 15.174  0.463   -5.009  1.00 29.44 ? 94  THR A CB  1 
ATOM   764  O  OG1 . THR A 1 94  ? 16.475  0.682   -4.413  1.00 29.22 ? 94  THR A OG1 1 
ATOM   765  C  CG2 . THR A 1 94  ? 14.157  0.167   -3.912  1.00 28.74 ? 94  THR A CG2 1 
ATOM   766  N  N   . TYR A 1 95  ? 16.657  -2.124  -4.662  1.00 28.73 ? 95  TYR A N   1 
ATOM   767  C  CA  . TYR A 1 95  ? 17.010  -3.280  -3.862  1.00 28.35 ? 95  TYR A CA  1 
ATOM   768  C  C   . TYR A 1 95  ? 16.075  -3.383  -2.690  1.00 28.60 ? 95  TYR A C   1 
ATOM   769  O  O   . TYR A 1 95  ? 15.646  -2.365  -2.168  1.00 29.26 ? 95  TYR A O   1 
ATOM   770  C  CB  . TYR A 1 95  ? 18.443  -3.143  -3.347  1.00 28.01 ? 95  TYR A CB  1 
ATOM   771  C  CG  . TYR A 1 95  ? 19.462  -2.815  -4.400  1.00 25.78 ? 95  TYR A CG  1 
ATOM   772  C  CD1 . TYR A 1 95  ? 19.959  -3.808  -5.255  1.00 23.49 ? 95  TYR A CD1 1 
ATOM   773  C  CD2 . TYR A 1 95  ? 19.946  -1.503  -4.536  1.00 25.47 ? 95  TYR A CD2 1 
ATOM   774  C  CE1 . TYR A 1 95  ? 20.902  -3.501  -6.223  1.00 23.86 ? 95  TYR A CE1 1 
ATOM   775  C  CE2 . TYR A 1 95  ? 20.903  -1.185  -5.494  1.00 24.27 ? 95  TYR A CE2 1 
ATOM   776  C  CZ  . TYR A 1 95  ? 21.381  -2.187  -6.334  1.00 24.54 ? 95  TYR A CZ  1 
ATOM   777  O  OH  . TYR A 1 95  ? 22.341  -1.870  -7.284  1.00 24.91 ? 95  TYR A OH  1 
ATOM   778  N  N   . TRP A 1 96  ? 15.782  -4.607  -2.261  1.00 29.23 ? 96  TRP A N   1 
ATOM   779  C  CA  . TRP A 1 96  ? 14.860  -4.871  -1.130  1.00 29.67 ? 96  TRP A CA  1 
ATOM   780  C  C   . TRP A 1 96  ? 15.454  -4.568  0.249   1.00 30.74 ? 96  TRP A C   1 
ATOM   781  O  O   . TRP A 1 96  ? 14.754  -4.048  1.117   1.00 31.35 ? 96  TRP A O   1 
ATOM   782  C  CB  . TRP A 1 96  ? 14.415  -6.328  -1.179  1.00 29.80 ? 96  TRP A CB  1 
ATOM   783  C  CG  . TRP A 1 96  ? 13.683  -6.844  0.010   1.00 29.30 ? 96  TRP A CG  1 
ATOM   784  C  CD1 . TRP A 1 96  ? 13.978  -7.971  0.739   1.00 31.19 ? 96  TRP A CD1 1 
ATOM   785  C  CD2 . TRP A 1 96  ? 12.523  -6.272  0.606   1.00 29.78 ? 96  TRP A CD2 1 
ATOM   786  N  NE1 . TRP A 1 96  ? 13.071  -8.120  1.763   1.00 32.63 ? 96  TRP A NE1 1 
ATOM   787  C  CE2 . TRP A 1 96  ? 12.165  -7.092  1.695   1.00 29.94 ? 96  TRP A CE2 1 
ATOM   788  C  CE3 . TRP A 1 96  ? 11.737  -5.138  0.319   1.00 29.97 ? 96  TRP A CE3 1 
ATOM   789  C  CZ2 . TRP A 1 96  ? 11.052  -6.819  2.491   1.00 31.96 ? 96  TRP A CZ2 1 
ATOM   790  C  CZ3 . TRP A 1 96  ? 10.649  -4.860  1.109   1.00 29.53 ? 96  TRP A CZ3 1 
ATOM   791  C  CH2 . TRP A 1 96  ? 10.304  -5.688  2.186   1.00 29.36 ? 96  TRP A CH2 1 
ATOM   792  N  N   . HIS A 1 97  ? 16.728  -4.907  0.466   1.00 31.09 ? 97  HIS A N   1 
ATOM   793  C  CA  . HIS A 1 97  ? 17.400  -4.613  1.732   1.00 32.03 ? 97  HIS A CA  1 
ATOM   794  C  C   . HIS A 1 97  ? 17.392  -3.109  2.038   1.00 32.57 ? 97  HIS A C   1 
ATOM   795  O  O   . HIS A 1 97  ? 17.443  -2.710  3.206   1.00 32.69 ? 97  HIS A O   1 
ATOM   796  C  CB  . HIS A 1 97  ? 18.843  -5.090  1.699   1.00 32.01 ? 97  HIS A CB  1 
ATOM   797  C  CG  . HIS A 1 97  ? 19.714  -4.269  0.804   1.00 33.33 ? 97  HIS A CG  1 
ATOM   798  N  ND1 . HIS A 1 97  ? 20.020  -4.644  -0.489  1.00 34.82 ? 97  HIS A ND1 1 
ATOM   799  C  CD2 . HIS A 1 97  ? 20.321  -3.076  1.002   1.00 34.02 ? 97  HIS A CD2 1 
ATOM   800  C  CE1 . HIS A 1 97  ? 20.813  -3.736  -1.032  1.00 35.76 ? 97  HIS A CE1 1 
ATOM   801  N  NE2 . HIS A 1 97  ? 21.007  -2.770  -0.150  1.00 35.49 ? 97  HIS A NE2 1 
ATOM   802  N  N   . ILE A 1 98  ? 17.357  -2.275  0.998   1.00 32.84 ? 98  ILE A N   1 
ATOM   803  C  CA  . ILE A 1 98  ? 17.200  -0.843  1.208   1.00 32.75 ? 98  ILE A CA  1 
ATOM   804  C  C   . ILE A 1 98  ? 15.801  -0.640  1.707   1.00 32.83 ? 98  ILE A C   1 
ATOM   805  O  O   . ILE A 1 98  ? 15.584  -0.076  2.766   1.00 32.60 ? 98  ILE A O   1 
ATOM   806  C  CB  . ILE A 1 98  ? 17.429  -0.036  -0.084  1.00 32.90 ? 98  ILE A CB  1 
ATOM   807  C  CG1 . ILE A 1 98  ? 18.921  0.261   -0.243  1.00 32.87 ? 98  ILE A CG1 1 
ATOM   808  C  CG2 . ILE A 1 98  ? 16.658  1.260   -0.067  1.00 31.97 ? 98  ILE A CG2 1 
ATOM   809  C  CD1 . ILE A 1 98  ? 19.227  1.220   -1.378  1.00 33.90 ? 98  ILE A CD1 1 
ATOM   810  N  N   . PHE A 1 99  ? 14.824  -1.095  0.930   1.00 33.26 ? 99  PHE A N   1 
ATOM   811  C  CA  . PHE A 1 99  ? 13.418  -0.899  1.277   1.00 33.47 ? 99  PHE A CA  1 
ATOM   812  C  C   . PHE A 1 99  ? 13.114  -1.237  2.737   1.00 33.61 ? 99  PHE A C   1 
ATOM   813  O  O   . PHE A 1 99  ? 12.505  -0.444  3.456   1.00 33.41 ? 99  PHE A O   1 
ATOM   814  C  CB  . PHE A 1 99  ? 12.521  -1.725  0.352   1.00 33.69 ? 99  PHE A CB  1 
ATOM   815  C  CG  . PHE A 1 99  ? 11.059  -1.635  0.686   1.00 34.47 ? 99  PHE A CG  1 
ATOM   816  C  CD1 . PHE A 1 99  ? 10.309  -0.544  0.283   1.00 34.18 ? 99  PHE A CD1 1 
ATOM   817  C  CD2 . PHE A 1 99  ? 10.437  -2.642  1.404   1.00 34.21 ? 99  PHE A CD2 1 
ATOM   818  C  CE1 . PHE A 1 99  ? 8.963   -0.458  0.591   1.00 33.31 ? 99  PHE A CE1 1 
ATOM   819  C  CE2 . PHE A 1 99  ? 9.092   -2.563  1.714   1.00 35.08 ? 99  PHE A CE2 1 
ATOM   820  C  CZ  . PHE A 1 99  ? 8.355   -1.469  1.306   1.00 34.75 ? 99  PHE A CZ  1 
ATOM   821  N  N   . ILE A 1 100 ? 13.539  -2.421  3.162   1.00 34.08 ? 100 ILE A N   1 
ATOM   822  C  CA  . ILE A 1 100 ? 13.267  -2.921  4.502   1.00 34.15 ? 100 ILE A CA  1 
ATOM   823  C  C   . ILE A 1 100 ? 13.910  -2.010  5.567   1.00 34.67 ? 100 ILE A C   1 
ATOM   824  O  O   . ILE A 1 100 ? 13.372  -1.848  6.671   1.00 35.26 ? 100 ILE A O   1 
ATOM   825  C  CB  . ILE A 1 100 ? 13.812  -4.383  4.663   1.00 34.41 ? 100 ILE A CB  1 
ATOM   826  C  CG1 . ILE A 1 100 ? 12.777  -5.278  5.361   1.00 33.63 ? 100 ILE A CG1 1 
ATOM   827  C  CG2 . ILE A 1 100 ? 15.163  -4.395  5.426   1.00 33.20 ? 100 ILE A CG2 1 
ATOM   828  C  CD1 . ILE A 1 100 ? 13.241  -6.710  5.572   1.00 34.41 ? 100 ILE A CD1 1 
ATOM   829  N  N   . ASP A 1 101 ? 15.057  -1.422  5.239   1.00 34.41 ? 101 ASP A N   1 
ATOM   830  C  CA  . ASP A 1 101 ? 15.737  -0.514  6.144   1.00 34.20 ? 101 ASP A CA  1 
ATOM   831  C  C   . ASP A 1 101 ? 15.017  0.829   6.288   1.00 34.16 ? 101 ASP A C   1 
ATOM   832  O  O   . ASP A 1 101 ? 15.233  1.543   7.271   1.00 34.33 ? 101 ASP A O   1 
ATOM   833  C  CB  . ASP A 1 101 ? 17.174  -0.295  5.690   1.00 34.55 ? 101 ASP A CB  1 
ATOM   834  C  CG  . ASP A 1 101 ? 17.908  0.677   6.574   1.00 35.92 ? 101 ASP A CG  1 
ATOM   835  O  OD1 . ASP A 1 101 ? 18.526  0.225   7.585   1.00 36.52 ? 101 ASP A OD1 1 
ATOM   836  O  OD2 . ASP A 1 101 ? 17.847  1.903   6.265   1.00 35.37 ? 101 ASP A OD2 1 
ATOM   837  N  N   . ILE A 1 102 ? 14.153  1.168   5.325   1.00 34.22 ? 102 ILE A N   1 
ATOM   838  C  CA  . ILE A 1 102 ? 13.352  2.405   5.376   1.00 33.81 ? 102 ILE A CA  1 
ATOM   839  C  C   . ILE A 1 102 ? 12.436  2.497   6.597   1.00 33.65 ? 102 ILE A C   1 
ATOM   840  O  O   . ILE A 1 102 ? 12.206  3.587   7.116   1.00 33.32 ? 102 ILE A O   1 
ATOM   841  C  CB  . ILE A 1 102 ? 12.476  2.576   4.111   1.00 34.15 ? 102 ILE A CB  1 
ATOM   842  C  CG1 . ILE A 1 102 ? 13.346  2.560   2.849   1.00 34.41 ? 102 ILE A CG1 1 
ATOM   843  C  CG2 . ILE A 1 102 ? 11.649  3.893   4.167   1.00 34.07 ? 102 ILE A CG2 1 
ATOM   844  C  CD1 . ILE A 1 102 ? 12.512  2.808   1.589   1.00 34.44 ? 102 ILE A CD1 1 
ATOM   845  N  N   . GLU A 1 103 ? 11.964  1.311   7.062   1.00 33.99 ? 103 GLU A N   1 
ATOM   846  C  CA  . GLU A 1 103 ? 11.258  1.215   8.351   1.00 34.25 ? 103 GLU A CA  1 
ATOM   847  C  C   . GLU A 1 103 ? 11.925  1.938   9.526   1.00 34.42 ? 103 GLU A C   1 
ATOM   848  O  O   . GLU A 1 103 ? 11.273  2.715   10.266  1.00 34.57 ? 103 GLU A O   1 
ATOM   849  C  CB  . GLU A 1 103 ? 11.305  -0.255  8.819   1.00 34.14 ? 103 GLU A CB  1 
ATOM   850  C  CG  . GLU A 1 103 ? 10.135  -1.139  8.374   1.00 33.94 ? 103 GLU A CG  1 
ATOM   851  C  CD  . GLU A 1 103 ? 10.163  -2.508  9.029   1.00 33.65 ? 103 GLU A CD  1 
ATOM   852  O  OE1 . GLU A 1 103 ? 11.096  -3.292  8.720   1.00 36.83 ? 103 GLU A OE1 1 
ATOM   853  O  OE2 . GLU A 1 103 ? 9.264   -2.810  9.853   1.00 31.54 ? 103 GLU A OE2 1 
ATOM   854  N  N   . ASN A 1 104 ? 13.223  1.640   9.685   1.00 34.36 ? 104 ASN A N   1 
ATOM   855  C  CA  . ASN A 1 104 ? 14.077  2.255   10.694  1.00 34.75 ? 104 ASN A CA  1 
ATOM   856  C  C   . ASN A 1 104 ? 14.537  3.700   10.451  1.00 34.99 ? 104 ASN A C   1 
ATOM   857  O  O   . ASN A 1 104 ? 15.188  4.303   11.312  1.00 35.21 ? 104 ASN A O   1 
ATOM   858  C  CB  . ASN A 1 104 ? 15.320  1.364   10.882  1.00 34.88 ? 104 ASN A CB  1 
ATOM   859  C  CG  . ASN A 1 104 ? 15.003  0.049   11.591  1.00 35.07 ? 104 ASN A CG  1 
ATOM   860  O  OD1 . ASN A 1 104 ? 14.007  -0.059  12.311  1.00 34.74 ? 104 ASN A OD1 1 
ATOM   861  N  ND2 . ASN A 1 104 ? 15.855  -0.956  11.387  1.00 36.15 ? 104 ASN A ND2 1 
ATOM   862  N  N   . ASP A 1 105 ? 14.242  4.248   9.274   1.00 35.08 ? 105 ASP A N   1 
ATOM   863  C  CA  . ASP A 1 105 ? 14.645  5.619   8.977   1.00 35.23 ? 105 ASP A CA  1 
ATOM   864  C  C   . ASP A 1 105 ? 13.852  6.545   9.861   1.00 35.28 ? 105 ASP A C   1 
ATOM   865  O  O   . ASP A 1 105 ? 12.626  6.699   9.677   1.00 35.86 ? 105 ASP A O   1 
ATOM   866  C  CB  . ASP A 1 105 ? 14.406  5.989   7.509   1.00 35.33 ? 105 ASP A CB  1 
ATOM   867  C  CG  . ASP A 1 105 ? 15.422  7.011   6.988   1.00 35.12 ? 105 ASP A CG  1 
ATOM   868  O  OD1 . ASP A 1 105 ? 15.837  7.929   7.750   1.00 33.30 ? 105 ASP A OD1 1 
ATOM   869  O  OD2 . ASP A 1 105 ? 15.806  6.884   5.802   1.00 34.61 ? 105 ASP A OD2 1 
ATOM   870  N  N   . LEU A 1 106 ? 14.560  7.147   10.816  1.00 34.90 ? 106 LEU A N   1 
ATOM   871  C  CA  . LEU A 1 106 ? 13.954  7.983   11.829  1.00 35.06 ? 106 LEU A CA  1 
ATOM   872  C  C   . LEU A 1 106 ? 13.110  9.091   11.194  1.00 35.19 ? 106 LEU A C   1 
ATOM   873  O  O   . LEU A 1 106 ? 11.921  9.200   11.492  1.00 35.43 ? 106 LEU A O   1 
ATOM   874  C  CB  . LEU A 1 106 ? 15.019  8.561   12.775  1.00 34.95 ? 106 LEU A CB  1 
ATOM   875  C  CG  . LEU A 1 106 ? 16.089  7.643   13.403  1.00 35.06 ? 106 LEU A CG  1 
ATOM   876  C  CD1 . LEU A 1 106 ? 16.970  8.422   14.402  1.00 34.47 ? 106 LEU A CD1 1 
ATOM   877  C  CD2 . LEU A 1 106 ? 15.488  6.394   14.080  1.00 35.12 ? 106 LEU A CD2 1 
ATOM   878  N  N   . ASN A 1 107 ? 13.706  9.878   10.297  1.00 35.10 ? 107 ASN A N   1 
ATOM   879  C  CA  . ASN A 1 107 ? 13.002  11.002  9.671   1.00 34.90 ? 107 ASN A CA  1 
ATOM   880  C  C   . ASN A 1 107 ? 12.715  10.676  8.220   1.00 34.50 ? 107 ASN A C   1 
ATOM   881  O  O   . ASN A 1 107 ? 13.576  10.819  7.352   1.00 34.30 ? 107 ASN A O   1 
ATOM   882  C  CB  . ASN A 1 107 ? 13.798  12.304  9.818   1.00 35.42 ? 107 ASN A CB  1 
ATOM   883  C  CG  . ASN A 1 107 ? 13.748  12.873  11.241  1.00 36.45 ? 107 ASN A CG  1 
ATOM   884  O  OD1 . ASN A 1 107 ? 12.679  13.270  11.737  1.00 36.55 ? 107 ASN A OD1 1 
ATOM   885  N  ND2 . ASN A 1 107 ? 14.914  12.944  11.891  1.00 37.20 ? 107 ASN A ND2 1 
ATOM   886  N  N   . CYS A 1 108 ? 11.480  10.195  7.995   1.00 34.04 ? 108 CYS A N   1 
ATOM   887  C  CA  . CYS A 1 108 ? 11.075  9.741   6.688   1.00 33.44 ? 108 CYS A CA  1 
ATOM   888  C  C   . CYS A 1 108 ? 9.550   9.580   6.704   1.00 32.86 ? 108 CYS A C   1 
ATOM   889  O  O   . CYS A 1 108 ? 8.983   9.279   7.747   1.00 32.77 ? 108 CYS A O   1 
ATOM   890  C  CB  . CYS A 1 108 ? 11.683  8.361   6.540   1.00 33.63 ? 108 CYS A CB  1 
ATOM   891  S  SG  . CYS A 1 108 ? 10.694  7.116   7.430   1.00 34.53 ? 108 CYS A SG  1 
ATOM   892  N  N   . PRO A 1 109 ? 8.884   9.733   5.541   1.00 32.11 ? 109 PRO A N   1 
ATOM   893  C  CA  . PRO A 1 109 ? 7.421   9.795   5.618   1.00 31.50 ? 109 PRO A CA  1 
ATOM   894  C  C   . PRO A 1 109 ? 6.890   8.661   6.477   1.00 31.41 ? 109 PRO A C   1 
ATOM   895  O  O   . PRO A 1 109 ? 7.296   7.501   6.314   1.00 31.57 ? 109 PRO A O   1 
ATOM   896  C  CB  . PRO A 1 109 ? 6.971   9.647   4.162   1.00 31.12 ? 109 PRO A CB  1 
ATOM   897  C  CG  . PRO A 1 109 ? 8.145   10.164  3.373   1.00 31.60 ? 109 PRO A CG  1 
ATOM   898  C  CD  . PRO A 1 109 ? 9.374   9.785   4.149   1.00 31.88 ? 109 PRO A CD  1 
ATOM   899  N  N   . TYR A 1 110 ? 5.989   9.016   7.383   1.00 30.68 ? 110 TYR A N   1 
ATOM   900  C  CA  . TYR A 1 110 ? 5.353   8.062   8.249   1.00 30.00 ? 110 TYR A CA  1 
ATOM   901  C  C   . TYR A 1 110 ? 4.552   7.002   7.491   1.00 29.94 ? 110 TYR A C   1 
ATOM   902  O  O   . TYR A 1 110 ? 4.916   5.830   7.570   1.00 31.12 ? 110 TYR A O   1 
ATOM   903  C  CB  . TYR A 1 110 ? 4.496   8.776   9.285   1.00 29.56 ? 110 TYR A CB  1 
ATOM   904  C  CG  . TYR A 1 110 ? 3.938   7.872   10.342  1.00 29.25 ? 110 TYR A CG  1 
ATOM   905  C  CD1 . TYR A 1 110 ? 4.733   6.857   10.917  1.00 28.00 ? 110 TYR A CD1 1 
ATOM   906  C  CD2 . TYR A 1 110 ? 2.614   8.022   10.778  1.00 28.75 ? 110 TYR A CD2 1 
ATOM   907  C  CE1 . TYR A 1 110 ? 4.228   6.023   11.868  1.00 28.22 ? 110 TYR A CE1 1 
ATOM   908  C  CE2 . TYR A 1 110 ? 2.087   7.185   11.750  1.00 28.80 ? 110 TYR A CE2 1 
ATOM   909  C  CZ  . TYR A 1 110 ? 2.908   6.187   12.282  1.00 31.14 ? 110 TYR A CZ  1 
ATOM   910  O  OH  . TYR A 1 110 ? 2.414   5.346   13.247  1.00 34.89 ? 110 TYR A OH  1 
ATOM   911  N  N   . VAL A 1 111 ? 3.483   7.366   6.791   1.00 29.11 ? 111 VAL A N   1 
ATOM   912  C  CA  . VAL A 1 111 ? 2.673   6.380   6.057   1.00 29.02 ? 111 VAL A CA  1 
ATOM   913  C  C   . VAL A 1 111 ? 3.574   5.396   5.260   1.00 29.05 ? 111 VAL A C   1 
ATOM   914  O  O   . VAL A 1 111 ? 3.304   4.207   5.179   1.00 28.41 ? 111 VAL A O   1 
ATOM   915  C  CB  . VAL A 1 111 ? 1.547   7.053   5.139   1.00 29.16 ? 111 VAL A CB  1 
ATOM   916  C  CG1 . VAL A 1 111 ? 2.134   7.673   3.882   1.00 28.08 ? 111 VAL A CG1 1 
ATOM   917  C  CG2 . VAL A 1 111 ? 0.506   6.056   4.744   1.00 29.12 ? 111 VAL A CG2 1 
ATOM   918  N  N   . LEU A 1 112 ? 4.681   5.896   4.721   1.00 29.63 ? 112 LEU A N   1 
ATOM   919  C  CA  . LEU A 1 112 ? 5.628   4.995   4.051   1.00 29.68 ? 112 LEU A CA  1 
ATOM   920  C  C   . LEU A 1 112 ? 6.261   4.095   5.088   1.00 29.55 ? 112 LEU A C   1 
ATOM   921  O  O   . LEU A 1 112 ? 6.283   2.880   4.909   1.00 30.32 ? 112 LEU A O   1 
ATOM   922  C  CB  . LEU A 1 112 ? 6.694   5.737   3.222   1.00 29.65 ? 112 LEU A CB  1 
ATOM   923  C  CG  . LEU A 1 112 ? 7.601   4.752   2.460   1.00 30.00 ? 112 LEU A CG  1 
ATOM   924  C  CD1 . LEU A 1 112 ? 6.801   4.082   1.335   1.00 28.40 ? 112 LEU A CD1 1 
ATOM   925  C  CD2 . LEU A 1 112 ? 8.947   5.383   1.968   1.00 27.43 ? 112 LEU A CD2 1 
ATOM   926  N  N   . ALA A 1 113 ? 6.774   4.674   6.167   1.00 29.14 ? 113 ALA A N   1 
ATOM   927  C  CA  . ALA A 1 113 ? 7.273   3.847   7.243   1.00 29.13 ? 113 ALA A CA  1 
ATOM   928  C  C   . ALA A 1 113 ? 6.194   2.827   7.678   1.00 29.24 ? 113 ALA A C   1 
ATOM   929  O  O   . ALA A 1 113 ? 6.471   1.620   7.773   1.00 28.92 ? 113 ALA A O   1 
ATOM   930  C  CB  . ALA A 1 113 ? 7.785   4.689   8.422   1.00 29.01 ? 113 ALA A CB  1 
ATOM   931  N  N   . LYS A 1 114 ? 4.964   3.293   7.902   1.00 29.46 ? 114 LYS A N   1 
ATOM   932  C  CA  . LYS A 1 114 ? 3.890   2.377   8.319   1.00 29.63 ? 114 LYS A CA  1 
ATOM   933  C  C   . LYS A 1 114 ? 3.653   1.245   7.309   1.00 29.04 ? 114 LYS A C   1 
ATOM   934  O  O   . LYS A 1 114 ? 3.564   0.072   7.715   1.00 28.76 ? 114 LYS A O   1 
ATOM   935  C  CB  . LYS A 1 114 ? 2.583   3.145   8.558   1.00 30.42 ? 114 LYS A CB  1 
ATOM   936  C  CG  . LYS A 1 114 ? 1.576   2.491   9.563   1.00 31.40 ? 114 LYS A CG  1 
ATOM   937  C  CD  . LYS A 1 114 ? 2.268   1.951   10.801  1.00 34.21 ? 114 LYS A CD  1 
ATOM   938  C  CE  . LYS A 1 114 ? 1.304   1.173   11.734  1.00 35.18 ? 114 LYS A CE  1 
ATOM   939  N  NZ  . LYS A 1 114 ? 2.084   0.379   12.721  1.00 30.12 ? 114 LYS A NZ  1 
ATOM   940  N  N   . PHE A 1 115 ? 3.583   1.608   6.020   1.00 27.36 ? 115 PHE A N   1 
ATOM   941  C  CA  . PHE A 1 115 ? 3.265   0.682   4.954   1.00 27.02 ? 115 PHE A CA  1 
ATOM   942  C  C   . PHE A 1 115 ? 4.173   -0.561  4.939   1.00 27.91 ? 115 PHE A C   1 
ATOM   943  O  O   . PHE A 1 115 ? 3.707   -1.704  5.081   1.00 26.96 ? 115 PHE A O   1 
ATOM   944  C  CB  . PHE A 1 115 ? 3.320   1.392   3.609   1.00 26.27 ? 115 PHE A CB  1 
ATOM   945  C  CG  . PHE A 1 115 ? 3.056   0.476   2.410   1.00 26.79 ? 115 PHE A CG  1 
ATOM   946  C  CD1 . PHE A 1 115 ? 1.810   -0.160  2.231   1.00 26.07 ? 115 PHE A CD1 1 
ATOM   947  C  CD2 . PHE A 1 115 ? 4.036   0.266   1.453   1.00 23.64 ? 115 PHE A CD2 1 
ATOM   948  C  CE1 . PHE A 1 115 ? 1.576   -0.985  1.130   1.00 24.75 ? 115 PHE A CE1 1 
ATOM   949  C  CE2 . PHE A 1 115 ? 3.795   -0.571  0.374   1.00 23.67 ? 115 PHE A CE2 1 
ATOM   950  C  CZ  . PHE A 1 115 ? 2.567   -1.197  0.210   1.00 22.70 ? 115 PHE A CZ  1 
ATOM   951  N  N   . ILE A 1 116 ? 5.472   -0.293  4.778   1.00 28.46 ? 116 ILE A N   1 
ATOM   952  C  CA  . ILE A 1 116 ? 6.520   -1.274  4.786   1.00 29.09 ? 116 ILE A CA  1 
ATOM   953  C  C   . ILE A 1 116 ? 6.398   -2.157  6.000   1.00 29.35 ? 116 ILE A C   1 
ATOM   954  O  O   . ILE A 1 116 ? 6.564   -3.386  5.907   1.00 29.48 ? 116 ILE A O   1 
ATOM   955  C  CB  . ILE A 1 116 ? 7.893   -0.590  4.807   1.00 29.46 ? 116 ILE A CB  1 
ATOM   956  C  CG1 . ILE A 1 116 ? 8.058   0.321   3.585   1.00 30.71 ? 116 ILE A CG1 1 
ATOM   957  C  CG2 . ILE A 1 116 ? 9.025   -1.595  4.837   1.00 28.37 ? 116 ILE A CG2 1 
ATOM   958  C  CD1 . ILE A 1 116 ? 9.162   1.384   3.782   1.00 32.62 ? 116 ILE A CD1 1 
ATOM   959  N  N   . GLU A 1 117 ? 6.077   -1.536  7.130   1.00 29.83 ? 117 GLU A N   1 
ATOM   960  C  CA  . GLU A 1 117 ? 5.995   -2.252  8.399   1.00 30.51 ? 117 GLU A CA  1 
ATOM   961  C  C   . GLU A 1 117 ? 4.757   -3.154  8.439   1.00 31.24 ? 117 GLU A C   1 
ATOM   962  O  O   . GLU A 1 117 ? 4.822   -4.245  9.049   1.00 32.14 ? 117 GLU A O   1 
ATOM   963  C  CB  . GLU A 1 117 ? 6.014   -1.291  9.585   1.00 30.23 ? 117 GLU A CB  1 
ATOM   964  C  CG  . GLU A 1 117 ? 5.671   -1.950  10.882  1.00 30.18 ? 117 GLU A CG  1 
ATOM   965  C  CD  . GLU A 1 117 ? 5.281   -0.973  11.937  1.00 32.07 ? 117 GLU A CD  1 
ATOM   966  O  OE1 . GLU A 1 117 ? 5.814   0.160   11.943  1.00 32.90 ? 117 GLU A OE1 1 
ATOM   967  O  OE2 . GLU A 1 117 ? 4.416   -1.330  12.773  1.00 35.35 ? 117 GLU A OE2 1 
ATOM   968  N  N   . MET A 1 118 ? 3.663   -2.744  7.777   1.00 30.58 ? 118 MET A N   1 
ATOM   969  C  CA  . MET A 1 118 ? 2.514   -3.646  7.659   1.00 30.26 ? 118 MET A CA  1 
ATOM   970  C  C   . MET A 1 118 ? 2.563   -4.756  6.594   1.00 29.87 ? 118 MET A C   1 
ATOM   971  O  O   . MET A 1 118 ? 1.557   -5.441  6.438   1.00 30.03 ? 118 MET A O   1 
ATOM   972  C  CB  . MET A 1 118 ? 1.216   -2.864  7.474   1.00 31.10 ? 118 MET A CB  1 
ATOM   973  C  CG  . MET A 1 118 ? 0.899   -1.926  8.600   1.00 31.60 ? 118 MET A CG  1 
ATOM   974  S  SD  . MET A 1 118 ? -0.108  -0.664  7.897   1.00 35.23 ? 118 MET A SD  1 
ATOM   975  C  CE  . MET A 1 118 ? -1.748  -1.341  8.326   1.00 36.73 ? 118 MET A CE  1 
ATOM   976  N  N   . ARG A 1 119 ? 3.686   -4.957  5.886   1.00 29.31 ? 119 ARG A N   1 
ATOM   977  C  CA  A ARG A 1 119 ? 3.868   -6.133  4.993   0.50 29.15 ? 119 ARG A CA  1 
ATOM   978  C  CA  B ARG A 1 119 ? 3.899   -6.173  5.012   0.50 29.42 ? 119 ARG A CA  1 
ATOM   979  C  C   . ARG A 1 119 ? 3.362   -7.444  5.617   1.00 29.31 ? 119 ARG A C   1 
ATOM   980  O  O   . ARG A 1 119 ? 3.451   -7.607  6.827   1.00 29.34 ? 119 ARG A O   1 
ATOM   981  C  CB  A ARG A 1 119 ? 5.341   -6.306  4.584   0.50 29.02 ? 119 ARG A CB  1 
ATOM   982  C  CB  B ARG A 1 119 ? 5.372   -6.355  4.615   0.50 29.42 ? 119 ARG A CB  1 
ATOM   983  C  CG  A ARG A 1 119 ? 6.268   -6.840  5.670   0.50 27.18 ? 119 ARG A CG  1 
ATOM   984  C  CG  B ARG A 1 119 ? 6.319   -6.688  5.766   0.50 28.94 ? 119 ARG A CG  1 
ATOM   985  C  CD  A ARG A 1 119 ? 7.732   -6.573  5.316   0.50 25.40 ? 119 ARG A CD  1 
ATOM   986  C  CD  B ARG A 1 119 ? 7.744   -6.772  5.262   0.50 29.06 ? 119 ARG A CD  1 
ATOM   987  N  NE  A ARG A 1 119 ? 8.630   -6.930  6.417   0.50 24.15 ? 119 ARG A NE  1 
ATOM   988  N  NE  B ARG A 1 119 ? 8.713   -6.749  6.367   0.50 29.78 ? 119 ARG A NE  1 
ATOM   989  C  CZ  A ARG A 1 119 ? 9.092   -6.065  7.325   0.50 22.44 ? 119 ARG A CZ  1 
ATOM   990  C  CZ  B ARG A 1 119 ? 10.012  -7.014  6.194   0.50 30.26 ? 119 ARG A CZ  1 
ATOM   991  N  NH1 A ARG A 1 119 ? 8.771   -4.776  7.264   0.50 21.77 ? 119 ARG A NH1 1 
ATOM   992  N  NH1 B ARG A 1 119 ? 10.487  -7.334  4.965   0.50 30.37 ? 119 ARG A NH1 1 
ATOM   993  N  NH2 A ARG A 1 119 ? 9.895   -6.477  8.289   0.50 22.41 ? 119 ARG A NH2 1 
ATOM   994  N  NH2 B ARG A 1 119 ? 10.837  -6.963  7.241   0.50 30.39 ? 119 ARG A NH2 1 
ATOM   995  N  N   . PRO A 1 120 ? 2.832   -8.378  4.789   1.00 29.50 ? 120 PRO A N   1 
ATOM   996  C  CA  . PRO A 1 120 ? 2.263   -9.626  5.315   1.00 29.66 ? 120 PRO A CA  1 
ATOM   997  C  C   . PRO A 1 120 ? 3.286   -10.639 5.822   1.00 29.72 ? 120 PRO A C   1 
ATOM   998  O  O   . PRO A 1 120 ? 4.342   -10.802 5.204   1.00 29.69 ? 120 PRO A O   1 
ATOM   999  C  CB  . PRO A 1 120 ? 1.499   -10.210 4.113   1.00 29.29 ? 120 PRO A CB  1 
ATOM   1000 C  CG  . PRO A 1 120 ? 2.144   -9.674  2.943   1.00 29.32 ? 120 PRO A CG  1 
ATOM   1001 C  CD  . PRO A 1 120 ? 2.608   -8.274  3.330   1.00 30.08 ? 120 PRO A CD  1 
ATOM   1002 N  N   . GLU A 1 121 ? 2.952   -11.310 6.930   1.00 30.08 ? 121 GLU A N   1 
ATOM   1003 C  CA  . GLU A 1 121 ? 3.763   -12.448 7.456   1.00 31.01 ? 121 GLU A CA  1 
ATOM   1004 C  C   . GLU A 1 121 ? 3.786   -13.598 6.457   1.00 30.93 ? 121 GLU A C   1 
ATOM   1005 O  O   . GLU A 1 121 ? 3.024   -13.599 5.490   1.00 31.34 ? 121 GLU A O   1 
ATOM   1006 C  CB  . GLU A 1 121 ? 3.272   -12.926 8.832   1.00 30.56 ? 121 GLU A CB  1 
ATOM   1007 C  CG  . GLU A 1 121 ? 3.252   -11.834 9.923   1.00 31.43 ? 121 GLU A CG  1 
ATOM   1008 C  CD  . GLU A 1 121 ? 2.980   -12.401 11.331  1.00 33.18 ? 121 GLU A CD  1 
ATOM   1009 O  OE1 . GLU A 1 121 ? 3.647   -13.410 11.730  1.00 33.63 ? 121 GLU A OE1 1 
ATOM   1010 O  OE2 . GLU A 1 121 ? 2.108   -11.829 12.038  1.00 31.52 ? 121 GLU A OE2 1 
ATOM   1011 N  N   . PHE A 1 122 ? 4.712   -14.530 6.637   1.00 31.61 ? 122 PHE A N   1 
ATOM   1012 C  CA  . PHE A 1 122 ? 4.797   -15.717 5.767   1.00 31.90 ? 122 PHE A CA  1 
ATOM   1013 C  C   . PHE A 1 122 ? 3.499   -16.495 5.516   1.00 32.06 ? 122 PHE A C   1 
ATOM   1014 O  O   . PHE A 1 122 ? 2.769   -16.831 6.459   1.00 32.26 ? 122 PHE A O   1 
ATOM   1015 C  CB  . PHE A 1 122 ? 5.899   -16.665 6.253   1.00 31.85 ? 122 PHE A CB  1 
ATOM   1016 C  CG  . PHE A 1 122 ? 6.113   -17.848 5.354   1.00 32.01 ? 122 PHE A CG  1 
ATOM   1017 C  CD1 . PHE A 1 122 ? 6.569   -17.667 4.047   1.00 31.98 ? 122 PHE A CD1 1 
ATOM   1018 C  CD2 . PHE A 1 122 ? 5.844   -19.139 5.809   1.00 31.50 ? 122 PHE A CD2 1 
ATOM   1019 C  CE1 . PHE A 1 122 ? 6.755   -18.748 3.206   1.00 32.03 ? 122 PHE A CE1 1 
ATOM   1020 C  CE2 . PHE A 1 122 ? 6.027   -20.229 4.975   1.00 31.28 ? 122 PHE A CE2 1 
ATOM   1021 C  CZ  . PHE A 1 122 ? 6.491   -20.034 3.667   1.00 31.69 ? 122 PHE A CZ  1 
ATOM   1022 N  N   . HIS A 1 123 ? 3.250   -16.789 4.235   1.00 32.20 ? 123 HIS A N   1 
ATOM   1023 C  CA  . HIS A 1 123 ? 2.050   -17.516 3.761   1.00 32.03 ? 123 HIS A CA  1 
ATOM   1024 C  C   . HIS A 1 123 ? 0.765   -16.882 4.255   1.00 31.82 ? 123 HIS A C   1 
ATOM   1025 O  O   . HIS A 1 123 ? -0.200  -17.580 4.585   1.00 31.65 ? 123 HIS A O   1 
ATOM   1026 C  CB  . HIS A 1 123 ? 2.073   -19.004 4.158   1.00 31.69 ? 123 HIS A CB  1 
ATOM   1027 C  CG  . HIS A 1 123 ? 2.573   -19.913 3.078   1.00 32.05 ? 123 HIS A CG  1 
ATOM   1028 N  ND1 . HIS A 1 123 ? 3.139   -21.150 3.344   1.00 31.46 ? 123 HIS A ND1 1 
ATOM   1029 C  CD2 . HIS A 1 123 ? 2.602   -19.769 1.730   1.00 31.62 ? 123 HIS A CD2 1 
ATOM   1030 C  CE1 . HIS A 1 123 ? 3.494   -21.722 2.205   1.00 30.39 ? 123 HIS A CE1 1 
ATOM   1031 N  NE2 . HIS A 1 123 ? 3.183   -20.907 1.212   1.00 31.25 ? 123 HIS A NE2 1 
ATOM   1032 N  N   . LYS A 1 124 ? 0.760   -15.559 4.326   1.00 31.85 ? 124 LYS A N   1 
ATOM   1033 C  CA  . LYS A 1 124 ? -0.374  -14.858 4.908   1.00 32.03 ? 124 LYS A CA  1 
ATOM   1034 C  C   . LYS A 1 124 ? -0.671  -13.524 4.250   1.00 32.44 ? 124 LYS A C   1 
ATOM   1035 O  O   . LYS A 1 124 ? 0.139   -12.997 3.458   1.00 31.70 ? 124 LYS A O   1 
ATOM   1036 C  CB  . LYS A 1 124 ? -0.105  -14.497 6.379   1.00 32.07 ? 124 LYS A CB  1 
ATOM   1037 C  CG  . LYS A 1 124 ? -0.346  -15.633 7.383   1.00 32.25 ? 124 LYS A CG  1 
ATOM   1038 C  CD  . LYS A 1 124 ? -0.190  -15.157 8.820   1.00 31.89 ? 124 LYS A CD  1 
ATOM   1039 C  CE  . LYS A 1 124 ? -0.264  -16.325 9.798   1.00 31.01 ? 124 LYS A CE  1 
ATOM   1040 N  NZ  . LYS A 1 124 ? -0.221  -15.839 11.208  1.00 30.69 ? 124 LYS A NZ  1 
ATOM   1041 N  N   . THR A 1 125 ? -1.851  -12.985 4.657   1.00 32.53 ? 125 THR A N   1 
ATOM   1042 C  CA  . THR A 1 125 ? -2.202  -11.651 4.230   1.00 32.75 ? 125 THR A CA  1 
ATOM   1043 C  C   . THR A 1 125 ? -1.767  -10.722 5.362   1.00 32.87 ? 125 THR A C   1 
ATOM   1044 O  O   . THR A 1 125 ? -1.499  -11.158 6.494   1.00 32.13 ? 125 THR A O   1 
ATOM   1045 C  CB  . THR A 1 125 ? -3.721  -11.452 4.045   1.00 32.77 ? 125 THR A CB  1 
ATOM   1046 O  OG1 . THR A 1 125 ? -4.401  -11.945 5.196   1.00 34.36 ? 125 THR A OG1 1 
ATOM   1047 C  CG2 . THR A 1 125 ? -4.232  -12.198 2.840   1.00 32.80 ? 125 THR A CG2 1 
ATOM   1048 N  N   . ALA A 1 126 ? -1.822  -9.405  5.045   1.00 33.33 ? 126 ALA A N   1 
ATOM   1049 C  CA  . ALA A 1 126 ? -1.473  -8.411  6.036   1.00 33.74 ? 126 ALA A CA  1 
ATOM   1050 C  C   . ALA A 1 126 ? -2.855  -8.145  6.582   1.00 34.03 ? 126 ALA A C   1 
ATOM   1051 O  O   . ALA A 1 126 ? -3.825  -8.809  6.185   1.00 33.58 ? 126 ALA A O   1 
ATOM   1052 C  CB  . ALA A 1 126 ? -0.979  -7.127  5.394   1.00 33.93 ? 126 ALA A CB  1 
ATOM   1053 N  N   . TRP A 1 127 ? -2.944  -7.152  7.472   1.00 34.87 ? 127 TRP A N   1 
ATOM   1054 C  CA  . TRP A 1 127 ? -4.262  -6.709  7.942   1.00 35.85 ? 127 TRP A CA  1 
ATOM   1055 C  C   . TRP A 1 127 ? -4.226  -5.318  8.550   1.00 35.44 ? 127 TRP A C   1 
ATOM   1056 O  O   . TRP A 1 127 ? -3.283  -4.978  9.283   1.00 35.53 ? 127 TRP A O   1 
ATOM   1057 C  CB  . TRP A 1 127 ? -4.885  -7.697  8.924   1.00 35.95 ? 127 TRP A CB  1 
ATOM   1058 C  CG  . TRP A 1 127 ? -6.184  -7.202  9.415   1.00 38.33 ? 127 TRP A CG  1 
ATOM   1059 C  CD1 . TRP A 1 127 ? -6.444  -6.672  10.650  1.00 39.41 ? 127 TRP A CD1 1 
ATOM   1060 C  CD2 . TRP A 1 127 ? -7.427  -7.170  8.682   1.00 40.00 ? 127 TRP A CD2 1 
ATOM   1061 N  NE1 . TRP A 1 127 ? -7.777  -6.315  10.736  1.00 40.00 ? 127 TRP A NE1 1 
ATOM   1062 C  CE2 . TRP A 1 127 ? -8.404  -6.612  9.548   1.00 40.00 ? 127 TRP A CE2 1 
ATOM   1063 C  CE3 . TRP A 1 127 ? -7.808  -7.553  7.376   1.00 40.00 ? 127 TRP A CE3 1 
ATOM   1064 C  CZ2 . TRP A 1 127 ? -9.749  -6.426  9.152   1.00 40.00 ? 127 TRP A CZ2 1 
ATOM   1065 C  CZ3 . TRP A 1 127 ? -9.153  -7.379  6.979   1.00 40.00 ? 127 TRP A CZ3 1 
ATOM   1066 C  CH2 . TRP A 1 127 ? -10.107 -6.811  7.869   1.00 40.00 ? 127 TRP A CH2 1 
ATOM   1067 N  N   . VAL A 1 128 ? -5.259  -4.531  8.260   1.00 34.96 ? 128 VAL A N   1 
ATOM   1068 C  CA  . VAL A 1 128 ? -5.332  -3.166  8.775   1.00 34.42 ? 128 VAL A CA  1 
ATOM   1069 C  C   . VAL A 1 128 ? -6.151  -3.018  10.060  1.00 34.24 ? 128 VAL A C   1 
ATOM   1070 O  O   . VAL A 1 128 ? -7.306  -3.464  10.132  1.00 33.61 ? 128 VAL A O   1 
ATOM   1071 C  CB  . VAL A 1 128 ? -5.829  -2.198  7.708   1.00 34.30 ? 128 VAL A CB  1 
ATOM   1072 C  CG1 . VAL A 1 128 ? -6.157  -0.832  8.329   1.00 34.53 ? 128 VAL A CG1 1 
ATOM   1073 C  CG2 . VAL A 1 128 ? -4.774  -2.069  6.597   1.00 34.30 ? 128 VAL A CG2 1 
ATOM   1074 N  N   . GLU A 1 129 ? -5.519  -2.373  11.052  1.00 34.25 ? 129 GLU A N   1 
ATOM   1075 C  CA  . GLU A 1 129 ? -6.139  -2.028  12.345  1.00 34.13 ? 129 GLU A CA  1 
ATOM   1076 C  C   . GLU A 1 129 ? -7.329  -1.061  12.184  1.00 34.05 ? 129 GLU A C   1 
ATOM   1077 O  O   . GLU A 1 129 ? -7.340  -0.177  11.288  1.00 32.92 ? 129 GLU A O   1 
ATOM   1078 C  CB  . GLU A 1 129 ? -5.101  -1.416  13.326  1.00 34.05 ? 129 GLU A CB  1 
ATOM   1079 C  CG  . GLU A 1 129 ? -4.052  -2.394  13.929  1.00 34.76 ? 129 GLU A CG  1 
ATOM   1080 C  CD  . GLU A 1 129 ? -2.592  -2.263  13.353  1.00 35.21 ? 129 GLU A CD  1 
ATOM   1081 O  OE1 . GLU A 1 129 ? -2.386  -1.782  12.195  1.00 31.31 ? 129 GLU A OE1 1 
ATOM   1082 O  OE2 . GLU A 1 129 ? -1.646  -2.680  14.095  1.00 34.89 ? 129 GLU A OE2 1 
ATOM   1083 N  N   . GLU A 1 130 ? -8.281  -1.224  13.140  1.00 33.77 ? 130 GLU A N   1 
ATOM   1084 C  CA  . GLU A 1 130 ? -9.417  -0.310  13.247  1.00 34.11 ? 130 GLU A CA  1 
ATOM   1085 C  C   . GLU A 1 130 ? -8.732  0.910   13.875  1.00 33.92 ? 130 GLU A C   1 
ATOM   1086 O  O   . GLU A 1 130 ? -8.570  0.993   15.111  1.00 33.63 ? 130 GLU A O   1 
ATOM   1087 C  CB  . GLU A 1 130 ? -10.516 -0.915  14.159  1.00 34.19 ? 130 GLU A CB  1 
ATOM   1088 C  CG  . GLU A 1 130 ? -11.894 -0.219  14.086  1.00 34.98 ? 130 GLU A CG  1 
ATOM   1089 C  CD  . GLU A 1 130 ? -13.000 -1.024  14.778  1.00 36.87 ? 130 GLU A CD  1 
ATOM   1090 O  OE1 . GLU A 1 130 ? -12.899 -2.279  14.805  1.00 36.71 ? 130 GLU A OE1 1 
ATOM   1091 O  OE2 . GLU A 1 130 ? -13.975 -0.413  15.297  1.00 36.47 ? 130 GLU A OE2 1 
ATOM   1092 N  N   . SER A 1 131 ? -8.266  1.821   13.015  1.00 33.75 ? 131 SER A N   1 
ATOM   1093 C  CA  . SER A 1 131 ? -7.663  3.070   13.491  1.00 33.72 ? 131 SER A CA  1 
ATOM   1094 C  C   . SER A 1 131 ? -8.553  4.288   13.335  1.00 33.09 ? 131 SER A C   1 
ATOM   1095 O  O   . SER A 1 131 ? -9.381  4.332   12.432  1.00 33.45 ? 131 SER A O   1 
ATOM   1096 C  CB  . SER A 1 131 ? -6.474  3.461   12.635  1.00 33.78 ? 131 SER A CB  1 
ATOM   1097 O  OG  . SER A 1 131 ? -5.966  4.721   13.134  1.00 35.86 ? 131 SER A OG  1 
ATOM   1098 N  N   . ASN A 1 132 ? -8.281  5.307   14.181  1.00 32.68 ? 132 ASN A N   1 
ATOM   1099 C  CA  . ASN A 1 132 ? -9.070  6.547   14.105  1.00 31.85 ? 132 ASN A CA  1 
ATOM   1100 C  C   . ASN A 1 132 ? -8.104  7.690   13.788  1.00 30.70 ? 132 ASN A C   1 
ATOM   1101 O  O   . ASN A 1 132 ? -8.538  8.837   13.554  1.00 31.06 ? 132 ASN A O   1 
ATOM   1102 C  CB  . ASN A 1 132 ? -9.825  6.878   15.374  1.00 32.40 ? 132 ASN A CB  1 
ATOM   1103 C  CG  . ASN A 1 132 ? -8.896  7.154   16.546  1.00 33.82 ? 132 ASN A CG  1 
ATOM   1104 O  OD1 . ASN A 1 132 ? -7.805  7.702   16.371  1.00 34.12 ? 132 ASN A OD1 1 
ATOM   1105 N  ND2 . ASN A 1 132 ? -9.331  6.787   17.754  1.00 34.89 ? 132 ASN A ND2 1 
ATOM   1106 N  N   . TYR A 1 133 ? -6.804  7.366   13.812  1.00 28.51 ? 133 TYR A N   1 
ATOM   1107 C  CA  . TYR A 1 133 ? -5.717  8.306   13.541  1.00 26.50 ? 133 TYR A CA  1 
ATOM   1108 C  C   . TYR A 1 133 ? -5.730  8.830   12.081  1.00 25.95 ? 133 TYR A C   1 
ATOM   1109 O  O   . TYR A 1 133 ? -6.178  8.139   11.166  1.00 25.33 ? 133 TYR A O   1 
ATOM   1110 C  CB  . TYR A 1 133 ? -4.373  7.623   13.899  1.00 26.07 ? 133 TYR A CB  1 
ATOM   1111 C  CG  . TYR A 1 133 ? -3.137  8.421   13.572  1.00 23.16 ? 133 TYR A CG  1 
ATOM   1112 C  CD1 . TYR A 1 133 ? -2.728  9.483   14.387  1.00 21.21 ? 133 TYR A CD1 1 
ATOM   1113 C  CD2 . TYR A 1 133 ? -2.399  8.136   12.433  1.00 20.12 ? 133 TYR A CD2 1 
ATOM   1114 C  CE1 . TYR A 1 133 ? -1.608  10.225  14.063  1.00 19.17 ? 133 TYR A CE1 1 
ATOM   1115 C  CE2 . TYR A 1 133 ? -1.301  8.870   12.106  1.00 18.04 ? 133 TYR A CE2 1 
ATOM   1116 C  CZ  . TYR A 1 133 ? -0.900  9.894   12.921  1.00 18.40 ? 133 TYR A CZ  1 
ATOM   1117 O  OH  . TYR A 1 133 ? 0.206   10.605  12.570  1.00 19.59 ? 133 TYR A OH  1 
ATOM   1118 N  N   . SER A 1 134 ? -5.256  10.058  11.882  1.00 25.38 ? 134 SER A N   1 
ATOM   1119 C  CA  . SER A 1 134 ? -5.039  10.597  10.531  1.00 25.31 ? 134 SER A CA  1 
ATOM   1120 C  C   . SER A 1 134 ? -3.736  11.322  10.506  1.00 24.97 ? 134 SER A C   1 
ATOM   1121 O  O   . SER A 1 134 ? -3.259  11.776  11.540  1.00 24.41 ? 134 SER A O   1 
ATOM   1122 C  CB  . SER A 1 134 ? -6.110  11.606  10.105  1.00 24.78 ? 134 SER A CB  1 
ATOM   1123 O  OG  . SER A 1 134 ? -7.378  11.030  9.986   1.00 25.75 ? 134 SER A OG  1 
ATOM   1124 N  N   . ILE A 1 135 ? -3.176  11.469  9.317   1.00 25.31 ? 135 ILE A N   1 
ATOM   1125 C  CA  . ILE A 1 135 ? -1.962  12.246  9.189   1.00 26.06 ? 135 ILE A CA  1 
ATOM   1126 C  C   . ILE A 1 135 ? -2.249  13.661  8.740   1.00 26.07 ? 135 ILE A C   1 
ATOM   1127 O  O   . ILE A 1 135 ? -3.164  13.894  7.962   1.00 26.28 ? 135 ILE A O   1 
ATOM   1128 C  CB  . ILE A 1 135 ? -0.948  11.614  8.237   1.00 25.83 ? 135 ILE A CB  1 
ATOM   1129 C  CG1 . ILE A 1 135 ? -1.601  11.299  6.900   1.00 26.36 ? 135 ILE A CG1 1 
ATOM   1130 C  CG2 . ILE A 1 135 ? -0.382  10.365  8.863   1.00 27.16 ? 135 ILE A CG2 1 
ATOM   1131 C  CD1 . ILE A 1 135 ? -0.629  11.165  5.805   1.00 26.33 ? 135 ILE A CD1 1 
ATOM   1132 N  N   . ALA A 1 136 ? -1.426  14.587  9.223   1.00 26.51 ? 136 ALA A N   1 
ATOM   1133 C  CA  . ALA A 1 136 ? -1.513  16.001  8.894   1.00 27.06 ? 136 ALA A CA  1 
ATOM   1134 C  C   . ALA A 1 136 ? -1.687  16.291  7.397   1.00 27.17 ? 136 ALA A C   1 
ATOM   1135 O  O   . ALA A 1 136 ? -2.578  17.052  7.018   1.00 27.63 ? 136 ALA A O   1 
ATOM   1136 C  CB  . ALA A 1 136 ? -0.293  16.732  9.458   1.00 27.03 ? 136 ALA A CB  1 
ATOM   1137 N  N   . GLU A 1 137 ? -0.856  15.665  6.566   1.00 27.40 ? 137 GLU A N   1 
ATOM   1138 C  CA  . GLU A 1 137 ? -0.814  15.913  5.125   1.00 28.11 ? 137 GLU A CA  1 
ATOM   1139 C  C   . GLU A 1 137 ? -2.055  15.427  4.385   1.00 28.52 ? 137 GLU A C   1 
ATOM   1140 O  O   . GLU A 1 137 ? -2.788  14.594  4.903   1.00 29.48 ? 137 GLU A O   1 
ATOM   1141 C  CB  . GLU A 1 137 ? 0.420   15.252  4.519   1.00 27.91 ? 137 GLU A CB  1 
ATOM   1142 C  CG  . GLU A 1 137 ? 1.733   15.814  5.024   1.00 28.45 ? 137 GLU A CG  1 
ATOM   1143 C  CD  . GLU A 1 137 ? 2.162   15.209  6.354   1.00 30.66 ? 137 GLU A CD  1 
ATOM   1144 O  OE1 . GLU A 1 137 ? 1.463   14.295  6.882   1.00 31.38 ? 137 GLU A OE1 1 
ATOM   1145 O  OE2 . GLU A 1 137 ? 3.213   15.651  6.883   1.00 31.66 ? 137 GLU A OE2 1 
ATOM   1146 N  N   . ASP A 1 138 ? -2.279  15.959  3.183   1.00 28.54 ? 138 ASP A N   1 
ATOM   1147 C  CA  . ASP A 1 138 ? -3.370  15.545  2.286   1.00 28.76 ? 138 ASP A CA  1 
ATOM   1148 C  C   . ASP A 1 138 ? -2.809  14.629  1.217   1.00 29.20 ? 138 ASP A C   1 
ATOM   1149 O  O   . ASP A 1 138 ? -1.591  14.451  1.132   1.00 29.41 ? 138 ASP A O   1 
ATOM   1150 C  CB  . ASP A 1 138 ? -4.114  16.758  1.659   1.00 28.74 ? 138 ASP A CB  1 
ATOM   1151 C  CG  . ASP A 1 138 ? -3.232  17.647  0.706   1.00 28.57 ? 138 ASP A CG  1 
ATOM   1152 O  OD1 . ASP A 1 138 ? -2.060  17.342  0.362   1.00 28.14 ? 138 ASP A OD1 1 
ATOM   1153 O  OD2 . ASP A 1 138 ? -3.762  18.692  0.266   1.00 30.37 ? 138 ASP A OD2 1 
ATOM   1154 N  N   . ASP A 1 139 ? -3.672  14.057  0.388   1.00 29.62 ? 139 ASP A N   1 
ATOM   1155 C  CA  . ASP A 1 139 ? -3.197  13.087  -0.581  1.00 30.61 ? 139 ASP A CA  1 
ATOM   1156 C  C   . ASP A 1 139 ? -1.981  13.584  -1.395  1.00 30.88 ? 139 ASP A C   1 
ATOM   1157 O  O   . ASP A 1 139 ? -0.979  12.858  -1.510  1.00 30.75 ? 139 ASP A O   1 
ATOM   1158 C  CB  . ASP A 1 139 ? -4.329  12.636  -1.494  1.00 30.84 ? 139 ASP A CB  1 
ATOM   1159 C  CG  . ASP A 1 139 ? -4.795  13.737  -2.423  1.00 32.26 ? 139 ASP A CG  1 
ATOM   1160 O  OD1 . ASP A 1 139 ? -5.741  14.482  -2.038  1.00 32.88 ? 139 ASP A OD1 1 
ATOM   1161 O  OD2 . ASP A 1 139 ? -4.205  13.856  -3.539  1.00 34.24 ? 139 ASP A OD2 1 
ATOM   1162 N  N   . ILE A 1 140 ? -2.072  14.812  -1.936  1.00 31.29 ? 140 ILE A N   1 
ATOM   1163 C  CA  . ILE A 1 140 ? -1.011  15.384  -2.763  1.00 31.60 ? 140 ILE A CA  1 
ATOM   1164 C  C   . ILE A 1 140 ? 0.302   15.461  -1.985  1.00 32.10 ? 140 ILE A C   1 
ATOM   1165 O  O   . ILE A 1 140 ? 1.269   14.792  -2.354  1.00 32.50 ? 140 ILE A O   1 
ATOM   1166 C  CB  . ILE A 1 140 ? -1.375  16.776  -3.354  1.00 31.94 ? 140 ILE A CB  1 
ATOM   1167 C  CG1 . ILE A 1 140 ? -2.677  16.737  -4.175  1.00 32.00 ? 140 ILE A CG1 1 
ATOM   1168 C  CG2 . ILE A 1 140 ? -0.231  17.326  -4.225  1.00 32.20 ? 140 ILE A CG2 1 
ATOM   1169 C  CD1 . ILE A 1 140 ? -2.586  15.920  -5.466  1.00 30.44 ? 140 ILE A CD1 1 
ATOM   1170 N  N   . GLN A 1 141 ? 0.343   16.235  -0.895  1.00 32.19 ? 141 GLN A N   1 
ATOM   1171 C  CA  . GLN A 1 141 ? 1.599   16.414  -0.148  1.00 31.89 ? 141 GLN A CA  1 
ATOM   1172 C  C   . GLN A 1 141 ? 2.168   15.056  0.221   1.00 31.68 ? 141 GLN A C   1 
ATOM   1173 O  O   . GLN A 1 141 ? 3.390   14.863  0.263   1.00 32.16 ? 141 GLN A O   1 
ATOM   1174 C  CB  . GLN A 1 141 ? 1.399   17.211  1.138   1.00 31.61 ? 141 GLN A CB  1 
ATOM   1175 C  CG  . GLN A 1 141 ? 0.773   18.593  0.996   1.00 32.39 ? 141 GLN A CG  1 
ATOM   1176 C  CD  . GLN A 1 141 ? 0.337   19.161  2.348   1.00 32.63 ? 141 GLN A CD  1 
ATOM   1177 O  OE1 . GLN A 1 141 ? 0.924   18.837  3.409   1.00 32.02 ? 141 GLN A OE1 1 
ATOM   1178 N  NE2 . GLN A 1 141 ? -0.688  20.017  2.318   1.00 31.54 ? 141 GLN A NE2 1 
ATOM   1179 N  N   . MET A 1 142 ? 1.275   14.120  0.506   1.00 31.31 ? 142 MET A N   1 
ATOM   1180 C  CA  . MET A 1 142 ? 1.678   12.838  1.067   1.00 31.09 ? 142 MET A CA  1 
ATOM   1181 C  C   . MET A 1 142 ? 2.489   12.089  0.037   1.00 31.27 ? 142 MET A C   1 
ATOM   1182 O  O   . MET A 1 142 ? 3.636   11.682  0.292   1.00 31.32 ? 142 MET A O   1 
ATOM   1183 C  CB  . MET A 1 142 ? 0.459   12.020  1.459   1.00 30.69 ? 142 MET A CB  1 
ATOM   1184 C  CG  . MET A 1 142 ? 0.785   10.758  2.180   1.00 29.93 ? 142 MET A CG  1 
ATOM   1185 S  SD  . MET A 1 142 ? -0.708  9.757   2.281   1.00 30.20 ? 142 MET A SD  1 
ATOM   1186 C  CE  . MET A 1 142 ? -0.914  9.235   0.570   1.00 31.34 ? 142 MET A CE  1 
ATOM   1187 N  N   . VAL A 1 143 ? 1.890   11.945  -1.139  1.00 31.21 ? 143 VAL A N   1 
ATOM   1188 C  CA  . VAL A 1 143 ? 2.551   11.322  -2.255  1.00 31.23 ? 143 VAL A CA  1 
ATOM   1189 C  C   . VAL A 1 143 ? 3.872   12.063  -2.615  1.00 31.40 ? 143 VAL A C   1 
ATOM   1190 O  O   . VAL A 1 143 ? 4.903   11.412  -2.818  1.00 32.04 ? 143 VAL A O   1 
ATOM   1191 C  CB  . VAL A 1 143 ? 1.604   11.248  -3.445  1.00 31.03 ? 143 VAL A CB  1 
ATOM   1192 C  CG1 . VAL A 1 143 ? 2.304   10.629  -4.620  1.00 31.39 ? 143 VAL A CG1 1 
ATOM   1193 C  CG2 . VAL A 1 143 ? 0.342   10.449  -3.089  1.00 31.13 ? 143 VAL A CG2 1 
ATOM   1194 N  N   . GLU A 1 144 ? 3.866   13.393  -2.646  1.00 30.32 ? 144 GLU A N   1 
ATOM   1195 C  CA  . GLU A 1 144 ? 5.085   14.113  -2.989  1.00 30.02 ? 144 GLU A CA  1 
ATOM   1196 C  C   . GLU A 1 144 ? 6.205   13.792  -2.025  1.00 30.27 ? 144 GLU A C   1 
ATOM   1197 O  O   . GLU A 1 144 ? 7.248   13.287  -2.431  1.00 30.48 ? 144 GLU A O   1 
ATOM   1198 C  CB  . GLU A 1 144 ? 4.864   15.628  -3.077  1.00 29.57 ? 144 GLU A CB  1 
ATOM   1199 C  CG  . GLU A 1 144 ? 3.970   16.041  -4.234  1.00 28.33 ? 144 GLU A CG  1 
ATOM   1200 C  CD  . GLU A 1 144 ? 4.380   15.408  -5.578  1.00 27.48 ? 144 GLU A CD  1 
ATOM   1201 O  OE1 . GLU A 1 144 ? 5.447   15.774  -6.132  1.00 25.58 ? 144 GLU A OE1 1 
ATOM   1202 O  OE2 . GLU A 1 144 ? 3.618   14.546  -6.090  1.00 27.66 ? 144 GLU A OE2 1 
ATOM   1203 N  N   . SER A 1 145 ? 5.984   14.080  -0.750  1.00 30.36 ? 145 SER A N   1 
ATOM   1204 C  CA  . SER A 1 145 ? 6.946   13.767  0.309   1.00 30.56 ? 145 SER A CA  1 
ATOM   1205 C  C   . SER A 1 145 ? 7.547   12.357  0.188   1.00 30.70 ? 145 SER A C   1 
ATOM   1206 O  O   . SER A 1 145 ? 8.776   12.188  0.342   1.00 30.70 ? 145 SER A O   1 
ATOM   1207 C  CB  . SER A 1 145 ? 6.263   13.916  1.660   1.00 30.80 ? 145 SER A CB  1 
ATOM   1208 O  OG  . SER A 1 145 ? 5.053   13.157  1.662   1.00 30.73 ? 145 SER A OG  1 
ATOM   1209 N  N   . ILE A 1 146 ? 6.681   11.365  -0.072  1.00 30.30 ? 146 ILE A N   1 
ATOM   1210 C  CA  . ILE A 1 146 ? 7.119   10.002  -0.339  1.00 30.46 ? 146 ILE A CA  1 
ATOM   1211 C  C   . ILE A 1 146 ? 8.072   9.943   -1.541  1.00 30.88 ? 146 ILE A C   1 
ATOM   1212 O  O   . ILE A 1 146 ? 9.163   9.345   -1.469  1.00 30.41 ? 146 ILE A O   1 
ATOM   1213 C  CB  . ILE A 1 146 ? 5.935   9.052   -0.612  1.00 30.36 ? 146 ILE A CB  1 
ATOM   1214 C  CG1 . ILE A 1 146 ? 4.963   9.033   0.574   1.00 29.59 ? 146 ILE A CG1 1 
ATOM   1215 C  CG2 . ILE A 1 146 ? 6.450   7.649   -0.939  1.00 29.38 ? 146 ILE A CG2 1 
ATOM   1216 C  CD1 . ILE A 1 146 ? 3.716   8.183   0.347   1.00 28.78 ? 146 ILE A CD1 1 
ATOM   1217 N  N   . LYS A 1 147 ? 7.627   10.542  -2.644  1.00 31.50 ? 147 LYS A N   1 
ATOM   1218 C  CA  . LYS A 1 147 ? 8.400   10.625  -3.875  1.00 32.14 ? 147 LYS A CA  1 
ATOM   1219 C  C   . LYS A 1 147 ? 9.714   11.312  -3.557  1.00 32.45 ? 147 LYS A C   1 
ATOM   1220 O  O   . LYS A 1 147 ? 10.785  10.729  -3.764  1.00 33.02 ? 147 LYS A O   1 
ATOM   1221 C  CB  . LYS A 1 147 ? 7.614   11.392  -4.967  1.00 32.17 ? 147 LYS A CB  1 
ATOM   1222 C  CG  . LYS A 1 147 ? 8.305   11.443  -6.349  1.00 34.02 ? 147 LYS A CG  1 
ATOM   1223 C  CD  . LYS A 1 147 ? 7.779   12.547  -7.299  1.00 33.71 ? 147 LYS A CD  1 
ATOM   1224 C  CE  . LYS A 1 147 ? 8.597   12.620  -8.598  1.00 32.84 ? 147 LYS A CE  1 
ATOM   1225 N  NZ  . LYS A 1 147 ? 8.370   11.415  -9.497  1.00 32.83 ? 147 LYS A NZ  1 
ATOM   1226 N  N   . ARG A 1 148 ? 9.612   12.527  -3.008  1.00 32.69 ? 148 ARG A N   1 
ATOM   1227 C  CA  . ARG A 1 148 ? 10.750  13.382  -2.667  1.00 32.69 ? 148 ARG A CA  1 
ATOM   1228 C  C   . ARG A 1 148 ? 11.726  12.646  -1.759  1.00 32.82 ? 148 ARG A C   1 
ATOM   1229 O  O   . ARG A 1 148 ? 12.949  12.917  -1.798  1.00 32.81 ? 148 ARG A O   1 
ATOM   1230 C  CB  . ARG A 1 148 ? 10.241  14.648  -1.975  1.00 32.46 ? 148 ARG A CB  1 
ATOM   1231 C  CG  . ARG A 1 148 ? 11.316  15.726  -1.702  1.00 34.51 ? 148 ARG A CG  1 
ATOM   1232 C  CD  . ARG A 1 148 ? 10.702  17.020  -1.133  1.00 34.48 ? 148 ARG A CD  1 
ATOM   1233 N  NE  . ARG A 1 148 ? 11.610  18.163  -1.184  1.00 33.07 ? 148 ARG A NE  1 
ATOM   1234 C  CZ  . ARG A 1 148 ? 11.997  18.874  -0.119  1.00 34.71 ? 148 ARG A CZ  1 
ATOM   1235 N  NH1 . ARG A 1 148 ? 11.560  18.549  1.100   1.00 34.91 ? 148 ARG A NH1 1 
ATOM   1236 N  NH2 . ARG A 1 148 ? 12.825  19.917  -0.262  1.00 33.25 ? 148 ARG A NH2 1 
ATOM   1237 N  N   . TYR A 1 149 ? 11.185  11.716  -0.951  1.00 32.77 ? 149 TYR A N   1 
ATOM   1238 C  CA  . TYR A 1 149 ? 11.981  11.002  0.041   1.00 32.80 ? 149 TYR A CA  1 
ATOM   1239 C  C   . TYR A 1 149 ? 12.818  9.883   -0.519  1.00 32.90 ? 149 TYR A C   1 
ATOM   1240 O  O   . TYR A 1 149 ? 14.008  9.770   -0.212  1.00 33.60 ? 149 TYR A O   1 
ATOM   1241 C  CB  . TYR A 1 149 ? 11.119  10.346  1.129   1.00 32.79 ? 149 TYR A CB  1 
ATOM   1242 C  CG  . TYR A 1 149 ? 11.936  9.381   1.982   1.00 32.88 ? 149 TYR A CG  1 
ATOM   1243 C  CD1 . TYR A 1 149 ? 12.896  9.857   2.904   1.00 32.90 ? 149 TYR A CD1 1 
ATOM   1244 C  CD2 . TYR A 1 149 ? 11.779  8.003   1.850   1.00 32.00 ? 149 TYR A CD2 1 
ATOM   1245 C  CE1 . TYR A 1 149 ? 13.663  8.969   3.673   1.00 32.05 ? 149 TYR A CE1 1 
ATOM   1246 C  CE2 . TYR A 1 149 ? 12.539  7.114   2.600   1.00 31.84 ? 149 TYR A CE2 1 
ATOM   1247 C  CZ  . TYR A 1 149 ? 13.474  7.598   3.508   1.00 32.89 ? 149 TYR A CZ  1 
ATOM   1248 O  OH  . TYR A 1 149 ? 14.213  6.702   4.247   1.00 33.94 ? 149 TYR A OH  1 
ATOM   1249 N  N   . LEU A 1 150 ? 12.175  9.053   -1.327  1.00 33.18 ? 150 LEU A N   1 
ATOM   1250 C  CA  . LEU A 1 150 ? 12.818  7.898   -1.933  1.00 33.53 ? 150 LEU A CA  1 
ATOM   1251 C  C   . LEU A 1 150 ? 13.822  8.390   -2.948  1.00 33.63 ? 150 LEU A C   1 
ATOM   1252 O  O   . LEU A 1 150 ? 14.889  7.810   -3.084  1.00 33.81 ? 150 LEU A O   1 
ATOM   1253 C  CB  . LEU A 1 150 ? 11.776  6.979   -2.575  1.00 33.29 ? 150 LEU A CB  1 
ATOM   1254 C  CG  . LEU A 1 150 ? 10.742  6.364   -1.621  1.00 33.33 ? 150 LEU A CG  1 
ATOM   1255 C  CD1 . LEU A 1 150 ? 9.387   6.144   -2.303  1.00 33.35 ? 150 LEU A CD1 1 
ATOM   1256 C  CD2 . LEU A 1 150 ? 11.257  5.042   -1.073  1.00 34.14 ? 150 LEU A CD2 1 
ATOM   1257 N  N   . GLU A 1 151 ? 13.496  9.485   -3.631  1.00 33.89 ? 151 GLU A N   1 
ATOM   1258 C  CA  . GLU A 1 151 ? 14.447  10.097  -4.563  1.00 34.48 ? 151 GLU A CA  1 
ATOM   1259 C  C   . GLU A 1 151 ? 15.807  10.275  -3.883  1.00 34.71 ? 151 GLU A C   1 
ATOM   1260 O  O   . GLU A 1 151 ? 16.785  9.673   -4.332  1.00 35.25 ? 151 GLU A O   1 
ATOM   1261 C  CB  . GLU A 1 151 ? 13.941  11.430  -5.145  1.00 34.43 ? 151 GLU A CB  1 
ATOM   1262 C  CG  . GLU A 1 151 ? 12.515  11.401  -5.754  1.00 34.91 ? 151 GLU A CG  1 
ATOM   1263 C  CD  . GLU A 1 151 ? 12.363  10.449  -6.929  1.00 35.44 ? 151 GLU A CD  1 
ATOM   1264 O  OE1 . GLU A 1 151 ? 13.189  10.551  -7.880  1.00 34.98 ? 151 GLU A OE1 1 
ATOM   1265 O  OE2 . GLU A 1 151 ? 11.418  9.615   -6.901  1.00 33.81 ? 151 GLU A OE2 1 
ATOM   1266 N  N   . ARG A 1 152 ? 15.868  11.072  -2.802  1.00 34.70 ? 152 ARG A N   1 
ATOM   1267 C  CA  . ARG A 1 152 ? 17.107  11.249  -2.010  1.00 34.28 ? 152 ARG A CA  1 
ATOM   1268 C  C   . ARG A 1 152 ? 17.711  9.940   -1.472  1.00 34.21 ? 152 ARG A C   1 
ATOM   1269 O  O   . ARG A 1 152 ? 18.926  9.718   -1.570  1.00 33.79 ? 152 ARG A O   1 
ATOM   1270 C  CB  . ARG A 1 152 ? 16.859  12.171  -0.819  1.00 34.52 ? 152 ARG A CB  1 
ATOM   1271 C  CG  . ARG A 1 152 ? 16.970  13.669  -1.101  1.00 34.09 ? 152 ARG A CG  1 
ATOM   1272 C  CD  . ARG A 1 152 ? 16.592  14.473  0.146   1.00 34.03 ? 152 ARG A CD  1 
ATOM   1273 N  NE  . ARG A 1 152 ? 15.239  14.154  0.602   1.00 35.11 ? 152 ARG A NE  1 
ATOM   1274 C  CZ  . ARG A 1 152 ? 14.263  15.047  0.783   1.00 35.80 ? 152 ARG A CZ  1 
ATOM   1275 N  NH1 . ARG A 1 152 ? 14.498  16.351  0.583   1.00 35.51 ? 152 ARG A NH1 1 
ATOM   1276 N  NH2 . ARG A 1 152 ? 13.056  14.635  1.186   1.00 34.88 ? 152 ARG A NH2 1 
ATOM   1277 N  N   . LYS A 1 153 ? 16.853  9.084   -0.911  1.00 34.09 ? 153 LYS A N   1 
ATOM   1278 C  CA  . LYS A 1 153 ? 17.251  7.757   -0.432  1.00 34.33 ? 153 LYS A CA  1 
ATOM   1279 C  C   . LYS A 1 153 ? 17.889  6.897   -1.542  1.00 34.47 ? 153 LYS A C   1 
ATOM   1280 O  O   . LYS A 1 153 ? 18.489  5.839   -1.273  1.00 34.84 ? 153 LYS A O   1 
ATOM   1281 C  CB  . LYS A 1 153 ? 16.069  7.095   0.284   1.00 34.75 ? 153 LYS A CB  1 
ATOM   1282 C  CG  . LYS A 1 153 ? 16.401  5.818   1.066   1.00 35.92 ? 153 LYS A CG  1 
ATOM   1283 C  CD  . LYS A 1 153 ? 17.280  6.129   2.330   1.00 34.74 ? 153 LYS A CD  1 
ATOM   1284 C  CE  . LYS A 1 153 ? 17.839  4.827   2.949   1.00 34.68 ? 153 LYS A CE  1 
ATOM   1285 N  NZ  . LYS A 1 153 ? 17.885  4.912   4.452   1.00 33.74 ? 153 LYS A NZ  1 
ATOM   1286 N  N   . ILE A 1 154 ? 17.770  7.358   -2.789  1.00 34.27 ? 154 ILE A N   1 
ATOM   1287 C  CA  . ILE A 1 154 ? 18.136  6.566   -3.967  1.00 34.07 ? 154 ILE A CA  1 
ATOM   1288 C  C   . ILE A 1 154 ? 18.977  7.382   -4.955  1.00 34.06 ? 154 ILE A C   1 
ATOM   1289 O  O   . ILE A 1 154 ? 20.182  7.577   -4.752  1.00 34.40 ? 154 ILE A O   1 
ATOM   1290 C  CB  . ILE A 1 154 ? 16.850  5.945   -4.643  1.00 34.29 ? 154 ILE A CB  1 
ATOM   1291 C  CG1 . ILE A 1 154 ? 16.389  4.711   -3.854  1.00 33.08 ? 154 ILE A CG1 1 
ATOM   1292 C  CG2 . ILE A 1 154 ? 17.072  5.642   -6.136  1.00 34.12 ? 154 ILE A CG2 1 
ATOM   1293 C  CD1 . ILE A 1 154 ? 15.029  4.294   -4.136  1.00 32.42 ? 154 ILE A CD1 1 
HETATM 1294 NI NI  . NI  B 2 .   ? 5.248   14.516  -8.448  0.30 59.41 ? 158 NI  A NI  1 
HETATM 1295 NI NI  . NI  C 2 .   ? -15.619 10.201  -11.462 0.30 59.41 ? 159 NI  A NI  1 
HETATM 1296 C  C1  . GOL D 3 .   ? 3.399   -7.395  -12.099 1.00 54.13 ? 160 GOL A C1  1 
HETATM 1297 O  O1  . GOL D 3 .   ? 3.655   -8.769  -11.918 1.00 53.84 ? 160 GOL A O1  1 
HETATM 1298 C  C2  . GOL D 3 .   ? 2.729   -6.984  -10.816 1.00 56.13 ? 160 GOL A C2  1 
HETATM 1299 O  O2  . GOL D 3 .   ? 2.853   -5.581  -10.684 1.00 59.16 ? 160 GOL A O2  1 
HETATM 1300 C  C3  . GOL D 3 .   ? 3.484   -7.647  -9.661  1.00 54.89 ? 160 GOL A C3  1 
HETATM 1301 O  O3  . GOL D 3 .   ? 3.404   -9.044  -9.702  1.00 52.45 ? 160 GOL A O3  1 
# 
loop_
_pdbx_poly_seq_scheme.asym_id 
_pdbx_poly_seq_scheme.entity_id 
_pdbx_poly_seq_scheme.seq_id 
_pdbx_poly_seq_scheme.mon_id 
_pdbx_poly_seq_scheme.ndb_seq_num 
_pdbx_poly_seq_scheme.pdb_seq_num 
_pdbx_poly_seq_scheme.auth_seq_num 
_pdbx_poly_seq_scheme.pdb_mon_id 
_pdbx_poly_seq_scheme.auth_mon_id 
_pdbx_poly_seq_scheme.pdb_strand_id 
_pdbx_poly_seq_scheme.pdb_ins_code 
_pdbx_poly_seq_scheme.hetero 
A 1 1   GLY 1   1   ?   ?   ?   A . n 
A 1 2   SER 2   2   ?   ?   ?   A . n 
A 1 3   GLU 3   3   ?   ?   ?   A . n 
A 1 4   MET 4   4   ?   ?   ?   A . n 
A 1 5   SER 5   5   5   SER SER A . n 
A 1 6   VAL 6   6   6   VAL VAL A . n 
A 1 7   VAL 7   7   7   VAL VAL A . n 
A 1 8   GLU 8   8   8   GLU GLU A . n 
A 1 9   TYR 9   9   9   TYR TYR A . n 
A 1 10  GLU 10  10  10  GLU GLU A . n 
A 1 11  VAL 11  11  11  VAL VAL A . n 
A 1 12  VAL 12  12  12  VAL VAL A . n 
A 1 13  SER 13  13  13  SER SER A . n 
A 1 14  LYS 14  14  14  LYS LYS A . n 
A 1 15  ASN 15  15  15  ASN ASN A . n 
A 1 16  LEU 16  16  16  LEU LEU A . n 
A 1 17  THR 17  17  17  THR THR A . n 
A 1 18  SER 18  18  18  SER SER A . n 
A 1 19  LYS 19  19  19  LYS LYS A . n 
A 1 20  MET 20  20  20  MET MET A . n 
A 1 21  SER 21  21  21  SER SER A . n 
A 1 22  HIS 22  22  22  HIS HIS A . n 
A 1 23  GLU 23  23  23  GLU GLU A . n 
A 1 24  LEU 24  24  24  LEU LEU A . n 
A 1 25  LEU 25  25  25  LEU LEU A . n 
A 1 26  PHE 26  26  26  PHE PHE A . n 
A 1 27  SER 27  27  27  SER SER A . n 
A 1 28  VAL 28  28  28  VAL VAL A . n 
A 1 29  LYS 29  29  29  LYS LYS A . n 
A 1 30  LYS 30  30  30  LYS LYS A . n 
A 1 31  ARG 31  31  31  ARG ARG A . n 
A 1 32  TRP 32  32  32  TRP TRP A . n 
A 1 33  PHE 33  33  33  PHE PHE A . n 
A 1 34  VAL 34  34  34  VAL VAL A . n 
A 1 35  LYS 35  35  35  LYS LYS A . n 
A 1 36  PRO 36  36  36  PRO PRO A . n 
A 1 37  PHE 37  37  37  PHE PHE A . n 
A 1 38  ARG 38  38  38  ARG ARG A . n 
A 1 39  HIS 39  39  39  HIS HIS A . n 
A 1 40  ASP 40  40  40  ASP ASP A . n 
A 1 41  ARG 41  41  41  ARG ARG A . n 
A 1 42  GLN 42  42  42  GLN GLN A . n 
A 1 43  LEU 43  43  43  LEU LEU A . n 
A 1 44  GLY 44  44  44  GLY GLY A . n 
A 1 45  LYS 45  45  45  LYS LYS A . n 
A 1 46  LEU 46  46  46  LEU LEU A . n 
A 1 47  HIS 47  47  47  HIS HIS A . n 
A 1 48  TYR 48  48  48  TYR TYR A . n 
A 1 49  LYS 49  49  49  LYS LYS A . n 
A 1 50  LEU 50  50  50  LEU LEU A . n 
A 1 51  LEU 51  51  51  LEU LEU A . n 
A 1 52  PRO 52  52  52  PRO PRO A . n 
A 1 53  GLY 53  53  53  GLY GLY A . n 
A 1 54  ASN 54  54  54  ASN ASN A . n 
A 1 55  TYR 55  55  55  TYR TYR A . n 
A 1 56  ILE 56  56  56  ILE ILE A . n 
A 1 57  LYS 57  57  57  LYS LYS A . n 
A 1 58  PHE 58  58  58  PHE PHE A . n 
A 1 59  GLY 59  59  59  GLY GLY A . n 
A 1 60  LEU 60  60  60  LEU LEU A . n 
A 1 61  TYR 61  61  61  TYR TYR A . n 
A 1 62  VAL 62  62  62  VAL VAL A . n 
A 1 63  LEU 63  63  63  LEU LEU A . n 
A 1 64  LYS 64  64  64  LYS LYS A . n 
A 1 65  ASN 65  65  65  ASN ASN A . n 
A 1 66  GLN 66  66  66  GLN GLN A . n 
A 1 67  ASP 67  67  67  ASP ASP A . n 
A 1 68  TYR 68  68  68  TYR TYR A . n 
A 1 69  ALA 69  69  69  ALA ALA A . n 
A 1 70  ARG 70  70  70  ARG ARG A . n 
A 1 71  PHE 71  71  71  PHE PHE A . n 
A 1 72  GLU 72  72  72  GLU GLU A . n 
A 1 73  ILE 73  73  73  ILE ILE A . n 
A 1 74  ALA 74  74  74  ALA ALA A . n 
A 1 75  TRP 75  75  75  TRP TRP A . n 
A 1 76  VAL 76  76  76  VAL VAL A . n 
A 1 77  HIS 77  77  77  HIS HIS A . n 
A 1 78  VAL 78  78  78  VAL VAL A . n 
A 1 79  ASP 79  79  79  ASP ASP A . n 
A 1 80  LYS 80  80  80  LYS LYS A . n 
A 1 81  ASP 81  81  81  ASP ASP A . n 
A 1 82  GLY 82  82  82  GLY GLY A . n 
A 1 83  LYS 83  83  83  LYS LYS A . n 
A 1 84  ILE 84  84  84  ILE ILE A . n 
A 1 85  GLU 85  85  85  GLU GLU A . n 
A 1 86  GLU 86  86  86  GLU GLU A . n 
A 1 87  ARG 87  87  87  ARG ARG A . n 
A 1 88  THR 88  88  88  THR THR A . n 
A 1 89  VAL 89  89  89  VAL VAL A . n 
A 1 90  TYR 90  90  90  TYR TYR A . n 
A 1 91  SER 91  91  91  SER SER A . n 
A 1 92  ILE 92  92  92  ILE ILE A . n 
A 1 93  GLU 93  93  93  GLU GLU A . n 
A 1 94  THR 94  94  94  THR THR A . n 
A 1 95  TYR 95  95  95  TYR TYR A . n 
A 1 96  TRP 96  96  96  TRP TRP A . n 
A 1 97  HIS 97  97  97  HIS HIS A . n 
A 1 98  ILE 98  98  98  ILE ILE A . n 
A 1 99  PHE 99  99  99  PHE PHE A . n 
A 1 100 ILE 100 100 100 ILE ILE A . n 
A 1 101 ASP 101 101 101 ASP ASP A . n 
A 1 102 ILE 102 102 102 ILE ILE A . n 
A 1 103 GLU 103 103 103 GLU GLU A . n 
A 1 104 ASN 104 104 104 ASN ASN A . n 
A 1 105 ASP 105 105 105 ASP ASP A . n 
A 1 106 LEU 106 106 106 LEU LEU A . n 
A 1 107 ASN 107 107 107 ASN ASN A . n 
A 1 108 CYS 108 108 108 CYS CYS A . n 
A 1 109 PRO 109 109 109 PRO PRO A . n 
A 1 110 TYR 110 110 110 TYR TYR A . n 
A 1 111 VAL 111 111 111 VAL VAL A . n 
A 1 112 LEU 112 112 112 LEU LEU A . n 
A 1 113 ALA 113 113 113 ALA ALA A . n 
A 1 114 LYS 114 114 114 LYS LYS A . n 
A 1 115 PHE 115 115 115 PHE PHE A . n 
A 1 116 ILE 116 116 116 ILE ILE A . n 
A 1 117 GLU 117 117 117 GLU GLU A . n 
A 1 118 MET 118 118 118 MET MET A . n 
A 1 119 ARG 119 119 119 ARG ARG A . n 
A 1 120 PRO 120 120 120 PRO PRO A . n 
A 1 121 GLU 121 121 121 GLU GLU A . n 
A 1 122 PHE 122 122 122 PHE PHE A . n 
A 1 123 HIS 123 123 123 HIS HIS A . n 
A 1 124 LYS 124 124 124 LYS LYS A . n 
A 1 125 THR 125 125 125 THR THR A . n 
A 1 126 ALA 126 126 126 ALA ALA A . n 
A 1 127 TRP 127 127 127 TRP TRP A . n 
A 1 128 VAL 128 128 128 VAL VAL A . n 
A 1 129 GLU 129 129 129 GLU GLU A . n 
A 1 130 GLU 130 130 130 GLU GLU A . n 
A 1 131 SER 131 131 131 SER SER A . n 
A 1 132 ASN 132 132 132 ASN ASN A . n 
A 1 133 TYR 133 133 133 TYR TYR A . n 
A 1 134 SER 134 134 134 SER SER A . n 
A 1 135 ILE 135 135 135 ILE ILE A . n 
A 1 136 ALA 136 136 136 ALA ALA A . n 
A 1 137 GLU 137 137 137 GLU GLU A . n 
A 1 138 ASP 138 138 138 ASP ASP A . n 
A 1 139 ASP 139 139 139 ASP ASP A . n 
A 1 140 ILE 140 140 140 ILE ILE A . n 
A 1 141 GLN 141 141 141 GLN GLN A . n 
A 1 142 MET 142 142 142 MET MET A . n 
A 1 143 VAL 143 143 143 VAL VAL A . n 
A 1 144 GLU 144 144 144 GLU GLU A . n 
A 1 145 SER 145 145 145 SER SER A . n 
A 1 146 ILE 146 146 146 ILE ILE A . n 
A 1 147 LYS 147 147 147 LYS LYS A . n 
A 1 148 ARG 148 148 148 ARG ARG A . n 
A 1 149 TYR 149 149 149 TYR TYR A . n 
A 1 150 LEU 150 150 150 LEU LEU A . n 
A 1 151 GLU 151 151 151 GLU GLU A . n 
A 1 152 ARG 152 152 152 ARG ARG A . n 
A 1 153 LYS 153 153 153 LYS LYS A . n 
A 1 154 ILE 154 154 154 ILE ILE A . n 
A 1 155 ALA 155 155 ?   ?   ?   A . n 
A 1 156 SER 156 156 ?   ?   ?   A . n 
A 1 157 ASP 157 157 ?   ?   ?   A . n 
# 
loop_
_pdbx_nonpoly_scheme.asym_id 
_pdbx_nonpoly_scheme.entity_id 
_pdbx_nonpoly_scheme.mon_id 
_pdbx_nonpoly_scheme.ndb_seq_num 
_pdbx_nonpoly_scheme.pdb_seq_num 
_pdbx_nonpoly_scheme.auth_seq_num 
_pdbx_nonpoly_scheme.pdb_mon_id 
_pdbx_nonpoly_scheme.auth_mon_id 
_pdbx_nonpoly_scheme.pdb_strand_id 
_pdbx_nonpoly_scheme.pdb_ins_code 
B 2 NI  1 158 158 NI  NI  A . 
C 2 NI  1 159 159 NI  NI  A . 
D 3 GOL 1 160 160 GOL GOL A . 
# 
_pdbx_struct_assembly.id                   1 
_pdbx_struct_assembly.details              author_and_software_defined_assembly 
_pdbx_struct_assembly.method_details       PISA 
_pdbx_struct_assembly.oligomeric_details   monomeric 
_pdbx_struct_assembly.oligomeric_count     1 
# 
_pdbx_struct_assembly_gen.assembly_id       1 
_pdbx_struct_assembly_gen.oper_expression   1 
_pdbx_struct_assembly_gen.asym_id_list      A,B,C,D 
# 
_pdbx_struct_oper_list.id                   1 
_pdbx_struct_oper_list.type                 'identity operation' 
_pdbx_struct_oper_list.name                 1_555 
_pdbx_struct_oper_list.symmetry_operation   x,y,z 
_pdbx_struct_oper_list.matrix[1][1]         1.0000000000 
_pdbx_struct_oper_list.matrix[1][2]         0.0000000000 
_pdbx_struct_oper_list.matrix[1][3]         0.0000000000 
_pdbx_struct_oper_list.vector[1]            0.0000000000 
_pdbx_struct_oper_list.matrix[2][1]         0.0000000000 
_pdbx_struct_oper_list.matrix[2][2]         1.0000000000 
_pdbx_struct_oper_list.matrix[2][3]         0.0000000000 
_pdbx_struct_oper_list.vector[2]            0.0000000000 
_pdbx_struct_oper_list.matrix[3][1]         0.0000000000 
_pdbx_struct_oper_list.matrix[3][2]         0.0000000000 
_pdbx_struct_oper_list.matrix[3][3]         1.0000000000 
_pdbx_struct_oper_list.vector[3]            0.0000000000 
# 
loop_
_pdbx_struct_special_symmetry.id 
_pdbx_struct_special_symmetry.PDB_model_num 
_pdbx_struct_special_symmetry.auth_asym_id 
_pdbx_struct_special_symmetry.auth_comp_id 
_pdbx_struct_special_symmetry.auth_seq_id 
_pdbx_struct_special_symmetry.PDB_ins_code 
_pdbx_struct_special_symmetry.label_asym_id 
_pdbx_struct_special_symmetry.label_comp_id 
_pdbx_struct_special_symmetry.label_seq_id 
1 1 A NI 158 ? B NI . 
2 1 A NI 159 ? C NI . 
# 
_pdbx_struct_conn_angle.id                    1 
_pdbx_struct_conn_angle.ptnr1_label_atom_id   NE2 
_pdbx_struct_conn_angle.ptnr1_label_alt_id    ? 
_pdbx_struct_conn_angle.ptnr1_label_asym_id   A 
_pdbx_struct_conn_angle.ptnr1_label_comp_id   HIS 
_pdbx_struct_conn_angle.ptnr1_label_seq_id    77 
_pdbx_struct_conn_angle.ptnr1_auth_atom_id    ? 
_pdbx_struct_conn_angle.ptnr1_auth_asym_id    A 
_pdbx_struct_conn_angle.ptnr1_auth_comp_id    HIS 
_pdbx_struct_conn_angle.ptnr1_auth_seq_id     77 
_pdbx_struct_conn_angle.ptnr1_PDB_ins_code    ? 
_pdbx_struct_conn_angle.ptnr1_symmetry        1_555 
_pdbx_struct_conn_angle.ptnr2_label_atom_id   NI 
_pdbx_struct_conn_angle.ptnr2_label_alt_id    ? 
_pdbx_struct_conn_angle.ptnr2_label_asym_id   C 
_pdbx_struct_conn_angle.ptnr2_label_comp_id   NI 
_pdbx_struct_conn_angle.ptnr2_label_seq_id    . 
_pdbx_struct_conn_angle.ptnr2_auth_atom_id    ? 
_pdbx_struct_conn_angle.ptnr2_auth_asym_id    A 
_pdbx_struct_conn_angle.ptnr2_auth_comp_id    NI 
_pdbx_struct_conn_angle.ptnr2_auth_seq_id     159 
_pdbx_struct_conn_angle.ptnr2_PDB_ins_code    ? 
_pdbx_struct_conn_angle.ptnr2_symmetry        1_555 
_pdbx_struct_conn_angle.ptnr3_label_atom_id   OD1 
_pdbx_struct_conn_angle.ptnr3_label_alt_id    ? 
_pdbx_struct_conn_angle.ptnr3_label_asym_id   A 
_pdbx_struct_conn_angle.ptnr3_label_comp_id   ASP 
_pdbx_struct_conn_angle.ptnr3_label_seq_id    79 
_pdbx_struct_conn_angle.ptnr3_auth_atom_id    ? 
_pdbx_struct_conn_angle.ptnr3_auth_asym_id    A 
_pdbx_struct_conn_angle.ptnr3_auth_comp_id    ASP 
_pdbx_struct_conn_angle.ptnr3_auth_seq_id     79 
_pdbx_struct_conn_angle.ptnr3_PDB_ins_code    ? 
_pdbx_struct_conn_angle.ptnr3_symmetry        1_555 
_pdbx_struct_conn_angle.value                 66.7 
_pdbx_struct_conn_angle.value_esd             ? 
# 
loop_
_pdbx_audit_revision_history.ordinal 
_pdbx_audit_revision_history.data_content_type 
_pdbx_audit_revision_history.major_revision 
_pdbx_audit_revision_history.minor_revision 
_pdbx_audit_revision_history.revision_date 
1 'Structure model' 1 0 2010-03-23 
2 'Structure model' 1 1 2011-07-13 
3 'Structure model' 1 2 2014-02-05 
4 'Structure model' 1 3 2023-11-01 
# 
_pdbx_audit_revision_details.ordinal             1 
_pdbx_audit_revision_details.revision_ordinal    1 
_pdbx_audit_revision_details.data_content_type   'Structure model' 
_pdbx_audit_revision_details.provider            repository 
_pdbx_audit_revision_details.type                'Initial release' 
_pdbx_audit_revision_details.description         ? 
_pdbx_audit_revision_details.details             ? 
# 
loop_
_pdbx_audit_revision_group.ordinal 
_pdbx_audit_revision_group.revision_ordinal 
_pdbx_audit_revision_group.data_content_type 
_pdbx_audit_revision_group.group 
1 2 'Structure model' Advisory                    
2 2 'Structure model' 'Version format compliance' 
3 3 'Structure model' 'Database references'       
4 4 'Structure model' 'Data collection'           
5 4 'Structure model' 'Database references'       
6 4 'Structure model' 'Derived calculations'      
7 4 'Structure model' 'Refinement description'    
# 
loop_
_pdbx_audit_revision_category.ordinal 
_pdbx_audit_revision_category.revision_ordinal 
_pdbx_audit_revision_category.data_content_type 
_pdbx_audit_revision_category.category 
1 4 'Structure model' chem_comp_atom                
2 4 'Structure model' chem_comp_bond                
3 4 'Structure model' database_2                    
4 4 'Structure model' pdbx_initial_refinement_model 
5 4 'Structure model' struct_ref_seq_dif            
6 4 'Structure model' struct_site                   
# 
loop_
_pdbx_audit_revision_item.ordinal 
_pdbx_audit_revision_item.revision_ordinal 
_pdbx_audit_revision_item.data_content_type 
_pdbx_audit_revision_item.item 
1 4 'Structure model' '_database_2.pdbx_DOI'                
2 4 'Structure model' '_database_2.pdbx_database_accession' 
3 4 'Structure model' '_struct_ref_seq_dif.details'         
4 4 'Structure model' '_struct_site.pdbx_auth_asym_id'      
5 4 'Structure model' '_struct_site.pdbx_auth_comp_id'      
6 4 'Structure model' '_struct_site.pdbx_auth_seq_id'       
# 
_pdbx_refine_tls.pdbx_refine_id   'X-RAY DIFFRACTION' 
_pdbx_refine_tls.id               1 
_pdbx_refine_tls.details          ? 
_pdbx_refine_tls.method           refined 
_pdbx_refine_tls.origin_x         0.1616 
_pdbx_refine_tls.origin_y         -0.0174 
_pdbx_refine_tls.origin_z         0.0628 
_pdbx_refine_tls.T[1][1]          0.1381 
_pdbx_refine_tls.T[2][2]          0.2211 
_pdbx_refine_tls.T[3][3]          0.5043 
_pdbx_refine_tls.T[1][2]          0.0585 
_pdbx_refine_tls.T[1][3]          -0.0001 
_pdbx_refine_tls.T[2][3]          0.2559 
_pdbx_refine_tls.L[1][1]          5.1771 
_pdbx_refine_tls.L[2][2]          6.0430 
_pdbx_refine_tls.L[3][3]          7.0300 
_pdbx_refine_tls.L[1][2]          -1.3807 
_pdbx_refine_tls.L[1][3]          0.3051 
_pdbx_refine_tls.L[2][3]          2.5754 
_pdbx_refine_tls.S[1][1]          -0.5728 
_pdbx_refine_tls.S[1][2]          0.0983 
_pdbx_refine_tls.S[1][3]          -0.1677 
_pdbx_refine_tls.S[2][1]          0.6881 
_pdbx_refine_tls.S[2][2]          0.7297 
_pdbx_refine_tls.S[2][3]          0.4094 
_pdbx_refine_tls.S[3][1]          -0.0662 
_pdbx_refine_tls.S[3][2]          -0.1571 
_pdbx_refine_tls.S[3][3]          -0.1568 
# 
_pdbx_refine_tls_group.pdbx_refine_id      'X-RAY DIFFRACTION' 
_pdbx_refine_tls_group.id                  1 
_pdbx_refine_tls_group.refine_tls_id       1 
_pdbx_refine_tls_group.beg_auth_asym_id    A 
_pdbx_refine_tls_group.beg_auth_seq_id     5 
_pdbx_refine_tls_group.beg_label_asym_id   ? 
_pdbx_refine_tls_group.beg_label_seq_id    ? 
_pdbx_refine_tls_group.end_auth_asym_id    A 
_pdbx_refine_tls_group.end_auth_seq_id     154 
_pdbx_refine_tls_group.end_label_asym_id   ? 
_pdbx_refine_tls_group.end_label_seq_id    ? 
_pdbx_refine_tls_group.selection           ? 
_pdbx_refine_tls_group.selection_details   ? 
# 
loop_
_software.name 
_software.classification 
_software.version 
_software.citation_id 
_software.pdbx_ordinal 
REFMAC refinement       5.5.0088 ? 1 
MOSFLM 'data reduction' .        ? 2 
SCALA  'data scaling'   .        ? 3 
# 
_pdbx_validate_torsion.id              1 
_pdbx_validate_torsion.PDB_model_num   1 
_pdbx_validate_torsion.auth_comp_id    ARG 
_pdbx_validate_torsion.auth_asym_id    A 
_pdbx_validate_torsion.auth_seq_id     119 
_pdbx_validate_torsion.PDB_ins_code    ? 
_pdbx_validate_torsion.label_alt_id    ? 
_pdbx_validate_torsion.phi             -39.07 
_pdbx_validate_torsion.psi             145.19 
# 
loop_
_pdbx_unobs_or_zero_occ_residues.id 
_pdbx_unobs_or_zero_occ_residues.PDB_model_num 
_pdbx_unobs_or_zero_occ_residues.polymer_flag 
_pdbx_unobs_or_zero_occ_residues.occupancy_flag 
_pdbx_unobs_or_zero_occ_residues.auth_asym_id 
_pdbx_unobs_or_zero_occ_residues.auth_comp_id 
_pdbx_unobs_or_zero_occ_residues.auth_seq_id 
_pdbx_unobs_or_zero_occ_residues.PDB_ins_code 
_pdbx_unobs_or_zero_occ_residues.label_asym_id 
_pdbx_unobs_or_zero_occ_residues.label_comp_id 
_pdbx_unobs_or_zero_occ_residues.label_seq_id 
1 1 Y 1 A GLY 1   ? A GLY 1   
2 1 Y 1 A SER 2   ? A SER 2   
3 1 Y 1 A GLU 3   ? A GLU 3   
4 1 Y 1 A MET 4   ? A MET 4   
5 1 Y 1 A ALA 155 ? A ALA 155 
6 1 Y 1 A SER 156 ? A SER 156 
7 1 Y 1 A ASP 157 ? A ASP 157 
# 
loop_
_chem_comp_atom.comp_id 
_chem_comp_atom.atom_id 
_chem_comp_atom.type_symbol 
_chem_comp_atom.pdbx_aromatic_flag 
_chem_comp_atom.pdbx_stereo_config 
_chem_comp_atom.pdbx_ordinal 
ALA N    N  N N 1   
ALA CA   C  N S 2   
ALA C    C  N N 3   
ALA O    O  N N 4   
ALA CB   C  N N 5   
ALA OXT  O  N N 6   
ALA H    H  N N 7   
ALA H2   H  N N 8   
ALA HA   H  N N 9   
ALA HB1  H  N N 10  
ALA HB2  H  N N 11  
ALA HB3  H  N N 12  
ALA HXT  H  N N 13  
ARG N    N  N N 14  
ARG CA   C  N S 15  
ARG C    C  N N 16  
ARG O    O  N N 17  
ARG CB   C  N N 18  
ARG CG   C  N N 19  
ARG CD   C  N N 20  
ARG NE   N  N N 21  
ARG CZ   C  N N 22  
ARG NH1  N  N N 23  
ARG NH2  N  N N 24  
ARG OXT  O  N N 25  
ARG H    H  N N 26  
ARG H2   H  N N 27  
ARG HA   H  N N 28  
ARG HB2  H  N N 29  
ARG HB3  H  N N 30  
ARG HG2  H  N N 31  
ARG HG3  H  N N 32  
ARG HD2  H  N N 33  
ARG HD3  H  N N 34  
ARG HE   H  N N 35  
ARG HH11 H  N N 36  
ARG HH12 H  N N 37  
ARG HH21 H  N N 38  
ARG HH22 H  N N 39  
ARG HXT  H  N N 40  
ASN N    N  N N 41  
ASN CA   C  N S 42  
ASN C    C  N N 43  
ASN O    O  N N 44  
ASN CB   C  N N 45  
ASN CG   C  N N 46  
ASN OD1  O  N N 47  
ASN ND2  N  N N 48  
ASN OXT  O  N N 49  
ASN H    H  N N 50  
ASN H2   H  N N 51  
ASN HA   H  N N 52  
ASN HB2  H  N N 53  
ASN HB3  H  N N 54  
ASN HD21 H  N N 55  
ASN HD22 H  N N 56  
ASN HXT  H  N N 57  
ASP N    N  N N 58  
ASP CA   C  N S 59  
ASP C    C  N N 60  
ASP O    O  N N 61  
ASP CB   C  N N 62  
ASP CG   C  N N 63  
ASP OD1  O  N N 64  
ASP OD2  O  N N 65  
ASP OXT  O  N N 66  
ASP H    H  N N 67  
ASP H2   H  N N 68  
ASP HA   H  N N 69  
ASP HB2  H  N N 70  
ASP HB3  H  N N 71  
ASP HD2  H  N N 72  
ASP HXT  H  N N 73  
CYS N    N  N N 74  
CYS CA   C  N R 75  
CYS C    C  N N 76  
CYS O    O  N N 77  
CYS CB   C  N N 78  
CYS SG   S  N N 79  
CYS OXT  O  N N 80  
CYS H    H  N N 81  
CYS H2   H  N N 82  
CYS HA   H  N N 83  
CYS HB2  H  N N 84  
CYS HB3  H  N N 85  
CYS HG   H  N N 86  
CYS HXT  H  N N 87  
GLN N    N  N N 88  
GLN CA   C  N S 89  
GLN C    C  N N 90  
GLN O    O  N N 91  
GLN CB   C  N N 92  
GLN CG   C  N N 93  
GLN CD   C  N N 94  
GLN OE1  O  N N 95  
GLN NE2  N  N N 96  
GLN OXT  O  N N 97  
GLN H    H  N N 98  
GLN H2   H  N N 99  
GLN HA   H  N N 100 
GLN HB2  H  N N 101 
GLN HB3  H  N N 102 
GLN HG2  H  N N 103 
GLN HG3  H  N N 104 
GLN HE21 H  N N 105 
GLN HE22 H  N N 106 
GLN HXT  H  N N 107 
GLU N    N  N N 108 
GLU CA   C  N S 109 
GLU C    C  N N 110 
GLU O    O  N N 111 
GLU CB   C  N N 112 
GLU CG   C  N N 113 
GLU CD   C  N N 114 
GLU OE1  O  N N 115 
GLU OE2  O  N N 116 
GLU OXT  O  N N 117 
GLU H    H  N N 118 
GLU H2   H  N N 119 
GLU HA   H  N N 120 
GLU HB2  H  N N 121 
GLU HB3  H  N N 122 
GLU HG2  H  N N 123 
GLU HG3  H  N N 124 
GLU HE2  H  N N 125 
GLU HXT  H  N N 126 
GLY N    N  N N 127 
GLY CA   C  N N 128 
GLY C    C  N N 129 
GLY O    O  N N 130 
GLY OXT  O  N N 131 
GLY H    H  N N 132 
GLY H2   H  N N 133 
GLY HA2  H  N N 134 
GLY HA3  H  N N 135 
GLY HXT  H  N N 136 
GOL C1   C  N N 137 
GOL O1   O  N N 138 
GOL C2   C  N N 139 
GOL O2   O  N N 140 
GOL C3   C  N N 141 
GOL O3   O  N N 142 
GOL H11  H  N N 143 
GOL H12  H  N N 144 
GOL HO1  H  N N 145 
GOL H2   H  N N 146 
GOL HO2  H  N N 147 
GOL H31  H  N N 148 
GOL H32  H  N N 149 
GOL HO3  H  N N 150 
HIS N    N  N N 151 
HIS CA   C  N S 152 
HIS C    C  N N 153 
HIS O    O  N N 154 
HIS CB   C  N N 155 
HIS CG   C  Y N 156 
HIS ND1  N  Y N 157 
HIS CD2  C  Y N 158 
HIS CE1  C  Y N 159 
HIS NE2  N  Y N 160 
HIS OXT  O  N N 161 
HIS H    H  N N 162 
HIS H2   H  N N 163 
HIS HA   H  N N 164 
HIS HB2  H  N N 165 
HIS HB3  H  N N 166 
HIS HD1  H  N N 167 
HIS HD2  H  N N 168 
HIS HE1  H  N N 169 
HIS HE2  H  N N 170 
HIS HXT  H  N N 171 
ILE N    N  N N 172 
ILE CA   C  N S 173 
ILE C    C  N N 174 
ILE O    O  N N 175 
ILE CB   C  N S 176 
ILE CG1  C  N N 177 
ILE CG2  C  N N 178 
ILE CD1  C  N N 179 
ILE OXT  O  N N 180 
ILE H    H  N N 181 
ILE H2   H  N N 182 
ILE HA   H  N N 183 
ILE HB   H  N N 184 
ILE HG12 H  N N 185 
ILE HG13 H  N N 186 
ILE HG21 H  N N 187 
ILE HG22 H  N N 188 
ILE HG23 H  N N 189 
ILE HD11 H  N N 190 
ILE HD12 H  N N 191 
ILE HD13 H  N N 192 
ILE HXT  H  N N 193 
LEU N    N  N N 194 
LEU CA   C  N S 195 
LEU C    C  N N 196 
LEU O    O  N N 197 
LEU CB   C  N N 198 
LEU CG   C  N N 199 
LEU CD1  C  N N 200 
LEU CD2  C  N N 201 
LEU OXT  O  N N 202 
LEU H    H  N N 203 
LEU H2   H  N N 204 
LEU HA   H  N N 205 
LEU HB2  H  N N 206 
LEU HB3  H  N N 207 
LEU HG   H  N N 208 
LEU HD11 H  N N 209 
LEU HD12 H  N N 210 
LEU HD13 H  N N 211 
LEU HD21 H  N N 212 
LEU HD22 H  N N 213 
LEU HD23 H  N N 214 
LEU HXT  H  N N 215 
LYS N    N  N N 216 
LYS CA   C  N S 217 
LYS C    C  N N 218 
LYS O    O  N N 219 
LYS CB   C  N N 220 
LYS CG   C  N N 221 
LYS CD   C  N N 222 
LYS CE   C  N N 223 
LYS NZ   N  N N 224 
LYS OXT  O  N N 225 
LYS H    H  N N 226 
LYS H2   H  N N 227 
LYS HA   H  N N 228 
LYS HB2  H  N N 229 
LYS HB3  H  N N 230 
LYS HG2  H  N N 231 
LYS HG3  H  N N 232 
LYS HD2  H  N N 233 
LYS HD3  H  N N 234 
LYS HE2  H  N N 235 
LYS HE3  H  N N 236 
LYS HZ1  H  N N 237 
LYS HZ2  H  N N 238 
LYS HZ3  H  N N 239 
LYS HXT  H  N N 240 
MET N    N  N N 241 
MET CA   C  N S 242 
MET C    C  N N 243 
MET O    O  N N 244 
MET CB   C  N N 245 
MET CG   C  N N 246 
MET SD   S  N N 247 
MET CE   C  N N 248 
MET OXT  O  N N 249 
MET H    H  N N 250 
MET H2   H  N N 251 
MET HA   H  N N 252 
MET HB2  H  N N 253 
MET HB3  H  N N 254 
MET HG2  H  N N 255 
MET HG3  H  N N 256 
MET HE1  H  N N 257 
MET HE2  H  N N 258 
MET HE3  H  N N 259 
MET HXT  H  N N 260 
NI  NI   NI N N 261 
PHE N    N  N N 262 
PHE CA   C  N S 263 
PHE C    C  N N 264 
PHE O    O  N N 265 
PHE CB   C  N N 266 
PHE CG   C  Y N 267 
PHE CD1  C  Y N 268 
PHE CD2  C  Y N 269 
PHE CE1  C  Y N 270 
PHE CE2  C  Y N 271 
PHE CZ   C  Y N 272 
PHE OXT  O  N N 273 
PHE H    H  N N 274 
PHE H2   H  N N 275 
PHE HA   H  N N 276 
PHE HB2  H  N N 277 
PHE HB3  H  N N 278 
PHE HD1  H  N N 279 
PHE HD2  H  N N 280 
PHE HE1  H  N N 281 
PHE HE2  H  N N 282 
PHE HZ   H  N N 283 
PHE HXT  H  N N 284 
PRO N    N  N N 285 
PRO CA   C  N S 286 
PRO C    C  N N 287 
PRO O    O  N N 288 
PRO CB   C  N N 289 
PRO CG   C  N N 290 
PRO CD   C  N N 291 
PRO OXT  O  N N 292 
PRO H    H  N N 293 
PRO HA   H  N N 294 
PRO HB2  H  N N 295 
PRO HB3  H  N N 296 
PRO HG2  H  N N 297 
PRO HG3  H  N N 298 
PRO HD2  H  N N 299 
PRO HD3  H  N N 300 
PRO HXT  H  N N 301 
SER N    N  N N 302 
SER CA   C  N S 303 
SER C    C  N N 304 
SER O    O  N N 305 
SER CB   C  N N 306 
SER OG   O  N N 307 
SER OXT  O  N N 308 
SER H    H  N N 309 
SER H2   H  N N 310 
SER HA   H  N N 311 
SER HB2  H  N N 312 
SER HB3  H  N N 313 
SER HG   H  N N 314 
SER HXT  H  N N 315 
THR N    N  N N 316 
THR CA   C  N S 317 
THR C    C  N N 318 
THR O    O  N N 319 
THR CB   C  N R 320 
THR OG1  O  N N 321 
THR CG2  C  N N 322 
THR OXT  O  N N 323 
THR H    H  N N 324 
THR H2   H  N N 325 
THR HA   H  N N 326 
THR HB   H  N N 327 
THR HG1  H  N N 328 
THR HG21 H  N N 329 
THR HG22 H  N N 330 
THR HG23 H  N N 331 
THR HXT  H  N N 332 
TRP N    N  N N 333 
TRP CA   C  N S 334 
TRP C    C  N N 335 
TRP O    O  N N 336 
TRP CB   C  N N 337 
TRP CG   C  Y N 338 
TRP CD1  C  Y N 339 
TRP CD2  C  Y N 340 
TRP NE1  N  Y N 341 
TRP CE2  C  Y N 342 
TRP CE3  C  Y N 343 
TRP CZ2  C  Y N 344 
TRP CZ3  C  Y N 345 
TRP CH2  C  Y N 346 
TRP OXT  O  N N 347 
TRP H    H  N N 348 
TRP H2   H  N N 349 
TRP HA   H  N N 350 
TRP HB2  H  N N 351 
TRP HB3  H  N N 352 
TRP HD1  H  N N 353 
TRP HE1  H  N N 354 
TRP HE3  H  N N 355 
TRP HZ2  H  N N 356 
TRP HZ3  H  N N 357 
TRP HH2  H  N N 358 
TRP HXT  H  N N 359 
TYR N    N  N N 360 
TYR CA   C  N S 361 
TYR C    C  N N 362 
TYR O    O  N N 363 
TYR CB   C  N N 364 
TYR CG   C  Y N 365 
TYR CD1  C  Y N 366 
TYR CD2  C  Y N 367 
TYR CE1  C  Y N 368 
TYR CE2  C  Y N 369 
TYR CZ   C  Y N 370 
TYR OH   O  N N 371 
TYR OXT  O  N N 372 
TYR H    H  N N 373 
TYR H2   H  N N 374 
TYR HA   H  N N 375 
TYR HB2  H  N N 376 
TYR HB3  H  N N 377 
TYR HD1  H  N N 378 
TYR HD2  H  N N 379 
TYR HE1  H  N N 380 
TYR HE2  H  N N 381 
TYR HH   H  N N 382 
TYR HXT  H  N N 383 
VAL N    N  N N 384 
VAL CA   C  N S 385 
VAL C    C  N N 386 
VAL O    O  N N 387 
VAL CB   C  N N 388 
VAL CG1  C  N N 389 
VAL CG2  C  N N 390 
VAL OXT  O  N N 391 
VAL H    H  N N 392 
VAL H2   H  N N 393 
VAL HA   H  N N 394 
VAL HB   H  N N 395 
VAL HG11 H  N N 396 
VAL HG12 H  N N 397 
VAL HG13 H  N N 398 
VAL HG21 H  N N 399 
VAL HG22 H  N N 400 
VAL HG23 H  N N 401 
VAL HXT  H  N N 402 
# 
loop_
_chem_comp_bond.comp_id 
_chem_comp_bond.atom_id_1 
_chem_comp_bond.atom_id_2 
_chem_comp_bond.value_order 
_chem_comp_bond.pdbx_aromatic_flag 
_chem_comp_bond.pdbx_stereo_config 
_chem_comp_bond.pdbx_ordinal 
ALA N   CA   sing N N 1   
ALA N   H    sing N N 2   
ALA N   H2   sing N N 3   
ALA CA  C    sing N N 4   
ALA CA  CB   sing N N 5   
ALA CA  HA   sing N N 6   
ALA C   O    doub N N 7   
ALA C   OXT  sing N N 8   
ALA CB  HB1  sing N N 9   
ALA CB  HB2  sing N N 10  
ALA CB  HB3  sing N N 11  
ALA OXT HXT  sing N N 12  
ARG N   CA   sing N N 13  
ARG N   H    sing N N 14  
ARG N   H2   sing N N 15  
ARG CA  C    sing N N 16  
ARG CA  CB   sing N N 17  
ARG CA  HA   sing N N 18  
ARG C   O    doub N N 19  
ARG C   OXT  sing N N 20  
ARG CB  CG   sing N N 21  
ARG CB  HB2  sing N N 22  
ARG CB  HB3  sing N N 23  
ARG CG  CD   sing N N 24  
ARG CG  HG2  sing N N 25  
ARG CG  HG3  sing N N 26  
ARG CD  NE   sing N N 27  
ARG CD  HD2  sing N N 28  
ARG CD  HD3  sing N N 29  
ARG NE  CZ   sing N N 30  
ARG NE  HE   sing N N 31  
ARG CZ  NH1  sing N N 32  
ARG CZ  NH2  doub N N 33  
ARG NH1 HH11 sing N N 34  
ARG NH1 HH12 sing N N 35  
ARG NH2 HH21 sing N N 36  
ARG NH2 HH22 sing N N 37  
ARG OXT HXT  sing N N 38  
ASN N   CA   sing N N 39  
ASN N   H    sing N N 40  
ASN N   H2   sing N N 41  
ASN CA  C    sing N N 42  
ASN CA  CB   sing N N 43  
ASN CA  HA   sing N N 44  
ASN C   O    doub N N 45  
ASN C   OXT  sing N N 46  
ASN CB  CG   sing N N 47  
ASN CB  HB2  sing N N 48  
ASN CB  HB3  sing N N 49  
ASN CG  OD1  doub N N 50  
ASN CG  ND2  sing N N 51  
ASN ND2 HD21 sing N N 52  
ASN ND2 HD22 sing N N 53  
ASN OXT HXT  sing N N 54  
ASP N   CA   sing N N 55  
ASP N   H    sing N N 56  
ASP N   H2   sing N N 57  
ASP CA  C    sing N N 58  
ASP CA  CB   sing N N 59  
ASP CA  HA   sing N N 60  
ASP C   O    doub N N 61  
ASP C   OXT  sing N N 62  
ASP CB  CG   sing N N 63  
ASP CB  HB2  sing N N 64  
ASP CB  HB3  sing N N 65  
ASP CG  OD1  doub N N 66  
ASP CG  OD2  sing N N 67  
ASP OD2 HD2  sing N N 68  
ASP OXT HXT  sing N N 69  
CYS N   CA   sing N N 70  
CYS N   H    sing N N 71  
CYS N   H2   sing N N 72  
CYS CA  C    sing N N 73  
CYS CA  CB   sing N N 74  
CYS CA  HA   sing N N 75  
CYS C   O    doub N N 76  
CYS C   OXT  sing N N 77  
CYS CB  SG   sing N N 78  
CYS CB  HB2  sing N N 79  
CYS CB  HB3  sing N N 80  
CYS SG  HG   sing N N 81  
CYS OXT HXT  sing N N 82  
GLN N   CA   sing N N 83  
GLN N   H    sing N N 84  
GLN N   H2   sing N N 85  
GLN CA  C    sing N N 86  
GLN CA  CB   sing N N 87  
GLN CA  HA   sing N N 88  
GLN C   O    doub N N 89  
GLN C   OXT  sing N N 90  
GLN CB  CG   sing N N 91  
GLN CB  HB2  sing N N 92  
GLN CB  HB3  sing N N 93  
GLN CG  CD   sing N N 94  
GLN CG  HG2  sing N N 95  
GLN CG  HG3  sing N N 96  
GLN CD  OE1  doub N N 97  
GLN CD  NE2  sing N N 98  
GLN NE2 HE21 sing N N 99  
GLN NE2 HE22 sing N N 100 
GLN OXT HXT  sing N N 101 
GLU N   CA   sing N N 102 
GLU N   H    sing N N 103 
GLU N   H2   sing N N 104 
GLU CA  C    sing N N 105 
GLU CA  CB   sing N N 106 
GLU CA  HA   sing N N 107 
GLU C   O    doub N N 108 
GLU C   OXT  sing N N 109 
GLU CB  CG   sing N N 110 
GLU CB  HB2  sing N N 111 
GLU CB  HB3  sing N N 112 
GLU CG  CD   sing N N 113 
GLU CG  HG2  sing N N 114 
GLU CG  HG3  sing N N 115 
GLU CD  OE1  doub N N 116 
GLU CD  OE2  sing N N 117 
GLU OE2 HE2  sing N N 118 
GLU OXT HXT  sing N N 119 
GLY N   CA   sing N N 120 
GLY N   H    sing N N 121 
GLY N   H2   sing N N 122 
GLY CA  C    sing N N 123 
GLY CA  HA2  sing N N 124 
GLY CA  HA3  sing N N 125 
GLY C   O    doub N N 126 
GLY C   OXT  sing N N 127 
GLY OXT HXT  sing N N 128 
GOL C1  O1   sing N N 129 
GOL C1  C2   sing N N 130 
GOL C1  H11  sing N N 131 
GOL C1  H12  sing N N 132 
GOL O1  HO1  sing N N 133 
GOL C2  O2   sing N N 134 
GOL C2  C3   sing N N 135 
GOL C2  H2   sing N N 136 
GOL O2  HO2  sing N N 137 
GOL C3  O3   sing N N 138 
GOL C3  H31  sing N N 139 
GOL C3  H32  sing N N 140 
GOL O3  HO3  sing N N 141 
HIS N   CA   sing N N 142 
HIS N   H    sing N N 143 
HIS N   H2   sing N N 144 
HIS CA  C    sing N N 145 
HIS CA  CB   sing N N 146 
HIS CA  HA   sing N N 147 
HIS C   O    doub N N 148 
HIS C   OXT  sing N N 149 
HIS CB  CG   sing N N 150 
HIS CB  HB2  sing N N 151 
HIS CB  HB3  sing N N 152 
HIS CG  ND1  sing Y N 153 
HIS CG  CD2  doub Y N 154 
HIS ND1 CE1  doub Y N 155 
HIS ND1 HD1  sing N N 156 
HIS CD2 NE2  sing Y N 157 
HIS CD2 HD2  sing N N 158 
HIS CE1 NE2  sing Y N 159 
HIS CE1 HE1  sing N N 160 
HIS NE2 HE2  sing N N 161 
HIS OXT HXT  sing N N 162 
ILE N   CA   sing N N 163 
ILE N   H    sing N N 164 
ILE N   H2   sing N N 165 
ILE CA  C    sing N N 166 
ILE CA  CB   sing N N 167 
ILE CA  HA   sing N N 168 
ILE C   O    doub N N 169 
ILE C   OXT  sing N N 170 
ILE CB  CG1  sing N N 171 
ILE CB  CG2  sing N N 172 
ILE CB  HB   sing N N 173 
ILE CG1 CD1  sing N N 174 
ILE CG1 HG12 sing N N 175 
ILE CG1 HG13 sing N N 176 
ILE CG2 HG21 sing N N 177 
ILE CG2 HG22 sing N N 178 
ILE CG2 HG23 sing N N 179 
ILE CD1 HD11 sing N N 180 
ILE CD1 HD12 sing N N 181 
ILE CD1 HD13 sing N N 182 
ILE OXT HXT  sing N N 183 
LEU N   CA   sing N N 184 
LEU N   H    sing N N 185 
LEU N   H2   sing N N 186 
LEU CA  C    sing N N 187 
LEU CA  CB   sing N N 188 
LEU CA  HA   sing N N 189 
LEU C   O    doub N N 190 
LEU C   OXT  sing N N 191 
LEU CB  CG   sing N N 192 
LEU CB  HB2  sing N N 193 
LEU CB  HB3  sing N N 194 
LEU CG  CD1  sing N N 195 
LEU CG  CD2  sing N N 196 
LEU CG  HG   sing N N 197 
LEU CD1 HD11 sing N N 198 
LEU CD1 HD12 sing N N 199 
LEU CD1 HD13 sing N N 200 
LEU CD2 HD21 sing N N 201 
LEU CD2 HD22 sing N N 202 
LEU CD2 HD23 sing N N 203 
LEU OXT HXT  sing N N 204 
LYS N   CA   sing N N 205 
LYS N   H    sing N N 206 
LYS N   H2   sing N N 207 
LYS CA  C    sing N N 208 
LYS CA  CB   sing N N 209 
LYS CA  HA   sing N N 210 
LYS C   O    doub N N 211 
LYS C   OXT  sing N N 212 
LYS CB  CG   sing N N 213 
LYS CB  HB2  sing N N 214 
LYS CB  HB3  sing N N 215 
LYS CG  CD   sing N N 216 
LYS CG  HG2  sing N N 217 
LYS CG  HG3  sing N N 218 
LYS CD  CE   sing N N 219 
LYS CD  HD2  sing N N 220 
LYS CD  HD3  sing N N 221 
LYS CE  NZ   sing N N 222 
LYS CE  HE2  sing N N 223 
LYS CE  HE3  sing N N 224 
LYS NZ  HZ1  sing N N 225 
LYS NZ  HZ2  sing N N 226 
LYS NZ  HZ3  sing N N 227 
LYS OXT HXT  sing N N 228 
MET N   CA   sing N N 229 
MET N   H    sing N N 230 
MET N   H2   sing N N 231 
MET CA  C    sing N N 232 
MET CA  CB   sing N N 233 
MET CA  HA   sing N N 234 
MET C   O    doub N N 235 
MET C   OXT  sing N N 236 
MET CB  CG   sing N N 237 
MET CB  HB2  sing N N 238 
MET CB  HB3  sing N N 239 
MET CG  SD   sing N N 240 
MET CG  HG2  sing N N 241 
MET CG  HG3  sing N N 242 
MET SD  CE   sing N N 243 
MET CE  HE1  sing N N 244 
MET CE  HE2  sing N N 245 
MET CE  HE3  sing N N 246 
MET OXT HXT  sing N N 247 
PHE N   CA   sing N N 248 
PHE N   H    sing N N 249 
PHE N   H2   sing N N 250 
PHE CA  C    sing N N 251 
PHE CA  CB   sing N N 252 
PHE CA  HA   sing N N 253 
PHE C   O    doub N N 254 
PHE C   OXT  sing N N 255 
PHE CB  CG   sing N N 256 
PHE CB  HB2  sing N N 257 
PHE CB  HB3  sing N N 258 
PHE CG  CD1  doub Y N 259 
PHE CG  CD2  sing Y N 260 
PHE CD1 CE1  sing Y N 261 
PHE CD1 HD1  sing N N 262 
PHE CD2 CE2  doub Y N 263 
PHE CD2 HD2  sing N N 264 
PHE CE1 CZ   doub Y N 265 
PHE CE1 HE1  sing N N 266 
PHE CE2 CZ   sing Y N 267 
PHE CE2 HE2  sing N N 268 
PHE CZ  HZ   sing N N 269 
PHE OXT HXT  sing N N 270 
PRO N   CA   sing N N 271 
PRO N   CD   sing N N 272 
PRO N   H    sing N N 273 
PRO CA  C    sing N N 274 
PRO CA  CB   sing N N 275 
PRO CA  HA   sing N N 276 
PRO C   O    doub N N 277 
PRO C   OXT  sing N N 278 
PRO CB  CG   sing N N 279 
PRO CB  HB2  sing N N 280 
PRO CB  HB3  sing N N 281 
PRO CG  CD   sing N N 282 
PRO CG  HG2  sing N N 283 
PRO CG  HG3  sing N N 284 
PRO CD  HD2  sing N N 285 
PRO CD  HD3  sing N N 286 
PRO OXT HXT  sing N N 287 
SER N   CA   sing N N 288 
SER N   H    sing N N 289 
SER N   H2   sing N N 290 
SER CA  C    sing N N 291 
SER CA  CB   sing N N 292 
SER CA  HA   sing N N 293 
SER C   O    doub N N 294 
SER C   OXT  sing N N 295 
SER CB  OG   sing N N 296 
SER CB  HB2  sing N N 297 
SER CB  HB3  sing N N 298 
SER OG  HG   sing N N 299 
SER OXT HXT  sing N N 300 
THR N   CA   sing N N 301 
THR N   H    sing N N 302 
THR N   H2   sing N N 303 
THR CA  C    sing N N 304 
THR CA  CB   sing N N 305 
THR CA  HA   sing N N 306 
THR C   O    doub N N 307 
THR C   OXT  sing N N 308 
THR CB  OG1  sing N N 309 
THR CB  CG2  sing N N 310 
THR CB  HB   sing N N 311 
THR OG1 HG1  sing N N 312 
THR CG2 HG21 sing N N 313 
THR CG2 HG22 sing N N 314 
THR CG2 HG23 sing N N 315 
THR OXT HXT  sing N N 316 
TRP N   CA   sing N N 317 
TRP N   H    sing N N 318 
TRP N   H2   sing N N 319 
TRP CA  C    sing N N 320 
TRP CA  CB   sing N N 321 
TRP CA  HA   sing N N 322 
TRP C   O    doub N N 323 
TRP C   OXT  sing N N 324 
TRP CB  CG   sing N N 325 
TRP CB  HB2  sing N N 326 
TRP CB  HB3  sing N N 327 
TRP CG  CD1  doub Y N 328 
TRP CG  CD2  sing Y N 329 
TRP CD1 NE1  sing Y N 330 
TRP CD1 HD1  sing N N 331 
TRP CD2 CE2  doub Y N 332 
TRP CD2 CE3  sing Y N 333 
TRP NE1 CE2  sing Y N 334 
TRP NE1 HE1  sing N N 335 
TRP CE2 CZ2  sing Y N 336 
TRP CE3 CZ3  doub Y N 337 
TRP CE3 HE3  sing N N 338 
TRP CZ2 CH2  doub Y N 339 
TRP CZ2 HZ2  sing N N 340 
TRP CZ3 CH2  sing Y N 341 
TRP CZ3 HZ3  sing N N 342 
TRP CH2 HH2  sing N N 343 
TRP OXT HXT  sing N N 344 
TYR N   CA   sing N N 345 
TYR N   H    sing N N 346 
TYR N   H2   sing N N 347 
TYR CA  C    sing N N 348 
TYR CA  CB   sing N N 349 
TYR CA  HA   sing N N 350 
TYR C   O    doub N N 351 
TYR C   OXT  sing N N 352 
TYR CB  CG   sing N N 353 
TYR CB  HB2  sing N N 354 
TYR CB  HB3  sing N N 355 
TYR CG  CD1  doub Y N 356 
TYR CG  CD2  sing Y N 357 
TYR CD1 CE1  sing Y N 358 
TYR CD1 HD1  sing N N 359 
TYR CD2 CE2  doub Y N 360 
TYR CD2 HD2  sing N N 361 
TYR CE1 CZ   doub Y N 362 
TYR CE1 HE1  sing N N 363 
TYR CE2 CZ   sing Y N 364 
TYR CE2 HE2  sing N N 365 
TYR CZ  OH   sing N N 366 
TYR OH  HH   sing N N 367 
TYR OXT HXT  sing N N 368 
VAL N   CA   sing N N 369 
VAL N   H    sing N N 370 
VAL N   H2   sing N N 371 
VAL CA  C    sing N N 372 
VAL CA  CB   sing N N 373 
VAL CA  HA   sing N N 374 
VAL C   O    doub N N 375 
VAL C   OXT  sing N N 376 
VAL CB  CG1  sing N N 377 
VAL CB  CG2  sing N N 378 
VAL CB  HB   sing N N 379 
VAL CG1 HG11 sing N N 380 
VAL CG1 HG12 sing N N 381 
VAL CG1 HG13 sing N N 382 
VAL CG2 HG21 sing N N 383 
VAL CG2 HG22 sing N N 384 
VAL CG2 HG23 sing N N 385 
VAL OXT HXT  sing N N 386 
# 
loop_
_pdbx_entity_nonpoly.entity_id 
_pdbx_entity_nonpoly.name 
_pdbx_entity_nonpoly.comp_id 
2 'NICKEL (II) ION' NI  
3 GLYCEROL          GOL 
# 
_pdbx_initial_refinement_model.id               1 
_pdbx_initial_refinement_model.entity_id_list   ? 
_pdbx_initial_refinement_model.type             'experimental model' 
_pdbx_initial_refinement_model.source_name      PDB 
_pdbx_initial_refinement_model.accession_code   3II2 
_pdbx_initial_refinement_model.details          'PDB entry 3II2' 
# 
loop_
_pdbx_reflns_twin.domain_id 
_pdbx_reflns_twin.crystal_id 
_pdbx_reflns_twin.diffrn_id 
_pdbx_reflns_twin.type 
_pdbx_reflns_twin.operator 
_pdbx_reflns_twin.fraction 
1 1 1 ? 'H, K, L' 0.891 
2 1 1 ? h+k,-k,-l 0.109 
# 
